data_6FF1
# 
_entry.id   6FF1 
# 
_audit_conform.dict_name       mmcif_pdbx.dic 
_audit_conform.dict_version    5.391 
_audit_conform.dict_location   http://mmcif.pdb.org/dictionaries/ascii/mmcif_pdbx.dic 
# 
loop_
_database_2.database_id 
_database_2.database_code 
_database_2.pdbx_database_accession 
_database_2.pdbx_DOI 
PDB   6FF1         pdb_00006ff1 10.2210/pdb6ff1/pdb 
WWPDB D_1200008197 ?            ?                   
# 
loop_
_pdbx_audit_revision_history.ordinal 
_pdbx_audit_revision_history.data_content_type 
_pdbx_audit_revision_history.major_revision 
_pdbx_audit_revision_history.minor_revision 
_pdbx_audit_revision_history.revision_date 
1 'Structure model' 1 0 2019-01-30 
2 'Structure model' 1 1 2024-05-08 
# 
_pdbx_audit_revision_details.ordinal             1 
_pdbx_audit_revision_details.revision_ordinal    1 
_pdbx_audit_revision_details.data_content_type   'Structure model' 
_pdbx_audit_revision_details.provider            repository 
_pdbx_audit_revision_details.type                'Initial release' 
_pdbx_audit_revision_details.description         ? 
_pdbx_audit_revision_details.details             ? 
# 
loop_
_pdbx_audit_revision_group.ordinal 
_pdbx_audit_revision_group.revision_ordinal 
_pdbx_audit_revision_group.data_content_type 
_pdbx_audit_revision_group.group 
1 2 'Structure model' 'Data collection'      
2 2 'Structure model' 'Database references'  
3 2 'Structure model' 'Derived calculations' 
# 
loop_
_pdbx_audit_revision_category.ordinal 
_pdbx_audit_revision_category.revision_ordinal 
_pdbx_audit_revision_category.data_content_type 
_pdbx_audit_revision_category.category 
1 2 'Structure model' chem_comp_atom         
2 2 'Structure model' chem_comp_bond         
3 2 'Structure model' database_2             
4 2 'Structure model' pdbx_struct_conn_angle 
5 2 'Structure model' struct_conn            
# 
loop_
_pdbx_audit_revision_item.ordinal 
_pdbx_audit_revision_item.revision_ordinal 
_pdbx_audit_revision_item.data_content_type 
_pdbx_audit_revision_item.item 
1  2 'Structure model' '_database_2.pdbx_DOI'                        
2  2 'Structure model' '_database_2.pdbx_database_accession'         
3  2 'Structure model' '_pdbx_struct_conn_angle.ptnr1_auth_comp_id'  
4  2 'Structure model' '_pdbx_struct_conn_angle.ptnr1_auth_seq_id'   
5  2 'Structure model' '_pdbx_struct_conn_angle.ptnr1_label_asym_id' 
6  2 'Structure model' '_pdbx_struct_conn_angle.ptnr1_label_comp_id' 
7  2 'Structure model' '_pdbx_struct_conn_angle.ptnr1_label_seq_id'  
8  2 'Structure model' '_pdbx_struct_conn_angle.ptnr1_symmetry'      
9  2 'Structure model' '_pdbx_struct_conn_angle.ptnr3_auth_comp_id'  
10 2 'Structure model' '_pdbx_struct_conn_angle.ptnr3_auth_seq_id'   
11 2 'Structure model' '_pdbx_struct_conn_angle.ptnr3_label_asym_id' 
12 2 'Structure model' '_pdbx_struct_conn_angle.ptnr3_label_comp_id' 
13 2 'Structure model' '_pdbx_struct_conn_angle.ptnr3_label_seq_id'  
14 2 'Structure model' '_pdbx_struct_conn_angle.ptnr3_symmetry'      
15 2 'Structure model' '_pdbx_struct_conn_angle.value'               
16 2 'Structure model' '_struct_conn.pdbx_dist_value'                
17 2 'Structure model' '_struct_conn.ptnr1_auth_comp_id'             
18 2 'Structure model' '_struct_conn.ptnr1_auth_seq_id'              
19 2 'Structure model' '_struct_conn.ptnr1_label_asym_id'            
20 2 'Structure model' '_struct_conn.ptnr1_label_atom_id'            
21 2 'Structure model' '_struct_conn.ptnr1_label_comp_id'            
22 2 'Structure model' '_struct_conn.ptnr1_label_seq_id'             
23 2 'Structure model' '_struct_conn.ptnr2_auth_comp_id'             
24 2 'Structure model' '_struct_conn.ptnr2_auth_seq_id'              
25 2 'Structure model' '_struct_conn.ptnr2_label_asym_id'            
26 2 'Structure model' '_struct_conn.ptnr2_label_atom_id'            
27 2 'Structure model' '_struct_conn.ptnr2_label_comp_id'            
28 2 'Structure model' '_struct_conn.ptnr2_symmetry'                 
# 
_pdbx_database_status.status_code                     REL 
_pdbx_database_status.status_code_sf                  REL 
_pdbx_database_status.status_code_mr                  ? 
_pdbx_database_status.entry_id                        6FF1 
_pdbx_database_status.recvd_initial_deposition_date   2018-01-03 
_pdbx_database_status.SG_entry                        N 
_pdbx_database_status.deposit_site                    PDBE 
_pdbx_database_status.process_site                    PDBE 
_pdbx_database_status.status_code_cs                  ? 
_pdbx_database_status.methods_development_category    ? 
_pdbx_database_status.pdb_format_compatible           Y 
_pdbx_database_status.status_code_nmr_data            ? 
# 
loop_
_audit_author.name 
_audit_author.pdbx_ordinal 
_audit_author.identifier_ORCID 
'Pelicioli-Riboldi, G.' 1 ? 
'Basle, A.'             2 ? 
'Waldron, K.'           3 ? 
# 
_citation.abstract                  ? 
_citation.abstract_id_CAS           ? 
_citation.book_id_ISBN              ? 
_citation.book_publisher            ? 
_citation.book_publisher_city       ? 
_citation.book_title                ? 
_citation.coordinate_linkage        ? 
_citation.country                   ? 
_citation.database_id_Medline       ? 
_citation.details                   ? 
_citation.id                        primary 
_citation.journal_abbrev            'To Be Published' 
_citation.journal_id_ASTM           ? 
_citation.journal_id_CSD            0353 
_citation.journal_id_ISSN           ? 
_citation.journal_full              ? 
_citation.journal_issue             ? 
_citation.journal_volume            ? 
_citation.language                  ? 
_citation.page_first                ? 
_citation.page_last                 ? 
_citation.title                     
;The copper homeostasis system of Staphylococcus aureus:
Two putative metallochaperones with contrasting copper binding properties.
;
_citation.year                      ? 
_citation.database_id_CSD           ? 
_citation.pdbx_database_id_DOI      ? 
_citation.pdbx_database_id_PubMed   ? 
_citation.unpublished_flag          ? 
# 
loop_
_citation_author.citation_id 
_citation_author.name 
_citation_author.ordinal 
_citation_author.identifier_ORCID 
primary 'Pelicioli-Riboldi, G.' 1 ? 
primary 'Tarrant, E.'           2 ? 
primary 'Basle, A.'             3 ? 
primary 'Davies, O.'            4 ? 
primary 'Waldron, K.'           5 ? 
# 
loop_
_entity.id 
_entity.type 
_entity.src_method 
_entity.pdbx_description 
_entity.formula_weight 
_entity.pdbx_number_of_molecules 
_entity.pdbx_ec 
_entity.pdbx_mutation 
_entity.pdbx_fragment 
_entity.details 
1 polymer     man CsoZ          7848.718 1   ? ? ? ? 
2 non-polymer syn 'CALCIUM ION' 40.078   1   ? ? ? ? 
3 water       nat water         18.015   120 ? ? ? ? 
# 
_entity_poly.entity_id                      1 
_entity_poly.type                           'polypeptide(L)' 
_entity_poly.nstd_linkage                   no 
_entity_poly.nstd_monomer                   no 
_entity_poly.pdbx_seq_one_letter_code       MIHQNTIYTAGIETEEQVSQLTERISNMIGVHQVNINIIDGQVTVSYETPANLNSIEKEIYDEGYKIVF 
_entity_poly.pdbx_seq_one_letter_code_can   MIHQNTIYTAGIETEEQVSQLTERISNMIGVHQVNINIIDGQVTVSYETPANLNSIEKEIYDEGYKIVF 
_entity_poly.pdbx_strand_id                 A 
_entity_poly.pdbx_target_identifier         ? 
# 
loop_
_pdbx_entity_nonpoly.entity_id 
_pdbx_entity_nonpoly.name 
_pdbx_entity_nonpoly.comp_id 
2 'CALCIUM ION' CA  
3 water         HOH 
# 
loop_
_entity_poly_seq.entity_id 
_entity_poly_seq.num 
_entity_poly_seq.mon_id 
_entity_poly_seq.hetero 
1 1  MET n 
1 2  ILE n 
1 3  HIS n 
1 4  GLN n 
1 5  ASN n 
1 6  THR n 
1 7  ILE n 
1 8  TYR n 
1 9  THR n 
1 10 ALA n 
1 11 GLY n 
1 12 ILE n 
1 13 GLU n 
1 14 THR n 
1 15 GLU n 
1 16 GLU n 
1 17 GLN n 
1 18 VAL n 
1 19 SER n 
1 20 GLN n 
1 21 LEU n 
1 22 THR n 
1 23 GLU n 
1 24 ARG n 
1 25 ILE n 
1 26 SER n 
1 27 ASN n 
1 28 MET n 
1 29 ILE n 
1 30 GLY n 
1 31 VAL n 
1 32 HIS n 
1 33 GLN n 
1 34 VAL n 
1 35 ASN n 
1 36 ILE n 
1 37 ASN n 
1 38 ILE n 
1 39 ILE n 
1 40 ASP n 
1 41 GLY n 
1 42 GLN n 
1 43 VAL n 
1 44 THR n 
1 45 VAL n 
1 46 SER n 
1 47 TYR n 
1 48 GLU n 
1 49 THR n 
1 50 PRO n 
1 51 ALA n 
1 52 ASN n 
1 53 LEU n 
1 54 ASN n 
1 55 SER n 
1 56 ILE n 
1 57 GLU n 
1 58 LYS n 
1 59 GLU n 
1 60 ILE n 
1 61 TYR n 
1 62 ASP n 
1 63 GLU n 
1 64 GLY n 
1 65 TYR n 
1 66 LYS n 
1 67 ILE n 
1 68 VAL n 
1 69 PHE n 
# 
_entity_src_gen.entity_id                          1 
_entity_src_gen.pdbx_src_id                        1 
_entity_src_gen.pdbx_alt_source_flag               sample 
_entity_src_gen.pdbx_seq_type                      'Biological sequence' 
_entity_src_gen.pdbx_beg_seq_num                   1 
_entity_src_gen.pdbx_end_seq_num                   69 
_entity_src_gen.gene_src_common_name               ? 
_entity_src_gen.gene_src_genus                     ? 
_entity_src_gen.pdbx_gene_src_gene                 SAOUHSC_02321 
_entity_src_gen.gene_src_species                   ? 
_entity_src_gen.gene_src_strain                    SH1000 
_entity_src_gen.gene_src_tissue                    ? 
_entity_src_gen.gene_src_tissue_fraction           ? 
_entity_src_gen.gene_src_details                   ? 
_entity_src_gen.pdbx_gene_src_fragment             ? 
_entity_src_gen.pdbx_gene_src_scientific_name      'Staphylococcus aureus (strain NCTC 8325)' 
_entity_src_gen.pdbx_gene_src_ncbi_taxonomy_id     93061 
_entity_src_gen.pdbx_gene_src_variant              ? 
_entity_src_gen.pdbx_gene_src_cell_line            ? 
_entity_src_gen.pdbx_gene_src_atcc                 ? 
_entity_src_gen.pdbx_gene_src_organ                ? 
_entity_src_gen.pdbx_gene_src_organelle            ? 
_entity_src_gen.pdbx_gene_src_cell                 ? 
_entity_src_gen.pdbx_gene_src_cellular_location    ? 
_entity_src_gen.host_org_common_name               ? 
_entity_src_gen.pdbx_host_org_scientific_name      'Escherichia coli' 
_entity_src_gen.pdbx_host_org_ncbi_taxonomy_id     562 
_entity_src_gen.host_org_genus                     ? 
_entity_src_gen.pdbx_host_org_gene                 ? 
_entity_src_gen.pdbx_host_org_organ                ? 
_entity_src_gen.host_org_species                   ? 
_entity_src_gen.pdbx_host_org_tissue               ? 
_entity_src_gen.pdbx_host_org_tissue_fraction      ? 
_entity_src_gen.pdbx_host_org_strain               ? 
_entity_src_gen.pdbx_host_org_variant              ? 
_entity_src_gen.pdbx_host_org_cell_line            ? 
_entity_src_gen.pdbx_host_org_atcc                 ? 
_entity_src_gen.pdbx_host_org_culture_collection   ? 
_entity_src_gen.pdbx_host_org_cell                 ? 
_entity_src_gen.pdbx_host_org_organelle            ? 
_entity_src_gen.pdbx_host_org_cellular_location    ? 
_entity_src_gen.pdbx_host_org_vector_type          ? 
_entity_src_gen.pdbx_host_org_vector               ? 
_entity_src_gen.host_org_details                   ? 
_entity_src_gen.expression_system_id               ? 
_entity_src_gen.plasmid_name                       ? 
_entity_src_gen.plasmid_details                    ? 
_entity_src_gen.pdbx_description                   ? 
# 
loop_
_chem_comp.id 
_chem_comp.type 
_chem_comp.mon_nstd_flag 
_chem_comp.name 
_chem_comp.pdbx_synonyms 
_chem_comp.formula 
_chem_comp.formula_weight 
ALA 'L-peptide linking' y ALANINE         ? 'C3 H7 N O2'     89.093  
ARG 'L-peptide linking' y ARGININE        ? 'C6 H15 N4 O2 1' 175.209 
ASN 'L-peptide linking' y ASPARAGINE      ? 'C4 H8 N2 O3'    132.118 
ASP 'L-peptide linking' y 'ASPARTIC ACID' ? 'C4 H7 N O4'     133.103 
CA  non-polymer         . 'CALCIUM ION'   ? 'Ca 2'           40.078  
GLN 'L-peptide linking' y GLUTAMINE       ? 'C5 H10 N2 O3'   146.144 
GLU 'L-peptide linking' y 'GLUTAMIC ACID' ? 'C5 H9 N O4'     147.129 
GLY 'peptide linking'   y GLYCINE         ? 'C2 H5 N O2'     75.067  
HIS 'L-peptide linking' y HISTIDINE       ? 'C6 H10 N3 O2 1' 156.162 
HOH non-polymer         . WATER           ? 'H2 O'           18.015  
ILE 'L-peptide linking' y ISOLEUCINE      ? 'C6 H13 N O2'    131.173 
LEU 'L-peptide linking' y LEUCINE         ? 'C6 H13 N O2'    131.173 
LYS 'L-peptide linking' y LYSINE          ? 'C6 H15 N2 O2 1' 147.195 
MET 'L-peptide linking' y METHIONINE      ? 'C5 H11 N O2 S'  149.211 
PHE 'L-peptide linking' y PHENYLALANINE   ? 'C9 H11 N O2'    165.189 
PRO 'L-peptide linking' y PROLINE         ? 'C5 H9 N O2'     115.130 
SER 'L-peptide linking' y SERINE          ? 'C3 H7 N O3'     105.093 
THR 'L-peptide linking' y THREONINE       ? 'C4 H9 N O3'     119.119 
TYR 'L-peptide linking' y TYROSINE        ? 'C9 H11 N O3'    181.189 
VAL 'L-peptide linking' y VALINE          ? 'C5 H11 N O2'    117.146 
# 
loop_
_pdbx_poly_seq_scheme.asym_id 
_pdbx_poly_seq_scheme.entity_id 
_pdbx_poly_seq_scheme.seq_id 
_pdbx_poly_seq_scheme.mon_id 
_pdbx_poly_seq_scheme.ndb_seq_num 
_pdbx_poly_seq_scheme.pdb_seq_num 
_pdbx_poly_seq_scheme.auth_seq_num 
_pdbx_poly_seq_scheme.pdb_mon_id 
_pdbx_poly_seq_scheme.auth_mon_id 
_pdbx_poly_seq_scheme.pdb_strand_id 
_pdbx_poly_seq_scheme.pdb_ins_code 
_pdbx_poly_seq_scheme.hetero 
A 1 1  MET 1  1  1  MET MET A . n 
A 1 2  ILE 2  2  2  ILE ILE A . n 
A 1 3  HIS 3  3  3  HIS HIS A . n 
A 1 4  GLN 4  4  4  GLN GLN A . n 
A 1 5  ASN 5  5  5  ASN ASN A . n 
A 1 6  THR 6  6  6  THR THR A . n 
A 1 7  ILE 7  7  7  ILE ILE A . n 
A 1 8  TYR 8  8  8  TYR TYR A . n 
A 1 9  THR 9  9  9  THR THR A . n 
A 1 10 ALA 10 10 10 ALA ALA A . n 
A 1 11 GLY 11 11 11 GLY GLY A . n 
A 1 12 ILE 12 12 12 ILE ILE A . n 
A 1 13 GLU 13 13 13 GLU GLU A . n 
A 1 14 THR 14 14 14 THR THR A . n 
A 1 15 GLU 15 15 15 GLU GLU A . n 
A 1 16 GLU 16 16 16 GLU GLU A . n 
A 1 17 GLN 17 17 17 GLN GLN A . n 
A 1 18 VAL 18 18 18 VAL VAL A . n 
A 1 19 SER 19 19 19 SER SER A . n 
A 1 20 GLN 20 20 20 GLN GLN A . n 
A 1 21 LEU 21 21 21 LEU LEU A . n 
A 1 22 THR 22 22 22 THR THR A . n 
A 1 23 GLU 23 23 23 GLU GLU A . n 
A 1 24 ARG 24 24 24 ARG ARG A . n 
A 1 25 ILE 25 25 25 ILE ILE A . n 
A 1 26 SER 26 26 26 SER SER A . n 
A 1 27 ASN 27 27 27 ASN ASN A . n 
A 1 28 MET 28 28 28 MET MET A . n 
A 1 29 ILE 29 29 29 ILE ILE A . n 
A 1 30 GLY 30 30 30 GLY GLY A . n 
A 1 31 VAL 31 31 31 VAL VAL A . n 
A 1 32 HIS 32 32 32 HIS HIS A . n 
A 1 33 GLN 33 33 33 GLN GLN A . n 
A 1 34 VAL 34 34 34 VAL VAL A . n 
A 1 35 ASN 35 35 35 ASN ASN A . n 
A 1 36 ILE 36 36 36 ILE ILE A . n 
A 1 37 ASN 37 37 37 ASN ASN A . n 
A 1 38 ILE 38 38 38 ILE ILE A . n 
A 1 39 ILE 39 39 39 ILE ILE A . n 
A 1 40 ASP 40 40 40 ASP ASP A . n 
A 1 41 GLY 41 41 41 GLY GLY A . n 
A 1 42 GLN 42 42 42 GLN GLN A . n 
A 1 43 VAL 43 43 43 VAL VAL A . n 
A 1 44 THR 44 44 44 THR THR A . n 
A 1 45 VAL 45 45 45 VAL VAL A . n 
A 1 46 SER 46 46 46 SER SER A . n 
A 1 47 TYR 47 47 47 TYR TYR A . n 
A 1 48 GLU 48 48 48 GLU GLU A . n 
A 1 49 THR 49 49 49 THR THR A . n 
A 1 50 PRO 50 50 50 PRO PRO A . n 
A 1 51 ALA 51 51 51 ALA ALA A . n 
A 1 52 ASN 52 52 52 ASN ASN A . n 
A 1 53 LEU 53 53 53 LEU LEU A . n 
A 1 54 ASN 54 54 54 ASN ASN A . n 
A 1 55 SER 55 55 55 SER SER A . n 
A 1 56 ILE 56 56 56 ILE ILE A . n 
A 1 57 GLU 57 57 57 GLU GLU A . n 
A 1 58 LYS 58 58 58 LYS LYS A . n 
A 1 59 GLU 59 59 59 GLU GLU A . n 
A 1 60 ILE 60 60 60 ILE ILE A . n 
A 1 61 TYR 61 61 61 TYR TYR A . n 
A 1 62 ASP 62 62 62 ASP ASP A . n 
A 1 63 GLU 63 63 63 GLU GLU A . n 
A 1 64 GLY 64 64 64 GLY GLY A . n 
A 1 65 TYR 65 65 65 TYR TYR A . n 
A 1 66 LYS 66 66 66 LYS LYS A . n 
A 1 67 ILE 67 67 67 ILE ILE A . n 
A 1 68 VAL 68 68 68 VAL VAL A . n 
A 1 69 PHE 69 69 69 PHE PHE A . n 
# 
loop_
_pdbx_nonpoly_scheme.asym_id 
_pdbx_nonpoly_scheme.entity_id 
_pdbx_nonpoly_scheme.mon_id 
_pdbx_nonpoly_scheme.ndb_seq_num 
_pdbx_nonpoly_scheme.pdb_seq_num 
_pdbx_nonpoly_scheme.auth_seq_num 
_pdbx_nonpoly_scheme.pdb_mon_id 
_pdbx_nonpoly_scheme.auth_mon_id 
_pdbx_nonpoly_scheme.pdb_strand_id 
_pdbx_nonpoly_scheme.pdb_ins_code 
B 2 CA  1   101 1   CA  CA  A . 
C 3 HOH 1   201 54  HOH HOH A . 
C 3 HOH 2   202 56  HOH HOH A . 
C 3 HOH 3   203 37  HOH HOH A . 
C 3 HOH 4   204 109 HOH HOH A . 
C 3 HOH 5   205 132 HOH HOH A . 
C 3 HOH 6   206 113 HOH HOH A . 
C 3 HOH 7   207 114 HOH HOH A . 
C 3 HOH 8   208 102 HOH HOH A . 
C 3 HOH 9   209 52  HOH HOH A . 
C 3 HOH 10  210 17  HOH HOH A . 
C 3 HOH 11  211 111 HOH HOH A . 
C 3 HOH 12  212 9   HOH HOH A . 
C 3 HOH 13  213 40  HOH HOH A . 
C 3 HOH 14  214 35  HOH HOH A . 
C 3 HOH 15  215 95  HOH HOH A . 
C 3 HOH 16  216 12  HOH HOH A . 
C 3 HOH 17  217 38  HOH HOH A . 
C 3 HOH 18  218 7   HOH HOH A . 
C 3 HOH 19  219 76  HOH HOH A . 
C 3 HOH 20  220 88  HOH HOH A . 
C 3 HOH 21  221 30  HOH HOH A . 
C 3 HOH 22  222 13  HOH HOH A . 
C 3 HOH 23  223 45  HOH HOH A . 
C 3 HOH 24  224 135 HOH HOH A . 
C 3 HOH 25  225 16  HOH HOH A . 
C 3 HOH 26  226 104 HOH HOH A . 
C 3 HOH 27  227 14  HOH HOH A . 
C 3 HOH 28  228 20  HOH HOH A . 
C 3 HOH 29  229 1   HOH HOH A . 
C 3 HOH 30  230 36  HOH HOH A . 
C 3 HOH 31  231 22  HOH HOH A . 
C 3 HOH 32  232 6   HOH HOH A . 
C 3 HOH 33  233 89  HOH HOH A . 
C 3 HOH 34  234 26  HOH HOH A . 
C 3 HOH 35  235 46  HOH HOH A . 
C 3 HOH 36  236 2   HOH HOH A . 
C 3 HOH 37  237 117 HOH HOH A . 
C 3 HOH 38  238 5   HOH HOH A . 
C 3 HOH 39  239 41  HOH HOH A . 
C 3 HOH 40  240 92  HOH HOH A . 
C 3 HOH 41  241 10  HOH HOH A . 
C 3 HOH 42  242 94  HOH HOH A . 
C 3 HOH 43  243 49  HOH HOH A . 
C 3 HOH 44  244 19  HOH HOH A . 
C 3 HOH 45  245 108 HOH HOH A . 
C 3 HOH 46  246 34  HOH HOH A . 
C 3 HOH 47  247 61  HOH HOH A . 
C 3 HOH 48  248 48  HOH HOH A . 
C 3 HOH 49  249 53  HOH HOH A . 
C 3 HOH 50  250 32  HOH HOH A . 
C 3 HOH 51  251 63  HOH HOH A . 
C 3 HOH 52  252 123 HOH HOH A . 
C 3 HOH 53  253 24  HOH HOH A . 
C 3 HOH 54  254 21  HOH HOH A . 
C 3 HOH 55  255 60  HOH HOH A . 
C 3 HOH 56  256 62  HOH HOH A . 
C 3 HOH 57  257 86  HOH HOH A . 
C 3 HOH 58  258 55  HOH HOH A . 
C 3 HOH 59  259 25  HOH HOH A . 
C 3 HOH 60  260 79  HOH HOH A . 
C 3 HOH 61  261 33  HOH HOH A . 
C 3 HOH 62  262 78  HOH HOH A . 
C 3 HOH 63  263 43  HOH HOH A . 
C 3 HOH 64  264 23  HOH HOH A . 
C 3 HOH 65  265 134 HOH HOH A . 
C 3 HOH 66  266 105 HOH HOH A . 
C 3 HOH 67  267 31  HOH HOH A . 
C 3 HOH 68  268 51  HOH HOH A . 
C 3 HOH 69  269 97  HOH HOH A . 
C 3 HOH 70  270 11  HOH HOH A . 
C 3 HOH 71  271 29  HOH HOH A . 
C 3 HOH 72  272 101 HOH HOH A . 
C 3 HOH 73  273 91  HOH HOH A . 
C 3 HOH 74  274 107 HOH HOH A . 
C 3 HOH 75  275 130 HOH HOH A . 
C 3 HOH 76  276 44  HOH HOH A . 
C 3 HOH 77  277 128 HOH HOH A . 
C 3 HOH 78  278 110 HOH HOH A . 
C 3 HOH 79  279 27  HOH HOH A . 
C 3 HOH 80  280 82  HOH HOH A . 
C 3 HOH 81  281 83  HOH HOH A . 
C 3 HOH 82  282 127 HOH HOH A . 
C 3 HOH 83  283 133 HOH HOH A . 
C 3 HOH 84  284 50  HOH HOH A . 
C 3 HOH 85  285 57  HOH HOH A . 
C 3 HOH 86  286 42  HOH HOH A . 
C 3 HOH 87  287 58  HOH HOH A . 
C 3 HOH 88  288 98  HOH HOH A . 
C 3 HOH 89  289 131 HOH HOH A . 
C 3 HOH 90  290 129 HOH HOH A . 
C 3 HOH 91  291 59  HOH HOH A . 
C 3 HOH 92  292 106 HOH HOH A . 
C 3 HOH 93  293 85  HOH HOH A . 
C 3 HOH 94  294 99  HOH HOH A . 
C 3 HOH 95  295 120 HOH HOH A . 
C 3 HOH 96  296 39  HOH HOH A . 
C 3 HOH 97  297 18  HOH HOH A . 
C 3 HOH 98  298 68  HOH HOH A . 
C 3 HOH 99  299 90  HOH HOH A . 
C 3 HOH 100 300 122 HOH HOH A . 
C 3 HOH 101 301 80  HOH HOH A . 
C 3 HOH 102 302 124 HOH HOH A . 
C 3 HOH 103 303 75  HOH HOH A . 
C 3 HOH 104 304 66  HOH HOH A . 
C 3 HOH 105 305 81  HOH HOH A . 
C 3 HOH 106 306 84  HOH HOH A . 
C 3 HOH 107 307 112 HOH HOH A . 
C 3 HOH 108 308 100 HOH HOH A . 
C 3 HOH 109 309 64  HOH HOH A . 
C 3 HOH 110 310 69  HOH HOH A . 
C 3 HOH 111 311 126 HOH HOH A . 
C 3 HOH 112 312 125 HOH HOH A . 
C 3 HOH 113 313 103 HOH HOH A . 
C 3 HOH 114 314 73  HOH HOH A . 
C 3 HOH 115 315 70  HOH HOH A . 
C 3 HOH 116 316 87  HOH HOH A . 
C 3 HOH 117 317 74  HOH HOH A . 
C 3 HOH 118 318 65  HOH HOH A . 
C 3 HOH 119 319 77  HOH HOH A . 
C 3 HOH 120 320 71  HOH HOH A . 
# 
loop_
_software.citation_id 
_software.classification 
_software.compiler_name 
_software.compiler_version 
_software.contact_author 
_software.contact_author_email 
_software.date 
_software.description 
_software.dependencies 
_software.hardware 
_software.language 
_software.location 
_software.mods 
_software.name 
_software.os 
_software.os_version 
_software.type 
_software.version 
_software.pdbx_ordinal 
? 'data collection' ? ? ? ? ? ? ? ? ? ? ? GDA        ? ? ? . 1 
? 'data reduction'  ? ? ? ? ? ? ? ? ? ? ? XDS        ? ? ? . 2 
? 'data scaling'    ? ? ? ? ? ? ? ? ? ? ? Aimless    ? ? ? . 3 
? phasing           ? ? ? ? ? ? ? ? ? ? ? SHELXCD    ? ? ? . 4 
? 'model building'  ? ? ? ? ? ? ? ? ? ? ? BUCCANEER  ? ? ? . 5 
? 'model building'  ? ? ? ? ? ? ? ? ? ? ? ARP/wARP   ? ? ? . 6 
? refinement        ? ? ? ? ? ? ? ? ? ? ? REFMAC     ? ? ? . 7 
? 'model building'  ? ? ? ? ? ? ? ? ? ? ? Coot       ? ? ? . 8 
? 'model building'  ? ? ? ? ? ? ? ? ? ? ? MolProbity ? ? ? . 9 
# 
_cell.angle_alpha                  90.00 
_cell.angle_alpha_esd              ? 
_cell.angle_beta                   90.00 
_cell.angle_beta_esd               ? 
_cell.angle_gamma                  120.00 
_cell.angle_gamma_esd              ? 
_cell.entry_id                     6FF1 
_cell.details                      ? 
_cell.formula_units_Z              ? 
_cell.length_a                     51.048 
_cell.length_a_esd                 ? 
_cell.length_b                     51.048 
_cell.length_b_esd                 ? 
_cell.length_c                     64.955 
_cell.length_c_esd                 ? 
_cell.volume                       ? 
_cell.volume_esd                   ? 
_cell.Z_PDB                        6 
_cell.reciprocal_angle_alpha       ? 
_cell.reciprocal_angle_beta        ? 
_cell.reciprocal_angle_gamma       ? 
_cell.reciprocal_angle_alpha_esd   ? 
_cell.reciprocal_angle_beta_esd    ? 
_cell.reciprocal_angle_gamma_esd   ? 
_cell.reciprocal_length_a          ? 
_cell.reciprocal_length_b          ? 
_cell.reciprocal_length_c          ? 
_cell.reciprocal_length_a_esd      ? 
_cell.reciprocal_length_b_esd      ? 
_cell.reciprocal_length_c_esd      ? 
_cell.pdbx_unique_axis             ? 
# 
_symmetry.entry_id                         6FF1 
_symmetry.cell_setting                     ? 
_symmetry.Int_Tables_number                152 
_symmetry.space_group_name_Hall            ? 
_symmetry.space_group_name_H-M             'P 31 2 1' 
_symmetry.pdbx_full_space_group_name_H-M   ? 
# 
_exptl.absorpt_coefficient_mu     ? 
_exptl.absorpt_correction_T_max   ? 
_exptl.absorpt_correction_T_min   ? 
_exptl.absorpt_correction_type    ? 
_exptl.absorpt_process_details    ? 
_exptl.entry_id                   6FF1 
_exptl.crystals_number            1 
_exptl.details                    ? 
_exptl.method                     'X-RAY DIFFRACTION' 
_exptl.method_details             ? 
# 
_exptl_crystal.colour                      ? 
_exptl_crystal.density_diffrn              ? 
_exptl_crystal.density_Matthews            3.11 
_exptl_crystal.density_method              ? 
_exptl_crystal.density_percent_sol         60.49 
_exptl_crystal.description                 ? 
_exptl_crystal.F_000                       ? 
_exptl_crystal.id                          1 
_exptl_crystal.preparation                 ? 
_exptl_crystal.size_max                    ? 
_exptl_crystal.size_mid                    ? 
_exptl_crystal.size_min                    ? 
_exptl_crystal.size_rad                    ? 
_exptl_crystal.colour_lustre               ? 
_exptl_crystal.colour_modifier             ? 
_exptl_crystal.colour_primary              ? 
_exptl_crystal.density_meas                ? 
_exptl_crystal.density_meas_esd            ? 
_exptl_crystal.density_meas_gt             ? 
_exptl_crystal.density_meas_lt             ? 
_exptl_crystal.density_meas_temp           ? 
_exptl_crystal.density_meas_temp_esd       ? 
_exptl_crystal.density_meas_temp_gt        ? 
_exptl_crystal.density_meas_temp_lt        ? 
_exptl_crystal.pdbx_crystal_image_url      ? 
_exptl_crystal.pdbx_crystal_image_format   ? 
_exptl_crystal.pdbx_mosaicity              ? 
_exptl_crystal.pdbx_mosaicity_esd          ? 
# 
_exptl_crystal_grow.apparatus       ? 
_exptl_crystal_grow.atmosphere      ? 
_exptl_crystal_grow.crystal_id      1 
_exptl_crystal_grow.details         ? 
_exptl_crystal_grow.method          'VAPOR DIFFUSION, HANGING DROP' 
_exptl_crystal_grow.method_ref      ? 
_exptl_crystal_grow.pH              ? 
_exptl_crystal_grow.pressure        ? 
_exptl_crystal_grow.pressure_esd    ? 
_exptl_crystal_grow.seeding         ? 
_exptl_crystal_grow.seeding_ref     ? 
_exptl_crystal_grow.temp            293 
_exptl_crystal_grow.temp_details    ? 
_exptl_crystal_grow.temp_esd        ? 
_exptl_crystal_grow.time            ? 
_exptl_crystal_grow.pdbx_details    '200 mM CaCl2, 100 mM sodium acetate pH 5.0, 20%w/v PEG 6000' 
_exptl_crystal_grow.pdbx_pH_range   ? 
# 
_diffrn.ambient_environment    ? 
_diffrn.ambient_temp           100 
_diffrn.ambient_temp_details   ? 
_diffrn.ambient_temp_esd       ? 
_diffrn.crystal_id             1 
_diffrn.crystal_support        ? 
_diffrn.crystal_treatment      ? 
_diffrn.details                ? 
_diffrn.id                     1 
_diffrn.ambient_pressure       ? 
_diffrn.ambient_pressure_esd   ? 
_diffrn.ambient_pressure_gt    ? 
_diffrn.ambient_pressure_lt    ? 
_diffrn.ambient_temp_gt        ? 
_diffrn.ambient_temp_lt        ? 
# 
_diffrn_detector.details                      ? 
_diffrn_detector.detector                     PIXEL 
_diffrn_detector.diffrn_id                    1 
_diffrn_detector.type                         'DECTRIS PILATUS 6M' 
_diffrn_detector.area_resol_mean              ? 
_diffrn_detector.dtime                        ? 
_diffrn_detector.pdbx_frames_total            ? 
_diffrn_detector.pdbx_collection_time_total   ? 
_diffrn_detector.pdbx_collection_date         2014-12-12 
# 
_diffrn_radiation.collimation                      ? 
_diffrn_radiation.diffrn_id                        1 
_diffrn_radiation.filter_edge                      ? 
_diffrn_radiation.inhomogeneity                    ? 
_diffrn_radiation.monochromator                    ? 
_diffrn_radiation.polarisn_norm                    ? 
_diffrn_radiation.polarisn_ratio                   ? 
_diffrn_radiation.probe                            ? 
_diffrn_radiation.type                             ? 
_diffrn_radiation.xray_symbol                      ? 
_diffrn_radiation.wavelength_id                    1 
_diffrn_radiation.pdbx_monochromatic_or_laue_m_l   M 
_diffrn_radiation.pdbx_wavelength_list             ? 
_diffrn_radiation.pdbx_wavelength                  ? 
_diffrn_radiation.pdbx_diffrn_protocol             'SINGLE WAVELENGTH' 
_diffrn_radiation.pdbx_analyzer                    ? 
_diffrn_radiation.pdbx_scattering_type             x-ray 
# 
_diffrn_radiation_wavelength.id           1 
_diffrn_radiation_wavelength.wavelength   0.9794 
_diffrn_radiation_wavelength.wt           1.0 
# 
_diffrn_source.current                     ? 
_diffrn_source.details                     ? 
_diffrn_source.diffrn_id                   1 
_diffrn_source.power                       ? 
_diffrn_source.size                        ? 
_diffrn_source.source                      SYNCHROTRON 
_diffrn_source.target                      ? 
_diffrn_source.type                        'DIAMOND BEAMLINE I04' 
_diffrn_source.voltage                     ? 
_diffrn_source.take-off_angle              ? 
_diffrn_source.pdbx_wavelength_list        0.9794 
_diffrn_source.pdbx_wavelength             ? 
_diffrn_source.pdbx_synchrotron_beamline   I04 
_diffrn_source.pdbx_synchrotron_site       Diamond 
# 
_reflns.B_iso_Wilson_estimate            ? 
_reflns.entry_id                         6FF1 
_reflns.data_reduction_details           ? 
_reflns.data_reduction_method            ? 
_reflns.d_resolution_high                1.3 
_reflns.d_resolution_low                 44.21 
_reflns.details                          ? 
_reflns.limit_h_max                      ? 
_reflns.limit_h_min                      ? 
_reflns.limit_k_max                      ? 
_reflns.limit_k_min                      ? 
_reflns.limit_l_max                      ? 
_reflns.limit_l_min                      ? 
_reflns.number_all                       ? 
_reflns.number_obs                       24651 
_reflns.observed_criterion               ? 
_reflns.observed_criterion_F_max         ? 
_reflns.observed_criterion_F_min         ? 
_reflns.observed_criterion_I_max         ? 
_reflns.observed_criterion_I_min         ? 
_reflns.observed_criterion_sigma_F       ? 
_reflns.observed_criterion_sigma_I       ? 
_reflns.percent_possible_obs             100 
_reflns.R_free_details                   ? 
_reflns.Rmerge_F_all                     ? 
_reflns.Rmerge_F_obs                     ? 
_reflns.Friedel_coverage                 ? 
_reflns.number_gt                        ? 
_reflns.threshold_expression             ? 
_reflns.pdbx_redundancy                  9.8 
_reflns.pdbx_Rmerge_I_obs                ? 
_reflns.pdbx_Rmerge_I_all                ? 
_reflns.pdbx_Rsym_value                  ? 
_reflns.pdbx_netI_over_av_sigmaI         ? 
_reflns.pdbx_netI_over_sigmaI            10.0 
_reflns.pdbx_res_netI_over_av_sigmaI_2   ? 
_reflns.pdbx_res_netI_over_sigmaI_2      ? 
_reflns.pdbx_chi_squared                 ? 
_reflns.pdbx_scaling_rejects             ? 
_reflns.pdbx_d_res_high_opt              ? 
_reflns.pdbx_d_res_low_opt               ? 
_reflns.pdbx_d_res_opt_method            ? 
_reflns.phase_calculation_details        ? 
_reflns.pdbx_Rrim_I_all                  ? 
_reflns.pdbx_Rpim_I_all                  ? 
_reflns.pdbx_d_opt                       ? 
_reflns.pdbx_number_measured_all         ? 
_reflns.pdbx_diffrn_id                   1 
_reflns.pdbx_ordinal                     1 
_reflns.pdbx_CC_half                     0.997 
_reflns.pdbx_R_split                     ? 
# 
_reflns_shell.d_res_high                  1.30 
_reflns_shell.d_res_low                   1.32 
_reflns_shell.meanI_over_sigI_all         ? 
_reflns_shell.meanI_over_sigI_obs         0.9 
_reflns_shell.number_measured_all         ? 
_reflns_shell.number_measured_obs         ? 
_reflns_shell.number_possible             ? 
_reflns_shell.number_unique_all           ? 
_reflns_shell.number_unique_obs           1184 
_reflns_shell.percent_possible_all        100 
_reflns_shell.percent_possible_obs        ? 
_reflns_shell.Rmerge_F_all                ? 
_reflns_shell.Rmerge_F_obs                ? 
_reflns_shell.Rmerge_I_all                ? 
_reflns_shell.Rmerge_I_obs                ? 
_reflns_shell.meanI_over_sigI_gt          ? 
_reflns_shell.meanI_over_uI_all           ? 
_reflns_shell.meanI_over_uI_gt            ? 
_reflns_shell.number_measured_gt          ? 
_reflns_shell.number_unique_gt            ? 
_reflns_shell.percent_possible_gt         ? 
_reflns_shell.Rmerge_F_gt                 ? 
_reflns_shell.Rmerge_I_gt                 ? 
_reflns_shell.pdbx_redundancy             8.4 
_reflns_shell.pdbx_Rsym_value             ? 
_reflns_shell.pdbx_chi_squared            ? 
_reflns_shell.pdbx_netI_over_sigmaI_all   ? 
_reflns_shell.pdbx_netI_over_sigmaI_obs   ? 
_reflns_shell.pdbx_Rrim_I_all             ? 
_reflns_shell.pdbx_Rpim_I_all             ? 
_reflns_shell.pdbx_rejects                ? 
_reflns_shell.pdbx_ordinal                1 
_reflns_shell.pdbx_diffrn_id              1 
_reflns_shell.pdbx_CC_half                0.868 
_reflns_shell.pdbx_R_split                ? 
# 
_refine.aniso_B[1][1]                            0.12 
_refine.aniso_B[1][2]                            0.06 
_refine.aniso_B[1][3]                            -0.00 
_refine.aniso_B[2][2]                            0.12 
_refine.aniso_B[2][3]                            0.00 
_refine.aniso_B[3][3]                            -0.39 
_refine.B_iso_max                                ? 
_refine.B_iso_mean                               18.051 
_refine.B_iso_min                                ? 
_refine.correlation_coeff_Fo_to_Fc               0.977 
_refine.correlation_coeff_Fo_to_Fc_free          0.967 
_refine.details                                  'HYDROGENS HAVE BEEN ADDED IN THE RIDING POSITIONS' 
_refine.diff_density_max                         ? 
_refine.diff_density_max_esd                     ? 
_refine.diff_density_min                         ? 
_refine.diff_density_min_esd                     ? 
_refine.diff_density_rms                         ? 
_refine.diff_density_rms_esd                     ? 
_refine.entry_id                                 6FF1 
_refine.pdbx_refine_id                           'X-RAY DIFFRACTION' 
_refine.ls_abs_structure_details                 ? 
_refine.ls_abs_structure_Flack                   ? 
_refine.ls_abs_structure_Flack_esd               ? 
_refine.ls_abs_structure_Rogers                  ? 
_refine.ls_abs_structure_Rogers_esd              ? 
_refine.ls_d_res_high                            1.30 
_refine.ls_d_res_low                             44.21 
_refine.ls_extinction_coef                       ? 
_refine.ls_extinction_coef_esd                   ? 
_refine.ls_extinction_expression                 ? 
_refine.ls_extinction_method                     ? 
_refine.ls_goodness_of_fit_all                   ? 
_refine.ls_goodness_of_fit_all_esd               ? 
_refine.ls_goodness_of_fit_obs                   ? 
_refine.ls_goodness_of_fit_obs_esd               ? 
_refine.ls_hydrogen_treatment                    ? 
_refine.ls_matrix_type                           ? 
_refine.ls_number_constraints                    ? 
_refine.ls_number_parameters                     ? 
_refine.ls_number_reflns_all                     ? 
_refine.ls_number_reflns_obs                     23478 
_refine.ls_number_reflns_R_free                  1141 
_refine.ls_number_reflns_R_work                  ? 
_refine.ls_number_restraints                     ? 
_refine.ls_percent_reflns_obs                    100.00 
_refine.ls_percent_reflns_R_free                 4.6 
_refine.ls_R_factor_all                          ? 
_refine.ls_R_factor_obs                          0.14359 
_refine.ls_R_factor_R_free                       0.17217 
_refine.ls_R_factor_R_free_error                 ? 
_refine.ls_R_factor_R_free_error_details         ? 
_refine.ls_R_factor_R_work                       0.14218 
_refine.ls_R_Fsqd_factor_obs                     ? 
_refine.ls_R_I_factor_obs                        ? 
_refine.ls_redundancy_reflns_all                 ? 
_refine.ls_redundancy_reflns_obs                 ? 
_refine.ls_restrained_S_all                      ? 
_refine.ls_restrained_S_obs                      ? 
_refine.ls_shift_over_esd_max                    ? 
_refine.ls_shift_over_esd_mean                   ? 
_refine.ls_structure_factor_coef                 ? 
_refine.ls_weighting_details                     ? 
_refine.ls_weighting_scheme                      ? 
_refine.ls_wR_factor_all                         ? 
_refine.ls_wR_factor_obs                         ? 
_refine.ls_wR_factor_R_free                      ? 
_refine.ls_wR_factor_R_work                      ? 
_refine.occupancy_max                            ? 
_refine.occupancy_min                            ? 
_refine.solvent_model_details                    ? 
_refine.solvent_model_param_bsol                 ? 
_refine.solvent_model_param_ksol                 ? 
_refine.ls_R_factor_gt                           ? 
_refine.ls_goodness_of_fit_gt                    ? 
_refine.ls_goodness_of_fit_ref                   ? 
_refine.ls_shift_over_su_max                     ? 
_refine.ls_shift_over_su_max_lt                  ? 
_refine.ls_shift_over_su_mean                    ? 
_refine.ls_shift_over_su_mean_lt                 ? 
_refine.pdbx_ls_sigma_I                          ? 
_refine.pdbx_ls_sigma_F                          ? 
_refine.pdbx_ls_sigma_Fsqd                       ? 
_refine.pdbx_data_cutoff_high_absF               ? 
_refine.pdbx_data_cutoff_high_rms_absF           ? 
_refine.pdbx_data_cutoff_low_absF                ? 
_refine.pdbx_isotropic_thermal_model             ? 
_refine.pdbx_ls_cross_valid_method               THROUGHOUT 
_refine.pdbx_method_to_determine_struct          SAD 
_refine.pdbx_starting_model                      ? 
_refine.pdbx_stereochemistry_target_values       ? 
_refine.pdbx_R_Free_selection_details            RANDOM 
_refine.pdbx_stereochem_target_val_spec_case     ? 
_refine.pdbx_overall_ESU_R                       0.037 
_refine.pdbx_overall_ESU_R_Free                  0.039 
_refine.pdbx_solvent_vdw_probe_radii             1.20 
_refine.pdbx_solvent_ion_probe_radii             0.80 
_refine.pdbx_solvent_shrinkage_radii             0.80 
_refine.pdbx_real_space_R                        ? 
_refine.pdbx_density_correlation                 ? 
_refine.pdbx_pd_number_of_powder_patterns        ? 
_refine.pdbx_pd_number_of_points                 ? 
_refine.pdbx_pd_meas_number_of_points            ? 
_refine.pdbx_pd_proc_ls_prof_R_factor            ? 
_refine.pdbx_pd_proc_ls_prof_wR_factor           ? 
_refine.pdbx_pd_Marquardt_correlation_coeff      ? 
_refine.pdbx_pd_Fsqrd_R_factor                   ? 
_refine.pdbx_pd_ls_matrix_band_width             ? 
_refine.pdbx_overall_phase_error                 ? 
_refine.pdbx_overall_SU_R_free_Cruickshank_DPI   ? 
_refine.pdbx_overall_SU_R_free_Blow_DPI          ? 
_refine.pdbx_overall_SU_R_Blow_DPI               ? 
_refine.pdbx_TLS_residual_ADP_flag               ? 
_refine.pdbx_diffrn_id                           1 
_refine.overall_SU_B                             1.625 
_refine.overall_SU_ML                            0.029 
_refine.overall_SU_R_Cruickshank_DPI             ? 
_refine.overall_SU_R_free                        ? 
_refine.overall_FOM_free_R_set                   ? 
_refine.overall_FOM_work_R_set                   ? 
_refine.pdbx_average_fsc_overall                 ? 
_refine.pdbx_average_fsc_work                    ? 
_refine.pdbx_average_fsc_free                    ? 
# 
_refine_hist.pdbx_refine_id                   'X-RAY DIFFRACTION' 
_refine_hist.cycle_id                         1 
_refine_hist.pdbx_number_atoms_protein        550 
_refine_hist.pdbx_number_atoms_nucleic_acid   0 
_refine_hist.pdbx_number_atoms_ligand         1 
_refine_hist.number_atoms_solvent             121 
_refine_hist.number_atoms_total               672 
_refine_hist.d_res_high                       1.30 
_refine_hist.d_res_low                        44.21 
# 
loop_
_refine_ls_restr.pdbx_refine_id 
_refine_ls_restr.criterion 
_refine_ls_restr.dev_ideal 
_refine_ls_restr.dev_ideal_target 
_refine_ls_restr.number 
_refine_ls_restr.rejects 
_refine_ls_restr.type 
_refine_ls_restr.weight 
_refine_ls_restr.pdbx_restraint_function 
'X-RAY DIFFRACTION' ? 0.019  0.019  574  ? r_bond_refined_d             ? ? 
'X-RAY DIFFRACTION' ? 0.003  0.020  511  ? r_bond_other_d               ? ? 
'X-RAY DIFFRACTION' ? 1.780  1.919  782  ? r_angle_refined_deg          ? ? 
'X-RAY DIFFRACTION' ? 1.086  3.000  1196 ? r_angle_other_deg            ? ? 
'X-RAY DIFFRACTION' ? 6.027  5.000  72   ? r_dihedral_angle_1_deg       ? ? 
'X-RAY DIFFRACTION' ? 33.894 26.667 30   ? r_dihedral_angle_2_deg       ? ? 
'X-RAY DIFFRACTION' ? 9.755  15.000 102  ? r_dihedral_angle_3_deg       ? ? 
'X-RAY DIFFRACTION' ? 5.740  15.000 1    ? r_dihedral_angle_4_deg       ? ? 
'X-RAY DIFFRACTION' ? 0.142  0.200  93   ? r_chiral_restr               ? ? 
'X-RAY DIFFRACTION' ? 0.012  0.020  640  ? r_gen_planes_refined         ? ? 
'X-RAY DIFFRACTION' ? 0.004  0.020  101  ? r_gen_planes_other           ? ? 
'X-RAY DIFFRACTION' ? ?      ?      ?    ? r_nbd_refined                ? ? 
'X-RAY DIFFRACTION' ? ?      ?      ?    ? r_nbd_other                  ? ? 
'X-RAY DIFFRACTION' ? ?      ?      ?    ? r_nbtor_refined              ? ? 
'X-RAY DIFFRACTION' ? ?      ?      ?    ? r_nbtor_other                ? ? 
'X-RAY DIFFRACTION' ? ?      ?      ?    ? r_xyhbond_nbd_refined        ? ? 
'X-RAY DIFFRACTION' ? ?      ?      ?    ? r_xyhbond_nbd_other          ? ? 
'X-RAY DIFFRACTION' ? ?      ?      ?    ? r_metal_ion_refined          ? ? 
'X-RAY DIFFRACTION' ? ?      ?      ?    ? r_metal_ion_other            ? ? 
'X-RAY DIFFRACTION' ? ?      ?      ?    ? r_symmetry_vdw_refined       ? ? 
'X-RAY DIFFRACTION' ? ?      ?      ?    ? r_symmetry_vdw_other         ? ? 
'X-RAY DIFFRACTION' ? ?      ?      ?    ? r_symmetry_hbond_refined     ? ? 
'X-RAY DIFFRACTION' ? ?      ?      ?    ? r_symmetry_hbond_other       ? ? 
'X-RAY DIFFRACTION' ? ?      ?      ?    ? r_symmetry_metal_ion_refined ? ? 
'X-RAY DIFFRACTION' ? ?      ?      ?    ? r_symmetry_metal_ion_other   ? ? 
'X-RAY DIFFRACTION' ? 1.446  1.408  282  ? r_mcbond_it                  ? ? 
'X-RAY DIFFRACTION' ? 1.447  1.405  281  ? r_mcbond_other               ? ? 
'X-RAY DIFFRACTION' ? 1.670  2.123  353  ? r_mcangle_it                 ? ? 
'X-RAY DIFFRACTION' ? 1.668  2.124  354  ? r_mcangle_other              ? ? 
'X-RAY DIFFRACTION' ? 4.567  1.886  292  ? r_scbond_it                  ? ? 
'X-RAY DIFFRACTION' ? 4.560  1.885  293  ? r_scbond_other               ? ? 
'X-RAY DIFFRACTION' ? ?      ?      ?    ? r_scangle_it                 ? ? 
'X-RAY DIFFRACTION' ? 3.882  2.657  429  ? r_scangle_other              ? ? 
'X-RAY DIFFRACTION' ? 4.661  20.243 679  ? r_long_range_B_refined       ? ? 
'X-RAY DIFFRACTION' ? 4.115  19.129 653  ? r_long_range_B_other         ? ? 
'X-RAY DIFFRACTION' ? 3.710  3.000  1085 ? r_rigid_bond_restr           ? ? 
'X-RAY DIFFRACTION' ? 26.650 5.000  78   ? r_sphericity_free            ? ? 
'X-RAY DIFFRACTION' ? 10.085 5.000  1119 ? r_sphericity_bonded          ? ? 
# 
_refine_ls_shell.pdbx_refine_id                   'X-RAY DIFFRACTION' 
_refine_ls_shell.d_res_high                       1.300 
_refine_ls_shell.d_res_low                        1.334 
_refine_ls_shell.number_reflns_all                ? 
_refine_ls_shell.number_reflns_obs                ? 
_refine_ls_shell.number_reflns_R_free             79 
_refine_ls_shell.number_reflns_R_work             1714 
_refine_ls_shell.percent_reflns_obs               100.00 
_refine_ls_shell.percent_reflns_R_free            ? 
_refine_ls_shell.R_factor_all                     ? 
_refine_ls_shell.R_factor_obs                     ? 
_refine_ls_shell.R_factor_R_free                  0.235 
_refine_ls_shell.R_factor_R_free_error            ? 
_refine_ls_shell.R_factor_R_work                  0.261 
_refine_ls_shell.redundancy_reflns_all            ? 
_refine_ls_shell.redundancy_reflns_obs            ? 
_refine_ls_shell.wR_factor_all                    ? 
_refine_ls_shell.wR_factor_obs                    ? 
_refine_ls_shell.wR_factor_R_free                 ? 
_refine_ls_shell.wR_factor_R_work                 ? 
_refine_ls_shell.pdbx_total_number_of_bins_used   20 
_refine_ls_shell.pdbx_phase_error                 ? 
_refine_ls_shell.pdbx_fsc_work                    ? 
_refine_ls_shell.pdbx_fsc_free                    ? 
# 
_struct.entry_id                     6FF1 
_struct.title                        'CsoZ metallochaperone' 
_struct.pdbx_model_details           ? 
_struct.pdbx_formula_weight          ? 
_struct.pdbx_formula_weight_method   ? 
_struct.pdbx_model_type_details      ? 
_struct.pdbx_CASP_flag               N 
# 
_struct_keywords.entry_id        6FF1 
_struct_keywords.text            'metallochaperone, copper, copper homeostasis, staphylococcus aureus, chaperone' 
_struct_keywords.pdbx_keywords   CHAPERONE 
# 
loop_
_struct_asym.id 
_struct_asym.pdbx_blank_PDB_chainid_flag 
_struct_asym.pdbx_modified 
_struct_asym.entity_id 
_struct_asym.details 
A N N 1 ? 
B N N 2 ? 
C N N 3 ? 
# 
_struct_ref.id                         1 
_struct_ref.db_name                    UNP 
_struct_ref.db_code                    Q2FWH0_STAA8 
_struct_ref.pdbx_db_accession          Q2FWH0 
_struct_ref.pdbx_db_isoform            ? 
_struct_ref.entity_id                  1 
_struct_ref.pdbx_seq_one_letter_code   MIHQNTIYTAGIETEEQVSQLTERISNMIGVHQVNINIIDGQVTVSYETPANLNSIEKEIYDEGYKIVF 
_struct_ref.pdbx_align_begin           1 
# 
_struct_ref_seq.align_id                      1 
_struct_ref_seq.ref_id                        1 
_struct_ref_seq.pdbx_PDB_id_code              6FF1 
_struct_ref_seq.pdbx_strand_id                A 
_struct_ref_seq.seq_align_beg                 1 
_struct_ref_seq.pdbx_seq_align_beg_ins_code   ? 
_struct_ref_seq.seq_align_end                 69 
_struct_ref_seq.pdbx_seq_align_end_ins_code   ? 
_struct_ref_seq.pdbx_db_accession             Q2FWH0 
_struct_ref_seq.db_align_beg                  1 
_struct_ref_seq.pdbx_db_align_beg_ins_code    ? 
_struct_ref_seq.db_align_end                  69 
_struct_ref_seq.pdbx_db_align_end_ins_code    ? 
_struct_ref_seq.pdbx_auth_seq_align_beg       1 
_struct_ref_seq.pdbx_auth_seq_align_end       69 
# 
_pdbx_struct_assembly.id                   1 
_pdbx_struct_assembly.details              author_and_software_defined_assembly 
_pdbx_struct_assembly.method_details       PISA 
_pdbx_struct_assembly.oligomeric_details   monomeric 
_pdbx_struct_assembly.oligomeric_count     1 
# 
loop_
_pdbx_struct_assembly_prop.biol_id 
_pdbx_struct_assembly_prop.type 
_pdbx_struct_assembly_prop.value 
_pdbx_struct_assembly_prop.details 
1 'ABSA (A^2)' 60   ? 
1 MORE         -5   ? 
1 'SSA (A^2)'  4410 ? 
# 
_pdbx_struct_assembly_gen.assembly_id       1 
_pdbx_struct_assembly_gen.oper_expression   1 
_pdbx_struct_assembly_gen.asym_id_list      A,B,C 
# 
_pdbx_struct_assembly_auth_evidence.id                     1 
_pdbx_struct_assembly_auth_evidence.assembly_id            1 
_pdbx_struct_assembly_auth_evidence.experimental_support   none 
_pdbx_struct_assembly_auth_evidence.details                ? 
# 
_pdbx_struct_oper_list.id                   1 
_pdbx_struct_oper_list.type                 'identity operation' 
_pdbx_struct_oper_list.name                 1_555 
_pdbx_struct_oper_list.symmetry_operation   x,y,z 
_pdbx_struct_oper_list.matrix[1][1]         1.0000000000 
_pdbx_struct_oper_list.matrix[1][2]         0.0000000000 
_pdbx_struct_oper_list.matrix[1][3]         0.0000000000 
_pdbx_struct_oper_list.vector[1]            0.0000000000 
_pdbx_struct_oper_list.matrix[2][1]         0.0000000000 
_pdbx_struct_oper_list.matrix[2][2]         1.0000000000 
_pdbx_struct_oper_list.matrix[2][3]         0.0000000000 
_pdbx_struct_oper_list.vector[2]            0.0000000000 
_pdbx_struct_oper_list.matrix[3][1]         0.0000000000 
_pdbx_struct_oper_list.matrix[3][2]         0.0000000000 
_pdbx_struct_oper_list.matrix[3][3]         1.0000000000 
_pdbx_struct_oper_list.vector[3]            0.0000000000 
# 
loop_
_struct_conf.conf_type_id 
_struct_conf.id 
_struct_conf.pdbx_PDB_helix_id 
_struct_conf.beg_label_comp_id 
_struct_conf.beg_label_asym_id 
_struct_conf.beg_label_seq_id 
_struct_conf.pdbx_beg_PDB_ins_code 
_struct_conf.end_label_comp_id 
_struct_conf.end_label_asym_id 
_struct_conf.end_label_seq_id 
_struct_conf.pdbx_end_PDB_ins_code 
_struct_conf.beg_auth_comp_id 
_struct_conf.beg_auth_asym_id 
_struct_conf.beg_auth_seq_id 
_struct_conf.end_auth_comp_id 
_struct_conf.end_auth_asym_id 
_struct_conf.end_auth_seq_id 
_struct_conf.pdbx_PDB_helix_class 
_struct_conf.details 
_struct_conf.pdbx_PDB_helix_length 
HELX_P HELX_P1 AA1 THR A 14 ? ASN A 27 ? THR A 14 ASN A 27 1 ? 14 
HELX_P HELX_P2 AA2 ASN A 52 ? GLU A 63 ? ASN A 52 GLU A 63 1 ? 12 
# 
_struct_conf_type.id          HELX_P 
_struct_conf_type.criteria    ? 
_struct_conf_type.reference   ? 
# 
loop_
_struct_conn.id 
_struct_conn.conn_type_id 
_struct_conn.pdbx_leaving_atom_flag 
_struct_conn.pdbx_PDB_id 
_struct_conn.ptnr1_label_asym_id 
_struct_conn.ptnr1_label_comp_id 
_struct_conn.ptnr1_label_seq_id 
_struct_conn.ptnr1_label_atom_id 
_struct_conn.pdbx_ptnr1_label_alt_id 
_struct_conn.pdbx_ptnr1_PDB_ins_code 
_struct_conn.pdbx_ptnr1_standard_comp_id 
_struct_conn.ptnr1_symmetry 
_struct_conn.ptnr2_label_asym_id 
_struct_conn.ptnr2_label_comp_id 
_struct_conn.ptnr2_label_seq_id 
_struct_conn.ptnr2_label_atom_id 
_struct_conn.pdbx_ptnr2_label_alt_id 
_struct_conn.pdbx_ptnr2_PDB_ins_code 
_struct_conn.ptnr1_auth_asym_id 
_struct_conn.ptnr1_auth_comp_id 
_struct_conn.ptnr1_auth_seq_id 
_struct_conn.ptnr2_auth_asym_id 
_struct_conn.ptnr2_auth_comp_id 
_struct_conn.ptnr2_auth_seq_id 
_struct_conn.ptnr2_symmetry 
_struct_conn.pdbx_ptnr3_label_atom_id 
_struct_conn.pdbx_ptnr3_label_seq_id 
_struct_conn.pdbx_ptnr3_label_comp_id 
_struct_conn.pdbx_ptnr3_label_asym_id 
_struct_conn.pdbx_ptnr3_label_alt_id 
_struct_conn.pdbx_ptnr3_PDB_ins_code 
_struct_conn.details 
_struct_conn.pdbx_dist_value 
_struct_conn.pdbx_value_order 
_struct_conn.pdbx_role 
metalc1 metalc ? ? A GLU 13 OE1 ? ? ? 1_555 B CA  . CA ? ? A GLU 13  A CA  101 1_555 ? ? ? ? ? ? ? 2.526 ? ? 
metalc2 metalc ? ? A GLU 13 OE2 ? ? ? 1_555 B CA  . CA ? ? A GLU 13  A CA  101 1_555 ? ? ? ? ? ? ? 2.376 ? ? 
metalc3 metalc ? ? A SER 26 O   ? ? ? 1_555 B CA  . CA ? ? A SER 26  A CA  101 6_655 ? ? ? ? ? ? ? 2.335 ? ? 
metalc4 metalc ? ? A VAL 31 O   ? ? ? 1_555 B CA  . CA ? ? A VAL 31  A CA  101 6_655 ? ? ? ? ? ? ? 2.325 ? ? 
metalc5 metalc ? ? B CA  .  CA  ? ? ? 1_555 C HOH . O  ? ? A CA  101 A HOH 218 6_665 ? ? ? ? ? ? ? 2.342 ? ? 
metalc6 metalc ? ? B CA  .  CA  ? ? ? 1_555 C HOH . O  ? ? A CA  101 A HOH 236 6_665 ? ? ? ? ? ? ? 2.330 ? ? 
metalc7 metalc ? ? B CA  .  CA  ? ? ? 1_555 C HOH . O  ? ? A CA  101 A HOH 264 1_555 ? ? ? ? ? ? ? 2.443 ? ? 
# 
_struct_conn_type.id          metalc 
_struct_conn_type.criteria    ? 
_struct_conn_type.reference   ? 
# 
loop_
_pdbx_struct_conn_angle.id 
_pdbx_struct_conn_angle.ptnr1_label_atom_id 
_pdbx_struct_conn_angle.ptnr1_label_alt_id 
_pdbx_struct_conn_angle.ptnr1_label_asym_id 
_pdbx_struct_conn_angle.ptnr1_label_comp_id 
_pdbx_struct_conn_angle.ptnr1_label_seq_id 
_pdbx_struct_conn_angle.ptnr1_auth_atom_id 
_pdbx_struct_conn_angle.ptnr1_auth_asym_id 
_pdbx_struct_conn_angle.ptnr1_auth_comp_id 
_pdbx_struct_conn_angle.ptnr1_auth_seq_id 
_pdbx_struct_conn_angle.ptnr1_PDB_ins_code 
_pdbx_struct_conn_angle.ptnr1_symmetry 
_pdbx_struct_conn_angle.ptnr2_label_atom_id 
_pdbx_struct_conn_angle.ptnr2_label_alt_id 
_pdbx_struct_conn_angle.ptnr2_label_asym_id 
_pdbx_struct_conn_angle.ptnr2_label_comp_id 
_pdbx_struct_conn_angle.ptnr2_label_seq_id 
_pdbx_struct_conn_angle.ptnr2_auth_atom_id 
_pdbx_struct_conn_angle.ptnr2_auth_asym_id 
_pdbx_struct_conn_angle.ptnr2_auth_comp_id 
_pdbx_struct_conn_angle.ptnr2_auth_seq_id 
_pdbx_struct_conn_angle.ptnr2_PDB_ins_code 
_pdbx_struct_conn_angle.ptnr2_symmetry 
_pdbx_struct_conn_angle.ptnr3_label_atom_id 
_pdbx_struct_conn_angle.ptnr3_label_alt_id 
_pdbx_struct_conn_angle.ptnr3_label_asym_id 
_pdbx_struct_conn_angle.ptnr3_label_comp_id 
_pdbx_struct_conn_angle.ptnr3_label_seq_id 
_pdbx_struct_conn_angle.ptnr3_auth_atom_id 
_pdbx_struct_conn_angle.ptnr3_auth_asym_id 
_pdbx_struct_conn_angle.ptnr3_auth_comp_id 
_pdbx_struct_conn_angle.ptnr3_auth_seq_id 
_pdbx_struct_conn_angle.ptnr3_PDB_ins_code 
_pdbx_struct_conn_angle.ptnr3_symmetry 
_pdbx_struct_conn_angle.value 
_pdbx_struct_conn_angle.value_esd 
1  OE1 ? A GLU 13 ? A GLU 13  ? 1_555 CA ? B CA . ? A CA 101 ? 1_555 OE2 ? A GLU 13 ? A GLU 13  ? 1_555 51.6  ? 
2  OE1 ? A GLU 13 ? A GLU 13  ? 1_555 CA ? B CA . ? A CA 101 ? 1_555 O   ? A SER 26 ? A SER 26  ? 1_555 41.1  ? 
3  OE2 ? A GLU 13 ? A GLU 13  ? 1_555 CA ? B CA . ? A CA 101 ? 1_555 O   ? A SER 26 ? A SER 26  ? 1_555 40.1  ? 
4  OE1 ? A GLU 13 ? A GLU 13  ? 1_555 CA ? B CA . ? A CA 101 ? 1_555 O   ? A VAL 31 ? A VAL 31  ? 1_555 43.7  ? 
5  OE2 ? A GLU 13 ? A GLU 13  ? 1_555 CA ? B CA . ? A CA 101 ? 1_555 O   ? A VAL 31 ? A VAL 31  ? 1_555 35.5  ? 
6  O   ? A SER 26 ? A SER 26  ? 1_555 CA ? B CA . ? A CA 101 ? 1_555 O   ? A VAL 31 ? A VAL 31  ? 1_555 5.5   ? 
7  OE1 ? A GLU 13 ? A GLU 13  ? 1_555 CA ? B CA . ? A CA 101 ? 1_555 O   ? C HOH .  ? A HOH 218 ? 6_665 88.3  ? 
8  OE2 ? A GLU 13 ? A GLU 13  ? 1_555 CA ? B CA . ? A CA 101 ? 1_555 O   ? C HOH .  ? A HOH 218 ? 6_665 93.9  ? 
9  O   ? A SER 26 ? A SER 26  ? 1_555 CA ? B CA . ? A CA 101 ? 1_555 O   ? C HOH .  ? A HOH 218 ? 6_665 59.1  ? 
10 O   ? A VAL 31 ? A VAL 31  ? 1_555 CA ? B CA . ? A CA 101 ? 1_555 O   ? C HOH .  ? A HOH 218 ? 6_665 61.6  ? 
11 OE1 ? A GLU 13 ? A GLU 13  ? 1_555 CA ? B CA . ? A CA 101 ? 1_555 O   ? C HOH .  ? A HOH 236 ? 6_665 92.8  ? 
12 OE2 ? A GLU 13 ? A GLU 13  ? 1_555 CA ? B CA . ? A CA 101 ? 1_555 O   ? C HOH .  ? A HOH 236 ? 6_665 90.5  ? 
13 O   ? A SER 26 ? A SER 26  ? 1_555 CA ? B CA . ? A CA 101 ? 1_555 O   ? C HOH .  ? A HOH 236 ? 6_665 124.2 ? 
14 O   ? A VAL 31 ? A VAL 31  ? 1_555 CA ? B CA . ? A CA 101 ? 1_555 O   ? C HOH .  ? A HOH 236 ? 6_665 122.1 ? 
15 O   ? C HOH .  ? A HOH 218 ? 6_665 CA ? B CA . ? A CA 101 ? 1_555 O   ? C HOH .  ? A HOH 236 ? 6_665 175.1 ? 
16 OE1 ? A GLU 13 ? A GLU 13  ? 1_555 CA ? B CA . ? A CA 101 ? 1_555 O   ? C HOH .  ? A HOH 264 ? 1_555 125.5 ? 
17 OE2 ? A GLU 13 ? A GLU 13  ? 1_555 CA ? B CA . ? A CA 101 ? 1_555 O   ? C HOH .  ? A HOH 264 ? 1_555 74.6  ? 
18 O   ? A SER 26 ? A SER 26  ? 1_555 CA ? B CA . ? A CA 101 ? 1_555 O   ? C HOH .  ? A HOH 264 ? 1_555 93.1  ? 
19 O   ? A VAL 31 ? A VAL 31  ? 1_555 CA ? B CA . ? A CA 101 ? 1_555 O   ? C HOH .  ? A HOH 264 ? 1_555 88.3  ? 
20 O   ? C HOH .  ? A HOH 218 ? 6_665 CA ? B CA . ? A CA 101 ? 1_555 O   ? C HOH .  ? A HOH 264 ? 1_555 87.4  ? 
21 O   ? C HOH .  ? A HOH 236 ? 6_665 CA ? B CA . ? A CA 101 ? 1_555 O   ? C HOH .  ? A HOH 264 ? 1_555 95.9  ? 
# 
_struct_mon_prot_cis.pdbx_id                1 
_struct_mon_prot_cis.label_comp_id          THR 
_struct_mon_prot_cis.label_seq_id           49 
_struct_mon_prot_cis.label_asym_id          A 
_struct_mon_prot_cis.label_alt_id           . 
_struct_mon_prot_cis.pdbx_PDB_ins_code      ? 
_struct_mon_prot_cis.auth_comp_id           THR 
_struct_mon_prot_cis.auth_seq_id            49 
_struct_mon_prot_cis.auth_asym_id           A 
_struct_mon_prot_cis.pdbx_label_comp_id_2   PRO 
_struct_mon_prot_cis.pdbx_label_seq_id_2    50 
_struct_mon_prot_cis.pdbx_label_asym_id_2   A 
_struct_mon_prot_cis.pdbx_PDB_ins_code_2    ? 
_struct_mon_prot_cis.pdbx_auth_comp_id_2    PRO 
_struct_mon_prot_cis.pdbx_auth_seq_id_2     50 
_struct_mon_prot_cis.pdbx_auth_asym_id_2    A 
_struct_mon_prot_cis.pdbx_PDB_model_num     1 
_struct_mon_prot_cis.pdbx_omega_angle       17.03 
# 
_struct_sheet.id               AA1 
_struct_sheet.type             ? 
_struct_sheet.number_strands   4 
_struct_sheet.details          ? 
# 
loop_
_struct_sheet_order.sheet_id 
_struct_sheet_order.range_id_1 
_struct_sheet_order.range_id_2 
_struct_sheet_order.offset 
_struct_sheet_order.sense 
AA1 1 2 ? anti-parallel 
AA1 2 3 ? anti-parallel 
AA1 3 4 ? anti-parallel 
# 
loop_
_struct_sheet_range.sheet_id 
_struct_sheet_range.id 
_struct_sheet_range.beg_label_comp_id 
_struct_sheet_range.beg_label_asym_id 
_struct_sheet_range.beg_label_seq_id 
_struct_sheet_range.pdbx_beg_PDB_ins_code 
_struct_sheet_range.end_label_comp_id 
_struct_sheet_range.end_label_asym_id 
_struct_sheet_range.end_label_seq_id 
_struct_sheet_range.pdbx_end_PDB_ins_code 
_struct_sheet_range.beg_auth_comp_id 
_struct_sheet_range.beg_auth_asym_id 
_struct_sheet_range.beg_auth_seq_id 
_struct_sheet_range.end_auth_comp_id 
_struct_sheet_range.end_auth_asym_id 
_struct_sheet_range.end_auth_seq_id 
AA1 1 VAL A 31 ? ILE A 36 ? VAL A 31 ILE A 36 
AA1 2 GLN A 42 ? TYR A 47 ? GLN A 42 TYR A 47 
AA1 3 HIS A 3  ? ALA A 10 ? HIS A 3  ALA A 10 
AA1 4 LYS A 66 ? VAL A 68 ? LYS A 66 VAL A 68 
# 
loop_
_pdbx_struct_sheet_hbond.sheet_id 
_pdbx_struct_sheet_hbond.range_id_1 
_pdbx_struct_sheet_hbond.range_id_2 
_pdbx_struct_sheet_hbond.range_1_label_atom_id 
_pdbx_struct_sheet_hbond.range_1_label_comp_id 
_pdbx_struct_sheet_hbond.range_1_label_asym_id 
_pdbx_struct_sheet_hbond.range_1_label_seq_id 
_pdbx_struct_sheet_hbond.range_1_PDB_ins_code 
_pdbx_struct_sheet_hbond.range_1_auth_atom_id 
_pdbx_struct_sheet_hbond.range_1_auth_comp_id 
_pdbx_struct_sheet_hbond.range_1_auth_asym_id 
_pdbx_struct_sheet_hbond.range_1_auth_seq_id 
_pdbx_struct_sheet_hbond.range_2_label_atom_id 
_pdbx_struct_sheet_hbond.range_2_label_comp_id 
_pdbx_struct_sheet_hbond.range_2_label_asym_id 
_pdbx_struct_sheet_hbond.range_2_label_seq_id 
_pdbx_struct_sheet_hbond.range_2_PDB_ins_code 
_pdbx_struct_sheet_hbond.range_2_auth_atom_id 
_pdbx_struct_sheet_hbond.range_2_auth_comp_id 
_pdbx_struct_sheet_hbond.range_2_auth_asym_id 
_pdbx_struct_sheet_hbond.range_2_auth_seq_id 
AA1 1 2 N ASN A 35 ? N ASN A 35 O THR A 44 ? O THR A 44 
AA1 2 3 O TYR A 47 ? O TYR A 47 N HIS A 3  ? N HIS A 3  
AA1 3 4 N TYR A 8  ? N TYR A 8  O VAL A 68 ? O VAL A 68 
# 
_struct_site.id                   AC1 
_struct_site.pdbx_evidence_code   Software 
_struct_site.pdbx_auth_asym_id    A 
_struct_site.pdbx_auth_comp_id    CA 
_struct_site.pdbx_auth_seq_id     101 
_struct_site.pdbx_auth_ins_code   ? 
_struct_site.pdbx_num_residues    6 
_struct_site.details              'binding site for residue CA A 101' 
# 
loop_
_struct_site_gen.id 
_struct_site_gen.site_id 
_struct_site_gen.pdbx_num_res 
_struct_site_gen.label_comp_id 
_struct_site_gen.label_asym_id 
_struct_site_gen.label_seq_id 
_struct_site_gen.pdbx_auth_ins_code 
_struct_site_gen.auth_comp_id 
_struct_site_gen.auth_asym_id 
_struct_site_gen.auth_seq_id 
_struct_site_gen.label_atom_id 
_struct_site_gen.label_alt_id 
_struct_site_gen.symmetry 
_struct_site_gen.details 
1 AC1 6 GLU A 13 ? GLU A 13  . ? 1_555 ? 
2 AC1 6 SER A 26 ? SER A 26  . ? 6_665 ? 
3 AC1 6 VAL A 31 ? VAL A 31  . ? 6_665 ? 
4 AC1 6 HOH C .  ? HOH A 218 . ? 6_665 ? 
5 AC1 6 HOH C .  ? HOH A 236 . ? 6_665 ? 
6 AC1 6 HOH C .  ? HOH A 264 . ? 1_555 ? 
# 
loop_
_pdbx_validate_symm_contact.id 
_pdbx_validate_symm_contact.PDB_model_num 
_pdbx_validate_symm_contact.auth_atom_id_1 
_pdbx_validate_symm_contact.auth_asym_id_1 
_pdbx_validate_symm_contact.auth_comp_id_1 
_pdbx_validate_symm_contact.auth_seq_id_1 
_pdbx_validate_symm_contact.PDB_ins_code_1 
_pdbx_validate_symm_contact.label_alt_id_1 
_pdbx_validate_symm_contact.site_symmetry_1 
_pdbx_validate_symm_contact.auth_atom_id_2 
_pdbx_validate_symm_contact.auth_asym_id_2 
_pdbx_validate_symm_contact.auth_comp_id_2 
_pdbx_validate_symm_contact.auth_seq_id_2 
_pdbx_validate_symm_contact.PDB_ins_code_2 
_pdbx_validate_symm_contact.label_alt_id_2 
_pdbx_validate_symm_contact.site_symmetry_2 
_pdbx_validate_symm_contact.dist 
1 1 C   A PHE 69 ? ? 1_555 O A HOH 244 ? ? 4_655 1.26 
2 1 CG  A PRO 50 ? ? 1_555 O A HOH 309 ? ? 4_545 1.73 
3 1 O   A PHE 69 ? ? 1_555 O A HOH 244 ? ? 4_655 2.13 
4 1 CG2 A ILE 29 ? ? 1_555 O A HOH 309 ? ? 4_545 2.19 
# 
_pdbx_validate_torsion.id              1 
_pdbx_validate_torsion.PDB_model_num   1 
_pdbx_validate_torsion.auth_comp_id    HIS 
_pdbx_validate_torsion.auth_asym_id    A 
_pdbx_validate_torsion.auth_seq_id     32 
_pdbx_validate_torsion.PDB_ins_code    ? 
_pdbx_validate_torsion.label_alt_id    A 
_pdbx_validate_torsion.phi             -105.00 
_pdbx_validate_torsion.psi             -97.13 
# 
_pdbx_validate_main_chain_plane.id                       1 
_pdbx_validate_main_chain_plane.PDB_model_num            1 
_pdbx_validate_main_chain_plane.auth_comp_id             HIS 
_pdbx_validate_main_chain_plane.auth_asym_id             A 
_pdbx_validate_main_chain_plane.auth_seq_id              32 
_pdbx_validate_main_chain_plane.PDB_ins_code             ? 
_pdbx_validate_main_chain_plane.label_alt_id             B 
_pdbx_validate_main_chain_plane.improper_torsion_angle   11.89 
# 
loop_
_chem_comp_atom.comp_id 
_chem_comp_atom.atom_id 
_chem_comp_atom.type_symbol 
_chem_comp_atom.pdbx_aromatic_flag 
_chem_comp_atom.pdbx_stereo_config 
_chem_comp_atom.pdbx_ordinal 
ALA N    N  N N 1   
ALA CA   C  N S 2   
ALA C    C  N N 3   
ALA O    O  N N 4   
ALA CB   C  N N 5   
ALA OXT  O  N N 6   
ALA H    H  N N 7   
ALA H2   H  N N 8   
ALA HA   H  N N 9   
ALA HB1  H  N N 10  
ALA HB2  H  N N 11  
ALA HB3  H  N N 12  
ALA HXT  H  N N 13  
ARG N    N  N N 14  
ARG CA   C  N S 15  
ARG C    C  N N 16  
ARG O    O  N N 17  
ARG CB   C  N N 18  
ARG CG   C  N N 19  
ARG CD   C  N N 20  
ARG NE   N  N N 21  
ARG CZ   C  N N 22  
ARG NH1  N  N N 23  
ARG NH2  N  N N 24  
ARG OXT  O  N N 25  
ARG H    H  N N 26  
ARG H2   H  N N 27  
ARG HA   H  N N 28  
ARG HB2  H  N N 29  
ARG HB3  H  N N 30  
ARG HG2  H  N N 31  
ARG HG3  H  N N 32  
ARG HD2  H  N N 33  
ARG HD3  H  N N 34  
ARG HE   H  N N 35  
ARG HH11 H  N N 36  
ARG HH12 H  N N 37  
ARG HH21 H  N N 38  
ARG HH22 H  N N 39  
ARG HXT  H  N N 40  
ASN N    N  N N 41  
ASN CA   C  N S 42  
ASN C    C  N N 43  
ASN O    O  N N 44  
ASN CB   C  N N 45  
ASN CG   C  N N 46  
ASN OD1  O  N N 47  
ASN ND2  N  N N 48  
ASN OXT  O  N N 49  
ASN H    H  N N 50  
ASN H2   H  N N 51  
ASN HA   H  N N 52  
ASN HB2  H  N N 53  
ASN HB3  H  N N 54  
ASN HD21 H  N N 55  
ASN HD22 H  N N 56  
ASN HXT  H  N N 57  
ASP N    N  N N 58  
ASP CA   C  N S 59  
ASP C    C  N N 60  
ASP O    O  N N 61  
ASP CB   C  N N 62  
ASP CG   C  N N 63  
ASP OD1  O  N N 64  
ASP OD2  O  N N 65  
ASP OXT  O  N N 66  
ASP H    H  N N 67  
ASP H2   H  N N 68  
ASP HA   H  N N 69  
ASP HB2  H  N N 70  
ASP HB3  H  N N 71  
ASP HD2  H  N N 72  
ASP HXT  H  N N 73  
CA  CA   CA N N 74  
GLN N    N  N N 75  
GLN CA   C  N S 76  
GLN C    C  N N 77  
GLN O    O  N N 78  
GLN CB   C  N N 79  
GLN CG   C  N N 80  
GLN CD   C  N N 81  
GLN OE1  O  N N 82  
GLN NE2  N  N N 83  
GLN OXT  O  N N 84  
GLN H    H  N N 85  
GLN H2   H  N N 86  
GLN HA   H  N N 87  
GLN HB2  H  N N 88  
GLN HB3  H  N N 89  
GLN HG2  H  N N 90  
GLN HG3  H  N N 91  
GLN HE21 H  N N 92  
GLN HE22 H  N N 93  
GLN HXT  H  N N 94  
GLU N    N  N N 95  
GLU CA   C  N S 96  
GLU C    C  N N 97  
GLU O    O  N N 98  
GLU CB   C  N N 99  
GLU CG   C  N N 100 
GLU CD   C  N N 101 
GLU OE1  O  N N 102 
GLU OE2  O  N N 103 
GLU OXT  O  N N 104 
GLU H    H  N N 105 
GLU H2   H  N N 106 
GLU HA   H  N N 107 
GLU HB2  H  N N 108 
GLU HB3  H  N N 109 
GLU HG2  H  N N 110 
GLU HG3  H  N N 111 
GLU HE2  H  N N 112 
GLU HXT  H  N N 113 
GLY N    N  N N 114 
GLY CA   C  N N 115 
GLY C    C  N N 116 
GLY O    O  N N 117 
GLY OXT  O  N N 118 
GLY H    H  N N 119 
GLY H2   H  N N 120 
GLY HA2  H  N N 121 
GLY HA3  H  N N 122 
GLY HXT  H  N N 123 
HIS N    N  N N 124 
HIS CA   C  N S 125 
HIS C    C  N N 126 
HIS O    O  N N 127 
HIS CB   C  N N 128 
HIS CG   C  Y N 129 
HIS ND1  N  Y N 130 
HIS CD2  C  Y N 131 
HIS CE1  C  Y N 132 
HIS NE2  N  Y N 133 
HIS OXT  O  N N 134 
HIS H    H  N N 135 
HIS H2   H  N N 136 
HIS HA   H  N N 137 
HIS HB2  H  N N 138 
HIS HB3  H  N N 139 
HIS HD1  H  N N 140 
HIS HD2  H  N N 141 
HIS HE1  H  N N 142 
HIS HE2  H  N N 143 
HIS HXT  H  N N 144 
HOH O    O  N N 145 
HOH H1   H  N N 146 
HOH H2   H  N N 147 
ILE N    N  N N 148 
ILE CA   C  N S 149 
ILE C    C  N N 150 
ILE O    O  N N 151 
ILE CB   C  N S 152 
ILE CG1  C  N N 153 
ILE CG2  C  N N 154 
ILE CD1  C  N N 155 
ILE OXT  O  N N 156 
ILE H    H  N N 157 
ILE H2   H  N N 158 
ILE HA   H  N N 159 
ILE HB   H  N N 160 
ILE HG12 H  N N 161 
ILE HG13 H  N N 162 
ILE HG21 H  N N 163 
ILE HG22 H  N N 164 
ILE HG23 H  N N 165 
ILE HD11 H  N N 166 
ILE HD12 H  N N 167 
ILE HD13 H  N N 168 
ILE HXT  H  N N 169 
LEU N    N  N N 170 
LEU CA   C  N S 171 
LEU C    C  N N 172 
LEU O    O  N N 173 
LEU CB   C  N N 174 
LEU CG   C  N N 175 
LEU CD1  C  N N 176 
LEU CD2  C  N N 177 
LEU OXT  O  N N 178 
LEU H    H  N N 179 
LEU H2   H  N N 180 
LEU HA   H  N N 181 
LEU HB2  H  N N 182 
LEU HB3  H  N N 183 
LEU HG   H  N N 184 
LEU HD11 H  N N 185 
LEU HD12 H  N N 186 
LEU HD13 H  N N 187 
LEU HD21 H  N N 188 
LEU HD22 H  N N 189 
LEU HD23 H  N N 190 
LEU HXT  H  N N 191 
LYS N    N  N N 192 
LYS CA   C  N S 193 
LYS C    C  N N 194 
LYS O    O  N N 195 
LYS CB   C  N N 196 
LYS CG   C  N N 197 
LYS CD   C  N N 198 
LYS CE   C  N N 199 
LYS NZ   N  N N 200 
LYS OXT  O  N N 201 
LYS H    H  N N 202 
LYS H2   H  N N 203 
LYS HA   H  N N 204 
LYS HB2  H  N N 205 
LYS HB3  H  N N 206 
LYS HG2  H  N N 207 
LYS HG3  H  N N 208 
LYS HD2  H  N N 209 
LYS HD3  H  N N 210 
LYS HE2  H  N N 211 
LYS HE3  H  N N 212 
LYS HZ1  H  N N 213 
LYS HZ2  H  N N 214 
LYS HZ3  H  N N 215 
LYS HXT  H  N N 216 
MET N    N  N N 217 
MET CA   C  N S 218 
MET C    C  N N 219 
MET O    O  N N 220 
MET CB   C  N N 221 
MET CG   C  N N 222 
MET SD   S  N N 223 
MET CE   C  N N 224 
MET OXT  O  N N 225 
MET H    H  N N 226 
MET H2   H  N N 227 
MET HA   H  N N 228 
MET HB2  H  N N 229 
MET HB3  H  N N 230 
MET HG2  H  N N 231 
MET HG3  H  N N 232 
MET HE1  H  N N 233 
MET HE2  H  N N 234 
MET HE3  H  N N 235 
MET HXT  H  N N 236 
PHE N    N  N N 237 
PHE CA   C  N S 238 
PHE C    C  N N 239 
PHE O    O  N N 240 
PHE CB   C  N N 241 
PHE CG   C  Y N 242 
PHE CD1  C  Y N 243 
PHE CD2  C  Y N 244 
PHE CE1  C  Y N 245 
PHE CE2  C  Y N 246 
PHE CZ   C  Y N 247 
PHE OXT  O  N N 248 
PHE H    H  N N 249 
PHE H2   H  N N 250 
PHE HA   H  N N 251 
PHE HB2  H  N N 252 
PHE HB3  H  N N 253 
PHE HD1  H  N N 254 
PHE HD2  H  N N 255 
PHE HE1  H  N N 256 
PHE HE2  H  N N 257 
PHE HZ   H  N N 258 
PHE HXT  H  N N 259 
PRO N    N  N N 260 
PRO CA   C  N S 261 
PRO C    C  N N 262 
PRO O    O  N N 263 
PRO CB   C  N N 264 
PRO CG   C  N N 265 
PRO CD   C  N N 266 
PRO OXT  O  N N 267 
PRO H    H  N N 268 
PRO HA   H  N N 269 
PRO HB2  H  N N 270 
PRO HB3  H  N N 271 
PRO HG2  H  N N 272 
PRO HG3  H  N N 273 
PRO HD2  H  N N 274 
PRO HD3  H  N N 275 
PRO HXT  H  N N 276 
SER N    N  N N 277 
SER CA   C  N S 278 
SER C    C  N N 279 
SER O    O  N N 280 
SER CB   C  N N 281 
SER OG   O  N N 282 
SER OXT  O  N N 283 
SER H    H  N N 284 
SER H2   H  N N 285 
SER HA   H  N N 286 
SER HB2  H  N N 287 
SER HB3  H  N N 288 
SER HG   H  N N 289 
SER HXT  H  N N 290 
THR N    N  N N 291 
THR CA   C  N S 292 
THR C    C  N N 293 
THR O    O  N N 294 
THR CB   C  N R 295 
THR OG1  O  N N 296 
THR CG2  C  N N 297 
THR OXT  O  N N 298 
THR H    H  N N 299 
THR H2   H  N N 300 
THR HA   H  N N 301 
THR HB   H  N N 302 
THR HG1  H  N N 303 
THR HG21 H  N N 304 
THR HG22 H  N N 305 
THR HG23 H  N N 306 
THR HXT  H  N N 307 
TYR N    N  N N 308 
TYR CA   C  N S 309 
TYR C    C  N N 310 
TYR O    O  N N 311 
TYR CB   C  N N 312 
TYR CG   C  Y N 313 
TYR CD1  C  Y N 314 
TYR CD2  C  Y N 315 
TYR CE1  C  Y N 316 
TYR CE2  C  Y N 317 
TYR CZ   C  Y N 318 
TYR OH   O  N N 319 
TYR OXT  O  N N 320 
TYR H    H  N N 321 
TYR H2   H  N N 322 
TYR HA   H  N N 323 
TYR HB2  H  N N 324 
TYR HB3  H  N N 325 
TYR HD1  H  N N 326 
TYR HD2  H  N N 327 
TYR HE1  H  N N 328 
TYR HE2  H  N N 329 
TYR HH   H  N N 330 
TYR HXT  H  N N 331 
VAL N    N  N N 332 
VAL CA   C  N S 333 
VAL C    C  N N 334 
VAL O    O  N N 335 
VAL CB   C  N N 336 
VAL CG1  C  N N 337 
VAL CG2  C  N N 338 
VAL OXT  O  N N 339 
VAL H    H  N N 340 
VAL H2   H  N N 341 
VAL HA   H  N N 342 
VAL HB   H  N N 343 
VAL HG11 H  N N 344 
VAL HG12 H  N N 345 
VAL HG13 H  N N 346 
VAL HG21 H  N N 347 
VAL HG22 H  N N 348 
VAL HG23 H  N N 349 
VAL HXT  H  N N 350 
# 
loop_
_chem_comp_bond.comp_id 
_chem_comp_bond.atom_id_1 
_chem_comp_bond.atom_id_2 
_chem_comp_bond.value_order 
_chem_comp_bond.pdbx_aromatic_flag 
_chem_comp_bond.pdbx_stereo_config 
_chem_comp_bond.pdbx_ordinal 
ALA N   CA   sing N N 1   
ALA N   H    sing N N 2   
ALA N   H2   sing N N 3   
ALA CA  C    sing N N 4   
ALA CA  CB   sing N N 5   
ALA CA  HA   sing N N 6   
ALA C   O    doub N N 7   
ALA C   OXT  sing N N 8   
ALA CB  HB1  sing N N 9   
ALA CB  HB2  sing N N 10  
ALA CB  HB3  sing N N 11  
ALA OXT HXT  sing N N 12  
ARG N   CA   sing N N 13  
ARG N   H    sing N N 14  
ARG N   H2   sing N N 15  
ARG CA  C    sing N N 16  
ARG CA  CB   sing N N 17  
ARG CA  HA   sing N N 18  
ARG C   O    doub N N 19  
ARG C   OXT  sing N N 20  
ARG CB  CG   sing N N 21  
ARG CB  HB2  sing N N 22  
ARG CB  HB3  sing N N 23  
ARG CG  CD   sing N N 24  
ARG CG  HG2  sing N N 25  
ARG CG  HG3  sing N N 26  
ARG CD  NE   sing N N 27  
ARG CD  HD2  sing N N 28  
ARG CD  HD3  sing N N 29  
ARG NE  CZ   sing N N 30  
ARG NE  HE   sing N N 31  
ARG CZ  NH1  sing N N 32  
ARG CZ  NH2  doub N N 33  
ARG NH1 HH11 sing N N 34  
ARG NH1 HH12 sing N N 35  
ARG NH2 HH21 sing N N 36  
ARG NH2 HH22 sing N N 37  
ARG OXT HXT  sing N N 38  
ASN N   CA   sing N N 39  
ASN N   H    sing N N 40  
ASN N   H2   sing N N 41  
ASN CA  C    sing N N 42  
ASN CA  CB   sing N N 43  
ASN CA  HA   sing N N 44  
ASN C   O    doub N N 45  
ASN C   OXT  sing N N 46  
ASN CB  CG   sing N N 47  
ASN CB  HB2  sing N N 48  
ASN CB  HB3  sing N N 49  
ASN CG  OD1  doub N N 50  
ASN CG  ND2  sing N N 51  
ASN ND2 HD21 sing N N 52  
ASN ND2 HD22 sing N N 53  
ASN OXT HXT  sing N N 54  
ASP N   CA   sing N N 55  
ASP N   H    sing N N 56  
ASP N   H2   sing N N 57  
ASP CA  C    sing N N 58  
ASP CA  CB   sing N N 59  
ASP CA  HA   sing N N 60  
ASP C   O    doub N N 61  
ASP C   OXT  sing N N 62  
ASP CB  CG   sing N N 63  
ASP CB  HB2  sing N N 64  
ASP CB  HB3  sing N N 65  
ASP CG  OD1  doub N N 66  
ASP CG  OD2  sing N N 67  
ASP OD2 HD2  sing N N 68  
ASP OXT HXT  sing N N 69  
GLN N   CA   sing N N 70  
GLN N   H    sing N N 71  
GLN N   H2   sing N N 72  
GLN CA  C    sing N N 73  
GLN CA  CB   sing N N 74  
GLN CA  HA   sing N N 75  
GLN C   O    doub N N 76  
GLN C   OXT  sing N N 77  
GLN CB  CG   sing N N 78  
GLN CB  HB2  sing N N 79  
GLN CB  HB3  sing N N 80  
GLN CG  CD   sing N N 81  
GLN CG  HG2  sing N N 82  
GLN CG  HG3  sing N N 83  
GLN CD  OE1  doub N N 84  
GLN CD  NE2  sing N N 85  
GLN NE2 HE21 sing N N 86  
GLN NE2 HE22 sing N N 87  
GLN OXT HXT  sing N N 88  
GLU N   CA   sing N N 89  
GLU N   H    sing N N 90  
GLU N   H2   sing N N 91  
GLU CA  C    sing N N 92  
GLU CA  CB   sing N N 93  
GLU CA  HA   sing N N 94  
GLU C   O    doub N N 95  
GLU C   OXT  sing N N 96  
GLU CB  CG   sing N N 97  
GLU CB  HB2  sing N N 98  
GLU CB  HB3  sing N N 99  
GLU CG  CD   sing N N 100 
GLU CG  HG2  sing N N 101 
GLU CG  HG3  sing N N 102 
GLU CD  OE1  doub N N 103 
GLU CD  OE2  sing N N 104 
GLU OE2 HE2  sing N N 105 
GLU OXT HXT  sing N N 106 
GLY N   CA   sing N N 107 
GLY N   H    sing N N 108 
GLY N   H2   sing N N 109 
GLY CA  C    sing N N 110 
GLY CA  HA2  sing N N 111 
GLY CA  HA3  sing N N 112 
GLY C   O    doub N N 113 
GLY C   OXT  sing N N 114 
GLY OXT HXT  sing N N 115 
HIS N   CA   sing N N 116 
HIS N   H    sing N N 117 
HIS N   H2   sing N N 118 
HIS CA  C    sing N N 119 
HIS CA  CB   sing N N 120 
HIS CA  HA   sing N N 121 
HIS C   O    doub N N 122 
HIS C   OXT  sing N N 123 
HIS CB  CG   sing N N 124 
HIS CB  HB2  sing N N 125 
HIS CB  HB3  sing N N 126 
HIS CG  ND1  sing Y N 127 
HIS CG  CD2  doub Y N 128 
HIS ND1 CE1  doub Y N 129 
HIS ND1 HD1  sing N N 130 
HIS CD2 NE2  sing Y N 131 
HIS CD2 HD2  sing N N 132 
HIS CE1 NE2  sing Y N 133 
HIS CE1 HE1  sing N N 134 
HIS NE2 HE2  sing N N 135 
HIS OXT HXT  sing N N 136 
HOH O   H1   sing N N 137 
HOH O   H2   sing N N 138 
ILE N   CA   sing N N 139 
ILE N   H    sing N N 140 
ILE N   H2   sing N N 141 
ILE CA  C    sing N N 142 
ILE CA  CB   sing N N 143 
ILE CA  HA   sing N N 144 
ILE C   O    doub N N 145 
ILE C   OXT  sing N N 146 
ILE CB  CG1  sing N N 147 
ILE CB  CG2  sing N N 148 
ILE CB  HB   sing N N 149 
ILE CG1 CD1  sing N N 150 
ILE CG1 HG12 sing N N 151 
ILE CG1 HG13 sing N N 152 
ILE CG2 HG21 sing N N 153 
ILE CG2 HG22 sing N N 154 
ILE CG2 HG23 sing N N 155 
ILE CD1 HD11 sing N N 156 
ILE CD1 HD12 sing N N 157 
ILE CD1 HD13 sing N N 158 
ILE OXT HXT  sing N N 159 
LEU N   CA   sing N N 160 
LEU N   H    sing N N 161 
LEU N   H2   sing N N 162 
LEU CA  C    sing N N 163 
LEU CA  CB   sing N N 164 
LEU CA  HA   sing N N 165 
LEU C   O    doub N N 166 
LEU C   OXT  sing N N 167 
LEU CB  CG   sing N N 168 
LEU CB  HB2  sing N N 169 
LEU CB  HB3  sing N N 170 
LEU CG  CD1  sing N N 171 
LEU CG  CD2  sing N N 172 
LEU CG  HG   sing N N 173 
LEU CD1 HD11 sing N N 174 
LEU CD1 HD12 sing N N 175 
LEU CD1 HD13 sing N N 176 
LEU CD2 HD21 sing N N 177 
LEU CD2 HD22 sing N N 178 
LEU CD2 HD23 sing N N 179 
LEU OXT HXT  sing N N 180 
LYS N   CA   sing N N 181 
LYS N   H    sing N N 182 
LYS N   H2   sing N N 183 
LYS CA  C    sing N N 184 
LYS CA  CB   sing N N 185 
LYS CA  HA   sing N N 186 
LYS C   O    doub N N 187 
LYS C   OXT  sing N N 188 
LYS CB  CG   sing N N 189 
LYS CB  HB2  sing N N 190 
LYS CB  HB3  sing N N 191 
LYS CG  CD   sing N N 192 
LYS CG  HG2  sing N N 193 
LYS CG  HG3  sing N N 194 
LYS CD  CE   sing N N 195 
LYS CD  HD2  sing N N 196 
LYS CD  HD3  sing N N 197 
LYS CE  NZ   sing N N 198 
LYS CE  HE2  sing N N 199 
LYS CE  HE3  sing N N 200 
LYS NZ  HZ1  sing N N 201 
LYS NZ  HZ2  sing N N 202 
LYS NZ  HZ3  sing N N 203 
LYS OXT HXT  sing N N 204 
MET N   CA   sing N N 205 
MET N   H    sing N N 206 
MET N   H2   sing N N 207 
MET CA  C    sing N N 208 
MET CA  CB   sing N N 209 
MET CA  HA   sing N N 210 
MET C   O    doub N N 211 
MET C   OXT  sing N N 212 
MET CB  CG   sing N N 213 
MET CB  HB2  sing N N 214 
MET CB  HB3  sing N N 215 
MET CG  SD   sing N N 216 
MET CG  HG2  sing N N 217 
MET CG  HG3  sing N N 218 
MET SD  CE   sing N N 219 
MET CE  HE1  sing N N 220 
MET CE  HE2  sing N N 221 
MET CE  HE3  sing N N 222 
MET OXT HXT  sing N N 223 
PHE N   CA   sing N N 224 
PHE N   H    sing N N 225 
PHE N   H2   sing N N 226 
PHE CA  C    sing N N 227 
PHE CA  CB   sing N N 228 
PHE CA  HA   sing N N 229 
PHE C   O    doub N N 230 
PHE C   OXT  sing N N 231 
PHE CB  CG   sing N N 232 
PHE CB  HB2  sing N N 233 
PHE CB  HB3  sing N N 234 
PHE CG  CD1  doub Y N 235 
PHE CG  CD2  sing Y N 236 
PHE CD1 CE1  sing Y N 237 
PHE CD1 HD1  sing N N 238 
PHE CD2 CE2  doub Y N 239 
PHE CD2 HD2  sing N N 240 
PHE CE1 CZ   doub Y N 241 
PHE CE1 HE1  sing N N 242 
PHE CE2 CZ   sing Y N 243 
PHE CE2 HE2  sing N N 244 
PHE CZ  HZ   sing N N 245 
PHE OXT HXT  sing N N 246 
PRO N   CA   sing N N 247 
PRO N   CD   sing N N 248 
PRO N   H    sing N N 249 
PRO CA  C    sing N N 250 
PRO CA  CB   sing N N 251 
PRO CA  HA   sing N N 252 
PRO C   O    doub N N 253 
PRO C   OXT  sing N N 254 
PRO CB  CG   sing N N 255 
PRO CB  HB2  sing N N 256 
PRO CB  HB3  sing N N 257 
PRO CG  CD   sing N N 258 
PRO CG  HG2  sing N N 259 
PRO CG  HG3  sing N N 260 
PRO CD  HD2  sing N N 261 
PRO CD  HD3  sing N N 262 
PRO OXT HXT  sing N N 263 
SER N   CA   sing N N 264 
SER N   H    sing N N 265 
SER N   H2   sing N N 266 
SER CA  C    sing N N 267 
SER CA  CB   sing N N 268 
SER CA  HA   sing N N 269 
SER C   O    doub N N 270 
SER C   OXT  sing N N 271 
SER CB  OG   sing N N 272 
SER CB  HB2  sing N N 273 
SER CB  HB3  sing N N 274 
SER OG  HG   sing N N 275 
SER OXT HXT  sing N N 276 
THR N   CA   sing N N 277 
THR N   H    sing N N 278 
THR N   H2   sing N N 279 
THR CA  C    sing N N 280 
THR CA  CB   sing N N 281 
THR CA  HA   sing N N 282 
THR C   O    doub N N 283 
THR C   OXT  sing N N 284 
THR CB  OG1  sing N N 285 
THR CB  CG2  sing N N 286 
THR CB  HB   sing N N 287 
THR OG1 HG1  sing N N 288 
THR CG2 HG21 sing N N 289 
THR CG2 HG22 sing N N 290 
THR CG2 HG23 sing N N 291 
THR OXT HXT  sing N N 292 
TYR N   CA   sing N N 293 
TYR N   H    sing N N 294 
TYR N   H2   sing N N 295 
TYR CA  C    sing N N 296 
TYR CA  CB   sing N N 297 
TYR CA  HA   sing N N 298 
TYR C   O    doub N N 299 
TYR C   OXT  sing N N 300 
TYR CB  CG   sing N N 301 
TYR CB  HB2  sing N N 302 
TYR CB  HB3  sing N N 303 
TYR CG  CD1  doub Y N 304 
TYR CG  CD2  sing Y N 305 
TYR CD1 CE1  sing Y N 306 
TYR CD1 HD1  sing N N 307 
TYR CD2 CE2  doub Y N 308 
TYR CD2 HD2  sing N N 309 
TYR CE1 CZ   doub Y N 310 
TYR CE1 HE1  sing N N 311 
TYR CE2 CZ   sing Y N 312 
TYR CE2 HE2  sing N N 313 
TYR CZ  OH   sing N N 314 
TYR OH  HH   sing N N 315 
TYR OXT HXT  sing N N 316 
VAL N   CA   sing N N 317 
VAL N   H    sing N N 318 
VAL N   H2   sing N N 319 
VAL CA  C    sing N N 320 
VAL CA  CB   sing N N 321 
VAL CA  HA   sing N N 322 
VAL C   O    doub N N 323 
VAL C   OXT  sing N N 324 
VAL CB  CG1  sing N N 325 
VAL CB  CG2  sing N N 326 
VAL CB  HB   sing N N 327 
VAL CG1 HG11 sing N N 328 
VAL CG1 HG12 sing N N 329 
VAL CG1 HG13 sing N N 330 
VAL CG2 HG21 sing N N 331 
VAL CG2 HG22 sing N N 332 
VAL CG2 HG23 sing N N 333 
VAL OXT HXT  sing N N 334 
# 
loop_
_pdbx_audit_support.funding_organization 
_pdbx_audit_support.country 
_pdbx_audit_support.grant_number 
_pdbx_audit_support.ordinal 
'Sir Henry Dale Welcome and the Royal Society' 'United Kingdom' 098375/Z/12/Z   1 
'CAPES Science without borders scholarship'    Brazil           'BEX 2445/13-1' 2 
# 
_atom_sites.entry_id                    6FF1 
_atom_sites.fract_transf_matrix[1][1]   -0.01822915 
_atom_sites.fract_transf_matrix[1][2]   -0.01297704 
_atom_sites.fract_transf_matrix[1][3]   0.00330750 
_atom_sites.fract_transf_matrix[2][1]   -0.02071136 
_atom_sites.fract_transf_matrix[2][2]   0.00888361 
_atom_sites.fract_transf_matrix[2][3]   -0.00194565 
_atom_sites.fract_transf_matrix[3][1]   -0.00014363 
_atom_sites.fract_transf_matrix[3][2]   -0.00361230 
_atom_sites.fract_transf_matrix[3][3]   -0.01496451 
_atom_sites.fract_transf_vector[1]      0.546112 
_atom_sites.fract_transf_vector[2]      0.099847 
_atom_sites.fract_transf_vector[3]      0.089602 
# 
loop_
_atom_type.symbol 
C  
CA 
N  
O  
S  
# 
loop_
_atom_site.group_PDB 
_atom_site.id 
_atom_site.type_symbol 
_atom_site.label_atom_id 
_atom_site.label_alt_id 
_atom_site.label_comp_id 
_atom_site.label_asym_id 
_atom_site.label_entity_id 
_atom_site.label_seq_id 
_atom_site.pdbx_PDB_ins_code 
_atom_site.Cartn_x 
_atom_site.Cartn_y 
_atom_site.Cartn_z 
_atom_site.occupancy 
_atom_site.B_iso_or_equiv 
_atom_site.pdbx_formal_charge 
_atom_site.auth_seq_id 
_atom_site.auth_comp_id 
_atom_site.auth_asym_id 
_atom_site.auth_atom_id 
_atom_site.pdbx_PDB_model_num 
ATOM   1   N  N   . MET A 1 1  ? 4.498   -9.869  15.185  1.00 37.78  ? 1   MET A N   1 
ATOM   2   C  CA  . MET A 1 1  ? 5.730   -9.249  14.585  1.00 33.23  ? 1   MET A CA  1 
ATOM   3   C  C   . MET A 1 1  ? 5.458   -8.868  13.110  1.00 20.92  ? 1   MET A C   1 
ATOM   4   O  O   . MET A 1 1  ? 5.407   -7.691  12.893  1.00 25.21  ? 1   MET A O   1 
ATOM   5   C  CB  . MET A 1 1  ? 6.990   -9.982  14.735  1.00 46.80  ? 1   MET A CB  1 
ATOM   6   C  CG  . MET A 1 1  ? 8.152   -9.142  14.178  1.00 56.34  ? 1   MET A CG  1 
ATOM   7   S  SD  . MET A 1 1  ? 9.550   -10.167 13.698  1.00 103.68 ? 1   MET A SD  1 
ATOM   8   C  CE  . MET A 1 1  ? 8.807   -11.353 12.568  1.00 80.67  ? 1   MET A CE  1 
ATOM   9   N  N   . ILE A 1 2  ? 5.272   -9.807  12.147  1.00 20.99  ? 2   ILE A N   1 
ATOM   10  C  CA  . ILE A 1 2  ? 4.755   -9.470  10.811  1.00 19.35  ? 2   ILE A CA  1 
ATOM   11  C  C   . ILE A 1 2  ? 3.266   -9.298  10.828  1.00 19.06  ? 2   ILE A C   1 
ATOM   12  O  O   . ILE A 1 2  ? 2.567   -10.139 11.331  1.00 26.68  ? 2   ILE A O   1 
ATOM   13  C  CB  . ILE A 1 2  ? 5.017   -10.574 9.753   1.00 26.25  ? 2   ILE A CB  1 
ATOM   14  C  CG1 . ILE A 1 2  ? 6.453   -10.858 9.621   1.00 29.77  ? 2   ILE A CG1 1 
ATOM   15  C  CG2 . ILE A 1 2  ? 4.467   -10.114 8.372   1.00 32.56  ? 2   ILE A CG2 1 
ATOM   16  C  CD1 . ILE A 1 2  ? 7.236   -9.835  8.900   1.00 31.39  ? 2   ILE A CD1 1 
ATOM   17  N  N   . HIS A 1 3  ? 2.813   -8.173  10.342  1.00 15.38  ? 3   HIS A N   1 
ATOM   18  C  CA  . HIS A 1 3  ? 1.387   -7.855  10.207  1.00 15.98  ? 3   HIS A CA  1 
ATOM   19  C  C   . HIS A 1 3  ? 0.998   -7.960  8.754   1.00 14.96  ? 3   HIS A C   1 
ATOM   20  O  O   . HIS A 1 3  ? 1.819   -7.736  7.854   1.00 16.61  ? 3   HIS A O   1 
ATOM   21  C  CB  . HIS A 1 3  ? 1.147   -6.450  10.679  1.00 18.40  ? 3   HIS A CB  1 
ATOM   22  C  CG  . HIS A 1 3  ? 1.534   -6.262  12.089  1.00 21.91  ? 3   HIS A CG  1 
ATOM   23  N  ND1 . HIS A 1 3  ? 2.560   -5.446  12.491  1.00 26.67  ? 3   HIS A ND1 1 
ATOM   24  C  CD2 . HIS A 1 3  ? 1.057   -6.872  13.205  1.00 23.11  ? 3   HIS A CD2 1 
ATOM   25  C  CE1 . HIS A 1 3  ? 2.629   -5.478  13.823  1.00 24.27  ? 3   HIS A CE1 1 
ATOM   26  N  NE2 . HIS A 1 3  ? 1.775   -6.389  14.264  1.00 29.67  ? 3   HIS A NE2 1 
ATOM   27  N  N   . GLN A 1 4  ? -0.246  -8.343  8.499   1.00 16.35  ? 4   GLN A N   1 
ATOM   28  C  CA  . GLN A 1 4  ? -0.781  -8.330  7.179   1.00 16.82  ? 4   GLN A CA  1 
ATOM   29  C  C   . GLN A 1 4  ? -2.049  -7.526  7.227   1.00 15.23  ? 4   GLN A C   1 
ATOM   30  O  O   . GLN A 1 4  ? -2.898  -7.721  8.096   1.00 19.42  ? 4   GLN A O   1 
ATOM   31  C  CB  . GLN A 1 4  ? -1.048  -9.734  6.656   1.00 23.37  ? 4   GLN A CB  1 
ATOM   32  C  CG  . GLN A 1 4  ? -1.452  -9.702  5.172   1.00 32.06  ? 4   GLN A CG  1 
ATOM   33  C  CD  . GLN A 1 4  ? -1.338  -11.004 4.416   1.00 49.08  ? 4   GLN A CD  1 
ATOM   34  O  OE1 . GLN A 1 4  ? -1.239  -10.986 3.176   1.00 65.44  ? 4   GLN A OE1 1 
ATOM   35  N  NE2 . GLN A 1 4  ? -1.335  -12.139 5.138   1.00 62.12  ? 4   GLN A NE2 1 
ATOM   36  N  N   . ASN A 1 5  ? -2.208  -6.639  6.268   1.00 14.25  ? 5   ASN A N   1 
ATOM   37  C  CA  . ASN A 1 5  ? -3.438  -5.853  6.117   1.00 14.75  ? 5   ASN A CA  1 
ATOM   38  C  C   . ASN A 1 5  ? -3.845  -5.775  4.670   1.00 13.90  ? 5   ASN A C   1 
ATOM   39  O  O   . ASN A 1 5  ? -2.991  -5.762  3.749   1.00 14.61  ? 5   ASN A O   1 
ATOM   40  C  CB  . ASN A 1 5  ? -3.246  -4.414  6.560   1.00 17.21  ? 5   ASN A CB  1 
ATOM   41  C  CG  . ASN A 1 5  ? -3.250  -4.200  8.008   1.00 18.42  ? 5   ASN A CG  1 
ATOM   42  O  OD1 . ASN A 1 5  ? -2.315  -4.532  8.712   1.00 20.24  ? 5   ASN A OD1 1 
ATOM   43  N  ND2 . ASN A 1 5  ? -4.340  -3.588  8.490   1.00 20.34  ? 5   ASN A ND2 1 
ATOM   44  N  N   . THR A 1 6  ? -5.147  -5.688  4.481   1.00 12.95  ? 6   THR A N   1 
ATOM   45  C  CA  . THR A 1 6  ? -5.737  -5.257  3.212   1.00 12.95  ? 6   THR A CA  1 
ATOM   46  C  C   . THR A 1 6  ? -6.218  -3.852  3.411   1.00 12.62  ? 6   THR A C   1 
ATOM   47  O  O   . THR A 1 6  ? -6.990  -3.586  4.322   1.00 15.11  ? 6   THR A O   1 
ATOM   48  C  CB  . THR A 1 6  ? -6.846  -6.186  2.786   1.00 15.27  ? 6   THR A CB  1 
ATOM   49  O  OG1 . THR A 1 6  ? -6.343  -7.519  2.698   1.00 20.31  ? 6   THR A OG1 1 
ATOM   50  C  CG2 . THR A 1 6  ? -7.434  -5.724  1.451   1.00 17.51  ? 6   THR A CG2 1 
ATOM   51  N  N   . ILE A 1 7  ? -5.717  -2.954  2.606   1.00 12.11  ? 7   ILE A N   1 
ATOM   52  C  CA  . ILE A 1 7  ? -6.057  -1.549  2.626   1.00 11.64  ? 7   ILE A CA  1 
ATOM   53  C  C   . ILE A 1 7  ? -6.950  -1.277  1.438   1.00 11.58  ? 7   ILE A C   1 
ATOM   54  O  O   . ILE A 1 7  ? -6.569  -1.625  0.291   1.00 13.21  ? 7   ILE A O   1 
ATOM   55  C  CB  . ILE A 1 7  ? -4.822  -0.662  2.601   1.00 12.80  ? 7   ILE A CB  1 
ATOM   56  C  CG1 . ILE A 1 7  ? -3.866  -1.025  3.732   1.00 14.35  ? 7   ILE A CG1 1 
ATOM   57  C  CG2 . ILE A 1 7  ? -5.228  0.780   2.604   1.00 12.66  ? 7   ILE A CG2 1 
ATOM   58  C  CD1 . ILE A 1 7  ? -2.493  -0.396  3.616   1.00 14.10  ? 7   ILE A CD1 1 
ATOM   59  N  N   . TYR A 1 8  ? -8.104  -0.685  1.674   1.00 11.15  ? 8   TYR A N   1 
ATOM   60  C  CA  . TYR A 1 8  ? -9.097  -0.492  0.628   1.00 11.80  ? 8   TYR A CA  1 
ATOM   61  C  C   . TYR A 1 8  ? -9.007  0.913   0.107   1.00 11.63  ? 8   TYR A C   1 
ATOM   62  O  O   . TYR A 1 8  ? -9.395  1.871   0.749   1.00 12.84  ? 8   TYR A O   1 
ATOM   63  C  CB  . TYR A 1 8  ? -10.487 -0.795  1.164   1.00 12.11  ? 8   TYR A CB  1 
ATOM   64  C  CG  . TYR A 1 8  ? -10.659 -2.237  1.522   1.00 12.64  ? 8   TYR A CG  1 
ATOM   65  C  CD1 . TYR A 1 8  ? -10.195 -2.729  2.756   1.00 14.45  ? 8   TYR A CD1 1 
ATOM   66  C  CD2 . TYR A 1 8  ? -11.241 -3.130  0.629   1.00 13.41  ? 8   TYR A CD2 1 
ATOM   67  C  CE1 . TYR A 1 8  ? -10.337 -4.069  3.072   1.00 17.31  ? 8   TYR A CE1 1 
ATOM   68  C  CE2 . TYR A 1 8  ? -11.402 -4.457  0.995   1.00 16.14  ? 8   TYR A CE2 1 
ATOM   69  C  CZ  . TYR A 1 8  ? -10.940 -4.907  2.203   1.00 16.90  ? 8   TYR A CZ  1 
ATOM   70  O  OH  . TYR A 1 8  ? -11.103 -6.245  2.552   1.00 23.34  ? 8   TYR A OH  1 
ATOM   71  N  N   . THR A 1 9  ? -8.360  1.042   -1.037  1.00 13.53  ? 9   THR A N   1 
ATOM   72  C  CA  . THR A 1 9  ? -8.094  2.357   -1.621  1.00 13.07  ? 9   THR A CA  1 
ATOM   73  C  C   . THR A 1 9  ? -9.135  2.724   -2.647  1.00 12.90  ? 9   THR A C   1 
ATOM   74  O  O   . THR A 1 9  ? -9.870  1.862   -3.150  1.00 14.44  ? 9   THR A O   1 
ATOM   75  C  CB  . THR A 1 9  ? -6.727  2.471   -2.257  1.00 13.14  ? 9   THR A CB  1 
ATOM   76  O  OG1 . THR A 1 9  ? -6.701  1.786   -3.499  1.00 12.96  ? 9   THR A OG1 1 
ATOM   77  C  CG2 . THR A 1 9  ? -5.648  1.951   -1.337  1.00 14.33  ? 9   THR A CG2 1 
ATOM   78  N  N   . ALA A 1 10 ? -9.124  3.989   -3.027  1.00 14.11  ? 10  ALA A N   1 
ATOM   79  C  CA  . ALA A 1 10 ? -9.857  4.518   -4.147  1.00 15.08  ? 10  ALA A CA  1 
ATOM   80  C  C   . ALA A 1 10 ? -8.955  5.505   -4.851  1.00 16.13  ? 10  ALA A C   1 
ATOM   81  O  O   . ALA A 1 10 ? -8.167  6.229   -4.210  1.00 16.73  ? 10  ALA A O   1 
ATOM   82  C  CB  . ALA A 1 10 ? -11.130 5.182   -3.650  1.00 19.49  ? 10  ALA A CB  1 
ATOM   83  N  N   . GLY A 1 11 ? -9.115  5.579   -6.166  1.00 14.82  ? 11  GLY A N   1 
ATOM   84  C  CA  . GLY A 1 11 ? -8.375  6.513   -6.972  1.00 15.32  ? 11  GLY A CA  1 
ATOM   85  C  C   . GLY A 1 11 ? -7.260  5.988   -7.828  1.00 13.51  ? 11  GLY A C   1 
ATOM   86  O  O   . GLY A 1 11 ? -6.781  6.695   -8.691  1.00 16.60  ? 11  GLY A O   1 
ATOM   87  N  N   . ILE A 1 12 ? -6.848  4.740   -7.625  1.00 12.33  ? 12  ILE A N   1 
ATOM   88  C  CA  . ILE A 1 12 ? -5.787  4.161   -8.384  1.00 12.44  ? 12  ILE A CA  1 
ATOM   89  C  C   . ILE A 1 12 ? -6.424  3.624   -9.669  1.00 14.37  ? 12  ILE A C   1 
ATOM   90  O  O   . ILE A 1 12 ? -7.308  2.780   -9.632  1.00 15.94  ? 12  ILE A O   1 
ATOM   91  C  CB  . ILE A 1 12 ? -5.042  3.050   -7.648  1.00 12.54  ? 12  ILE A CB  1 
ATOM   92  C  CG1 . ILE A 1 12 ? -4.525  3.539   -6.298  1.00 12.46  ? 12  ILE A CG1 1 
ATOM   93  C  CG2 . ILE A 1 12 ? -3.977  2.458   -8.531  1.00 14.46  ? 12  ILE A CG2 1 
ATOM   94  C  CD1 . ILE A 1 12 ? -4.025  2.384   -5.426  1.00 14.76  ? 12  ILE A CD1 1 
ATOM   95  N  N   . GLU A 1 13 ? -5.957  4.132   -10.808 1.00 11.18  ? 13  GLU A N   1 
ATOM   96  C  CA  . GLU A 1 13 ? -6.601  3.870   -12.079 1.00 11.42  ? 13  GLU A CA  1 
ATOM   97  C  C   . GLU A 1 13 ? -5.702  3.365   -13.168 1.00 12.25  ? 13  GLU A C   1 
ATOM   98  O  O   . GLU A 1 13 ? -6.244  2.741   -14.088 1.00 13.55  ? 13  GLU A O   1 
ATOM   99  C  CB  . GLU A 1 13 ? -7.355  5.101   -12.543 1.00 11.71  ? 13  GLU A CB  1 
ATOM   100 C  CG  . GLU A 1 13 ? -8.500  5.436   -11.628 1.00 12.51  ? 13  GLU A CG  1 
ATOM   101 C  CD  . GLU A 1 13 ? -9.321  6.646   -11.945 1.00 12.96  ? 13  GLU A CD  1 
ATOM   102 O  OE1 . GLU A 1 13 ? -8.963  7.415   -12.821 1.00 13.89  ? 13  GLU A OE1 1 
ATOM   103 O  OE2 . GLU A 1 13 ? -10.338 6.848   -11.285 1.00 15.24  ? 13  GLU A OE2 1 
ATOM   104 N  N   . THR A 1 14 ? -4.410  3.602   -13.131 1.00 11.99  ? 14  THR A N   1 
ATOM   105 C  CA  . THR A 1 14 ? -3.560  3.196   -14.235 1.00 12.50  ? 14  THR A CA  1 
ATOM   106 C  C   . THR A 1 14 ? -2.496  2.246   -13.776 1.00 12.28  ? 14  THR A C   1 
ATOM   107 O  O   . THR A 1 14 ? -2.081  2.214   -12.606 1.00 13.64  ? 14  THR A O   1 
ATOM   108 C  CB  . THR A 1 14 ? -2.886  4.378   -14.895 1.00 13.62  ? 14  THR A CB  1 
ATOM   109 O  OG1 . THR A 1 14 ? -1.880  4.908   -14.044 1.00 14.30  ? 14  THR A OG1 1 
ATOM   110 C  CG2 . THR A 1 14 ? -3.884  5.417   -15.327 1.00 14.93  ? 14  THR A CG2 1 
ATOM   111 N  N   . GLU A 1 15 ? -1.949  1.508   -14.723 1.00 14.61  ? 15  GLU A N   1 
ATOM   112 C  CA  . GLU A 1 15 ? -0.825  0.625   -14.437 1.00 15.71  ? 15  GLU A CA  1 
ATOM   113 C  C   . GLU A 1 15 ? 0.398   1.370   -13.921 1.00 14.90  ? 15  GLU A C   1 
ATOM   114 O  O   . GLU A 1 15 ? 1.095   0.871   -13.000 1.00 16.08  ? 15  GLU A O   1 
ATOM   115 C  CB  . GLU A 1 15 ? -0.411  -0.175  -15.696 1.00 19.94  ? 15  GLU A CB  1 
ATOM   116 C  CG  . GLU A 1 15 ? -1.371  -1.250  -16.016 1.00 25.65  ? 15  GLU A CG  1 
ATOM   117 C  CD  . GLU A 1 15 ? -0.852  -2.285  -17.024 1.00 29.20  ? 15  GLU A CD  1 
ATOM   118 O  OE1 . GLU A 1 15 ? 0.052   -1.941  -17.806 1.00 35.16  ? 15  GLU A OE1 1 
ATOM   119 O  OE2 . GLU A 1 15 ? -1.419  -3.414  -17.047 1.00 48.85  ? 15  GLU A OE2 1 
ATOM   120 N  N   . GLU A 1 16 ? 0.620   2.558   -14.421 1.00 14.65  ? 16  GLU A N   1 
ATOM   121 C  CA  . GLU A 1 16 ? 1.718   3.342   -13.965 1.00 16.76  ? 16  GLU A CA  1 
ATOM   122 C  C   . GLU A 1 16 ? 1.518   3.736   -12.488 1.00 14.88  ? 16  GLU A C   1 
ATOM   123 O  O   . GLU A 1 16 ? 2.476   3.697   -11.681 1.00 16.77  ? 16  GLU A O   1 
ATOM   124 C  CB  . GLU A 1 16 ? 1.929   4.586   -14.815 1.00 19.21  ? 16  GLU A CB  1 
ATOM   125 C  CG  . GLU A 1 16 ? 3.020   5.560   -14.353 1.00 29.10  ? 16  GLU A CG  1 
ATOM   126 C  CD  . GLU A 1 16 ? 3.285   6.670   -15.420 1.00 47.66  ? 16  GLU A CD  1 
ATOM   127 O  OE1 . GLU A 1 16 ? 2.762   6.557   -16.569 1.00 73.76  ? 16  GLU A OE1 1 
ATOM   128 O  OE2 . GLU A 1 16 ? 4.013   7.658   -15.118 1.00 66.89  ? 16  GLU A OE2 1 
ATOM   129 N  N   . GLN A 1 17 ? 0.312   4.133   -12.145 1.00 13.70  ? 17  GLN A N   1 
ATOM   130 C  CA  . GLN A 1 17 ? 0.007   4.446   -10.761 1.00 13.02  ? 17  GLN A CA  1 
ATOM   131 C  C   . GLN A 1 17 ? 0.251   3.274   -9.865  1.00 12.57  ? 17  GLN A C   1 
ATOM   132 O  O   . GLN A 1 17 ? 0.804   3.418   -8.760  1.00 13.52  ? 17  GLN A O   1 
ATOM   133 C  CB  . GLN A 1 17 ? -1.379  4.950   -10.641 1.00 13.09  ? 17  GLN A CB  1 
ATOM   134 C  CG  . GLN A 1 17 ? -1.645  6.341   -11.189 1.00 13.25  ? 17  GLN A CG  1 
ATOM   135 C  CD  . GLN A 1 17 ? -3.094  6.715   -11.211 1.00 14.08  ? 17  GLN A CD  1 
ATOM   136 O  OE1 . GLN A 1 17 ? -3.942  5.849   -11.386 1.00 17.73  ? 17  GLN A OE1 1 
ATOM   137 N  NE2 . GLN A 1 17 ? -3.412  7.983   -11.042 1.00 15.86  ? 17  GLN A NE2 1 
ATOM   138 N  N   . VAL A 1 18 ? -0.188  2.089   -10.291 1.00 12.48  ? 18  VAL A N   1 
ATOM   139 C  CA  . VAL A 1 18 ? -0.011  0.887   -9.526  1.00 12.22  ? 18  VAL A CA  1 
ATOM   140 C  C   . VAL A 1 18 ? 1.463   0.594   -9.322  1.00 14.12  ? 18  VAL A C   1 
ATOM   141 O  O   . VAL A 1 18 ? 1.898   0.268   -8.217  1.00 14.50  ? 18  VAL A O   1 
ATOM   142 C  CB  . VAL A 1 18 ? -0.735  -0.314  -10.159 1.00 13.84  ? 18  VAL A CB  1 
ATOM   143 C  CG1 . VAL A 1 18 ? -0.287  -1.613  -9.527  1.00 14.61  ? 18  VAL A CG1 1 
ATOM   144 C  CG2 . VAL A 1 18 ? -2.223  -0.127  -10.136 1.00 14.42  ? 18  VAL A CG2 1 
ATOM   145 N  N   . SER A 1 19 ? 2.224   0.671   -10.394 1.00 14.07  ? 19  SER A N   1 
ATOM   146 C  CA  . SER A 1 19 ? 3.643   0.412   -10.339 1.00 16.76  ? 19  SER A CA  1 
ATOM   147 C  C   . SER A 1 19 ? 4.354   1.338   -9.372  1.00 14.98  ? 19  SER A C   1 
ATOM   148 O  O   . SER A 1 19 ? 5.166   0.867   -8.536  1.00 16.03  ? 19  SER A O   1 
ATOM   149 C  CB  . SER A 1 19 ? 4.272   0.513   -11.747 1.00 20.82  ? 19  SER A CB  1 
ATOM   150 O  OG  . SER A 1 19 ? 3.718   -0.491  -12.567 1.00 33.38  ? 19  SER A OG  1 
ATOM   151 N  N   . GLN A 1 20 ? 4.062   2.610   -9.455  1.00 14.82  ? 20  GLN A N   1 
ATOM   152 C  CA  . GLN A 1 20 ? 4.712   3.600   -8.607  1.00 15.31  ? 20  GLN A CA  1 
ATOM   153 C  C   . GLN A 1 20 ? 4.372   3.382   -7.138  1.00 14.43  ? 20  GLN A C   1 
ATOM   154 O  O   . GLN A 1 20 ? 5.273   3.416   -6.284  1.00 15.46  ? 20  GLN A O   1 
ATOM   155 C  CB  . GLN A 1 20 ? 4.359   5.012   -9.017  1.00 16.94  ? 20  GLN A CB  1 
ATOM   156 C  CG  . GLN A 1 20 ? 4.861   6.119   -8.078  1.00 26.04  ? 20  GLN A CG  1 
ATOM   157 C  CD  . GLN A 1 20 ? 6.373   6.222   -7.854  1.00 41.13  ? 20  GLN A CD  1 
ATOM   158 O  OE1 . GLN A 1 20 ? 7.177   5.390   -8.326  1.00 54.07  ? 20  GLN A OE1 1 
ATOM   159 N  NE2 . GLN A 1 20 ? 6.768   7.242   -7.080  1.00 46.78  ? 20  GLN A NE2 1 
ATOM   160 N  N   . LEU A 1 21 ? 3.112   3.150   -6.827  1.00 12.69  ? 21  LEU A N   1 
ATOM   161 C  CA  . LEU A 1 21 ? 2.722   2.968   -5.450  1.00 12.33  ? 21  LEU A CA  1 
ATOM   162 C  C   . LEU A 1 21 ? 3.245   1.661   -4.913  1.00 12.53  ? 21  LEU A C   1 
ATOM   163 O  O   . LEU A 1 21 ? 3.698   1.572   -3.753  1.00 13.61  ? 21  LEU A O   1 
ATOM   164 C  CB  . LEU A 1 21 ? 1.214   3.051   -5.337  1.00 13.28  ? 21  LEU A CB  1 
ATOM   165 C  CG  . LEU A 1 21 ? 0.663   2.928   -3.927  1.00 12.96  ? 21  LEU A CG  1 
ATOM   166 C  CD1 . LEU A 1 21 ? 1.154   4.052   -3.040  1.00 12.99  ? 21  LEU A CD1 1 
ATOM   167 C  CD2 . LEU A 1 21 ? -0.848  2.890   -3.957  1.00 13.77  ? 21  LEU A CD2 1 
ATOM   168 N  N   . THR A 1 22 ? 3.241   0.608   -5.739  1.00 12.78  ? 22  THR A N   1 
ATOM   169 C  CA  . THR A 1 22 ? 3.798   -0.644  -5.320  1.00 12.68  ? 22  THR A CA  1 
ATOM   170 C  C   . THR A 1 22 ? 5.250   -0.475  -4.908  1.00 13.17  ? 22  THR A C   1 
ATOM   171 O  O   . THR A 1 22 ? 5.683   -1.014  -3.882  1.00 14.58  ? 22  THR A O   1 
ATOM   172 C  CB  . THR A 1 22 ? 3.648   -1.719  -6.387  1.00 14.65  ? 22  THR A CB  1 
ATOM   173 O  OG1 . THR A 1 22 ? 2.248   -1.920  -6.664  1.00 14.83  ? 22  THR A OG1 1 
ATOM   174 C  CG2 . THR A 1 22 ? 4.230   -3.005  -5.953  1.00 16.02  ? 22  THR A CG2 1 
ATOM   175 N  N   . GLU A 1 23 ? 6.029   0.181   -5.744  1.00 13.57  ? 23  GLU A N   1 
ATOM   176 C  CA  . GLU A 1 23 ? 7.437   0.358   -5.456  1.00 15.79  ? 23  GLU A CA  1 
ATOM   177 C  C   . GLU A 1 23 ? 7.664   1.193   -4.203  1.00 14.10  ? 23  GLU A C   1 
ATOM   178 O  O   . GLU A 1 23 ? 8.477   0.818   -3.365  1.00 14.74  ? 23  GLU A O   1 
ATOM   179 C  CB  . GLU A 1 23 ? 8.136   0.995   -6.688  1.00 17.79  ? 23  GLU A CB  1 
ATOM   180 C  CG  . GLU A 1 23 ? 9.606   1.157   -6.505  1.00 22.75  ? 23  GLU A CG  1 
ATOM   181 C  CD  . GLU A 1 23 ? 10.442  -0.093  -6.837  1.00 40.46  ? 23  GLU A CD  1 
ATOM   182 O  OE1 . GLU A 1 23 ? 9.886   -1.217  -6.869  1.00 51.68  ? 23  GLU A OE1 1 
ATOM   183 O  OE2 . GLU A 1 23 ? 11.672  0.057   -7.081  1.00 63.41  ? 23  GLU A OE2 1 
ATOM   184 N  N   . ARG A 1 24 ? 6.963   2.299   -4.088  1.00 13.08  ? 24  ARG A N   1 
ATOM   185 C  CA  . ARG A 1 24 ? 7.102   3.176   -2.944  1.00 13.25  ? 24  ARG A CA  1 
ATOM   186 C  C   . ARG A 1 24 ? 6.747   2.454   -1.643  1.00 13.49  ? 24  ARG A C   1 
ATOM   187 O  O   . ARG A 1 24 ? 7.492   2.571   -0.656  1.00 15.07  ? 24  ARG A O   1 
ATOM   188 C  CB  . ARG A 1 24 ? 6.325   4.450   -3.092  1.00 15.58  ? 24  ARG A CB  1 
ATOM   189 C  CG  . ARG A 1 24 ? 6.880   5.387   -4.137  1.00 18.80  ? 24  ARG A CG  1 
ATOM   190 C  CD  . ARG A 1 24 ? 7.983   6.240   -3.537  1.00 21.94  ? 24  ARG A CD  1 
ATOM   191 N  NE  . ARG A 1 24 ? 7.538   7.075   -2.456  1.00 26.33  ? 24  ARG A NE  1 
ATOM   192 C  CZ  . ARG A 1 24 ? 8.318   7.816   -1.712  1.00 27.15  ? 24  ARG A CZ  1 
ATOM   193 N  NH1 . ARG A 1 24 ? 9.609   7.940   -2.009  1.00 36.37  ? 24  ARG A NH1 1 
ATOM   194 N  NH2 . ARG A 1 24 ? 7.843   8.527   -0.704  1.00 35.39  ? 24  ARG A NH2 1 
ATOM   195 N  N   . ILE A 1 25 ? 5.625   1.740   -1.613  1.00 11.72  ? 25  ILE A N   1 
ATOM   196 C  CA  . ILE A 1 25 ? 5.290   1.029   -0.421  1.00 12.24  ? 25  ILE A CA  1 
ATOM   197 C  C   . ILE A 1 25 ? 6.279   -0.100  -0.177  1.00 12.16  ? 25  ILE A C   1 
ATOM   198 O  O   . ILE A 1 25 ? 6.797   -0.279  0.957   1.00 12.64  ? 25  ILE A O   1 
ATOM   199 C  CB  . ILE A 1 25 ? 3.870   0.495   -0.474  1.00 12.46  ? 25  ILE A CB  1 
ATOM   200 C  CG1 . ILE A 1 25 ? 2.870   1.655   -0.530  1.00 12.29  ? 25  ILE A CG1 1 
ATOM   201 C  CG2 . ILE A 1 25 ? 3.609   -0.415  0.704   1.00 13.55  ? 25  ILE A CG2 1 
ATOM   202 C  CD1 . ILE A 1 25 ? 1.436   1.177   -0.714  1.00 13.44  ? 25  ILE A CD1 1 
ATOM   203 N  N   . SER A 1 26 ? 6.629   -0.868  -1.189  1.00 11.93  ? 26  SER A N   1 
ATOM   204 C  CA  . SER A 1 26 ? 7.491   -2.013  -1.024  1.00 12.53  ? 26  SER A CA  1 
ATOM   205 C  C   . SER A 1 26 ? 8.848   -1.596  -0.461  1.00 12.54  ? 26  SER A C   1 
ATOM   206 O  O   . SER A 1 26 ? 9.446   -2.346  0.272   1.00 13.47  ? 26  SER A O   1 
ATOM   207 C  CB  . SER A 1 26 ? 7.787   -2.702  -2.362  1.00 14.24  ? 26  SER A CB  1 
ATOM   208 O  OG  . SER A 1 26 ? 6.625   -3.334  -2.825  1.00 16.15  ? 26  SER A OG  1 
ATOM   209 N  N   . ASN A 1 27 ? 9.336   -0.467  -0.870  1.00 11.87  ? 27  ASN A N   1 
ATOM   210 C  CA  . ASN A 1 27 ? 10.655  -0.005  -0.470  1.00 14.27  ? 27  ASN A CA  1 
ATOM   211 C  C   . ASN A 1 27 ? 10.744  0.657   0.876   1.00 14.05  ? 27  ASN A C   1 
ATOM   212 O  O   . ASN A 1 27 ? 11.846  0.943   1.369   1.00 15.52  ? 27  ASN A O   1 
ATOM   213 C  CB  . ASN A 1 27 ? 11.292  0.862   -1.547  1.00 14.76  ? 27  ASN A CB  1 
ATOM   214 C  CG  . ASN A 1 27 ? 11.630  0.034   -2.819  1.00 16.18  ? 27  ASN A CG  1 
ATOM   215 O  OD1 . ASN A 1 27 ? 11.613  -1.185  -2.807  1.00 18.74  ? 27  ASN A OD1 1 
ATOM   216 N  ND2 . ASN A 1 27 ? 11.862  0.730   -3.877  1.00 20.01  ? 27  ASN A ND2 1 
ATOM   217 N  N   . MET A 1 28 ? 9.593   0.831   1.536   1.00 12.41  ? 28  MET A N   1 
ATOM   218 C  CA  . MET A 1 28 ? 9.631   1.235   2.915   1.00 12.72  ? 28  MET A CA  1 
ATOM   219 C  C   . MET A 1 28 ? 10.288  0.136   3.731   1.00 12.65  ? 28  MET A C   1 
ATOM   220 O  O   . MET A 1 28 ? 10.014  -1.042  3.560   1.00 12.56  ? 28  MET A O   1 
ATOM   221 C  CB  . MET A 1 28 ? 8.207   1.464   3.425   1.00 13.84  ? 28  MET A CB  1 
ATOM   222 C  CG  . MET A 1 28 ? 7.541   2.614   2.766   1.00 14.94  ? 28  MET A CG  1 
ATOM   223 S  SD  . MET A 1 28 ? 5.794   2.712   3.260   1.00 16.65  ? 28  MET A SD  1 
ATOM   224 C  CE  . MET A 1 28 ? 5.905   3.132   4.899   1.00 22.12  ? 28  MET A CE  1 
ATOM   225 N  N   . ILE A 1 29 ? 11.190  0.541   4.635   1.00 12.90  ? 29  ILE A N   1 
ATOM   226 C  CA  . ILE A 1 29 ? 11.816  -0.443  5.494   1.00 13.02  ? 29  ILE A CA  1 
ATOM   227 C  C   . ILE A 1 29 ? 10.769  -1.161  6.324   1.00 12.40  ? 29  ILE A C   1 
ATOM   228 O  O   . ILE A 1 29 ? 9.927   -0.513  6.922   1.00 13.95  ? 29  ILE A O   1 
ATOM   229 C  CB  . ILE A 1 29 ? 12.897  0.144   6.367   1.00 14.67  ? 29  ILE A CB  1 
ATOM   230 C  CG1 . ILE A 1 29 ? 13.980  0.781   5.506   1.00 17.25  ? 29  ILE A CG1 1 
ATOM   231 C  CG2 . ILE A 1 29 ? 13.469  -0.939  7.284   1.00 14.58  ? 29  ILE A CG2 1 
ATOM   232 C  CD1 . ILE A 1 29 ? 14.770  -0.157  4.674   1.00 19.35  ? 29  ILE A CD1 1 
ATOM   233 N  N   . GLY A 1 30 ? 10.800  -2.488  6.323   1.00 12.05  ? 30  GLY A N   1 
ATOM   234 C  CA  . GLY A 1 30 ? 9.830   -3.289  7.046   1.00 12.36  ? 30  GLY A CA  1 
ATOM   235 C  C   . GLY A 1 30 ? 8.683   -3.790  6.223   1.00 12.08  ? 30  GLY A C   1 
ATOM   236 O  O   . GLY A 1 30 ? 7.946   -4.647  6.688   1.00 13.10  ? 30  GLY A O   1 
ATOM   237 N  N   . VAL A 1 31 ? 8.509   -3.216  5.019   1.00 11.61  ? 31  VAL A N   1 
ATOM   238 C  CA  . VAL A 1 31 ? 7.437   -3.704  4.143   1.00 11.13  ? 31  VAL A CA  1 
ATOM   239 C  C   . VAL A 1 31 ? 8.016   -4.781  3.232   1.00 11.58  ? 31  VAL A C   1 
ATOM   240 O  O   . VAL A 1 31 ? 8.946   -4.509  2.486   1.00 12.66  ? 31  VAL A O   1 
ATOM   241 C  CB  . VAL A 1 31 ? 6.821   -2.586  3.302   1.00 11.55  ? 31  VAL A CB  1 
ATOM   242 C  CG1 . VAL A 1 31 ? 5.784   -3.208  2.368   1.00 13.18  ? 31  VAL A CG1 1 
ATOM   243 C  CG2 . VAL A 1 31 ? 6.180   -1.535  4.210   1.00 12.91  ? 31  VAL A CG2 1 
ATOM   244 N  N   A HIS A 1 32 ? 7.416   -5.950  3.286   0.50 11.19  ? 32  HIS A N   1 
ATOM   245 N  N   B HIS A 1 32 ? 7.399   -5.959  3.260   0.50 11.22  ? 32  HIS A N   1 
ATOM   246 C  CA  A HIS A 1 32 ? 7.898   -7.065  2.507   0.50 12.44  ? 32  HIS A CA  1 
ATOM   247 C  CA  B HIS A 1 32 ? 7.927   -7.113  2.523   0.50 12.42  ? 32  HIS A CA  1 
ATOM   248 C  C   A HIS A 1 32 ? 6.878   -7.200  1.337   0.50 13.07  ? 32  HIS A C   1 
ATOM   249 C  C   B HIS A 1 32 ? 7.157   -7.626  1.292   0.50 16.49  ? 32  HIS A C   1 
ATOM   250 O  O   A HIS A 1 32 ? 6.883   -6.445  0.409   0.50 16.45  ? 32  HIS A O   1 
ATOM   251 O  O   B HIS A 1 32 ? 7.781   -7.999  0.342   0.50 23.35  ? 32  HIS A O   1 
ATOM   252 C  CB  A HIS A 1 32 ? 8.128   -8.254  3.434   0.50 13.89  ? 32  HIS A CB  1 
ATOM   253 C  CB  B HIS A 1 32 ? 8.165   -8.266  3.467   0.50 13.91  ? 32  HIS A CB  1 
ATOM   254 C  CG  A HIS A 1 32 ? 8.963   -7.909  4.634   0.50 12.96  ? 32  HIS A CG  1 
ATOM   255 C  CG  B HIS A 1 32 ? 8.990   -7.902  4.649   0.50 12.96  ? 32  HIS A CG  1 
ATOM   256 N  ND1 A HIS A 1 32 ? 10.129  -7.187  4.536   0.50 12.88  ? 32  HIS A ND1 1 
ATOM   257 N  ND1 B HIS A 1 32 ? 10.149  -7.174  4.539   0.50 12.91  ? 32  HIS A ND1 1 
ATOM   258 C  CD2 A HIS A 1 32 ? 8.776   -8.140  5.947   0.50 14.55  ? 32  HIS A CD2 1 
ATOM   259 C  CD2 B HIS A 1 32 ? 8.808   -8.129  5.961   0.50 14.56  ? 32  HIS A CD2 1 
ATOM   260 C  CE1 A HIS A 1 32 ? 10.635  -7.002  5.739   0.50 13.12  ? 32  HIS A CE1 1 
ATOM   261 C  CE1 B HIS A 1 32 ? 10.656  -6.983  5.739   0.50 13.14  ? 32  HIS A CE1 1 
ATOM   262 N  NE2 A HIS A 1 32 ? 9.848   -7.591  6.615   0.50 14.29  ? 32  HIS A NE2 1 
ATOM   263 N  NE2 B HIS A 1 32 ? 9.873   -7.567  6.622   0.50 14.30  ? 32  HIS A NE2 1 
ATOM   264 N  N   . GLN A 1 33 ? 5.950   -8.037  1.432   1.00 17.28  ? 33  GLN A N   1 
ATOM   265 C  CA  . GLN A 1 33 ? 5.072   -8.368  0.315   1.00 17.05  ? 33  GLN A CA  1 
ATOM   266 C  C   . GLN A 1 33 ? 4.076   -7.217  0.095   1.00 16.04  ? 33  GLN A C   1 
ATOM   267 O  O   . GLN A 1 33 ? 3.469   -6.708  1.047   1.00 16.68  ? 33  GLN A O   1 
ATOM   268 C  CB  . GLN A 1 33 ? 4.380   -9.695  0.579   1.00 20.66  ? 33  GLN A CB  1 
ATOM   269 C  CG  . GLN A 1 33 ? 5.314   -10.935 0.616   1.00 25.81  ? 33  GLN A CG  1 
ATOM   270 C  CD  . GLN A 1 33 ? 5.689   -11.411 1.998   1.00 27.98  ? 33  GLN A CD  1 
ATOM   271 O  OE1 . GLN A 1 33 ? 5.948   -10.610 2.871   1.00 26.96  ? 33  GLN A OE1 1 
ATOM   272 N  NE2 . GLN A 1 33 ? 5.727   -12.709 2.207   1.00 37.94  ? 33  GLN A NE2 1 
ATOM   273 N  N   . VAL A 1 34 ? 3.839   -6.841  -1.155  1.00 14.53  ? 34  VAL A N   1 
ATOM   274 C  CA  . VAL A 1 34 ? 2.861   -5.843  -1.514  1.00 14.39  ? 34  VAL A CA  1 
ATOM   275 C  C   . VAL A 1 34 ? 2.167   -6.269  -2.812  1.00 14.30  ? 34  VAL A C   1 
ATOM   276 O  O   . VAL A 1 34 ? 2.848   -6.670  -3.744  1.00 18.25  ? 34  VAL A O   1 
ATOM   277 C  CB  . VAL A 1 34 ? 3.471   -4.458  -1.780  1.00 17.12  ? 34  VAL A CB  1 
ATOM   278 C  CG1 . VAL A 1 34 ? 2.426   -3.433  -2.234  1.00 17.62  ? 34  VAL A CG1 1 
ATOM   279 C  CG2 . VAL A 1 34 ? 4.242   -3.972  -0.577  1.00 17.72  ? 34  VAL A CG2 1 
ATOM   280 N  N   . ASN A 1 35 ? 0.856   -6.213  -2.836  1.00 13.50  ? 35  ASN A N   1 
ATOM   281 C  CA  . ASN A 1 35 ? 0.099   -6.432  -4.059  1.00 14.67  ? 35  ASN A CA  1 
ATOM   282 C  C   . ASN A 1 35 ? -1.007  -5.441  -4.155  1.00 12.72  ? 35  ASN A C   1 
ATOM   283 O  O   . ASN A 1 35 ? -1.707  -5.236  -3.171  1.00 15.12  ? 35  ASN A O   1 
ATOM   284 C  CB  . ASN A 1 35 ? -0.530  -7.822  -4.093  1.00 17.82  ? 35  ASN A CB  1 
ATOM   285 C  CG  . ASN A 1 35 ? -1.294  -8.063  -5.340  1.00 26.22  ? 35  ASN A CG  1 
ATOM   286 O  OD1 . ASN A 1 35 ? -2.536  -7.977  -5.367  1.00 30.47  ? 35  ASN A OD1 1 
ATOM   287 N  ND2 . ASN A 1 35 ? -0.552  -8.332  -6.382  1.00 27.20  ? 35  ASN A ND2 1 
ATOM   288 N  N   . ILE A 1 36 ? -1.187  -4.841  -5.312  1.00 13.04  ? 36  ILE A N   1 
ATOM   289 C  CA  . ILE A 1 36 ? -2.228  -3.903  -5.558  1.00 12.89  ? 36  ILE A CA  1 
ATOM   290 C  C   . ILE A 1 36 ? -3.120  -4.439  -6.669  1.00 13.87  ? 36  ILE A C   1 
ATOM   291 O  O   . ILE A 1 36 ? -2.642  -4.737  -7.738  1.00 17.15  ? 36  ILE A O   1 
ATOM   292 C  CB  . ILE A 1 36 ? -1.711  -2.568  -5.916  1.00 17.31  ? 36  ILE A CB  1 
ATOM   293 C  CG1 . ILE A 1 36 ? -0.728  -2.083  -4.815  1.00 17.37  ? 36  ILE A CG1 1 
ATOM   294 C  CG2 . ILE A 1 36 ? -2.850  -1.602  -6.150  1.00 18.58  ? 36  ILE A CG2 1 
ATOM   295 C  CD1 . ILE A 1 36 ? -0.240  -0.665  -4.958  1.00 20.83  ? 36  ILE A CD1 1 
ATOM   296 N  N   . ASN A 1 37 ? -4.407  -4.556  -6.386  1.00 13.12  ? 37  ASN A N   1 
ATOM   297 C  CA  . ASN A 1 37 ? -5.400  -4.976  -7.366  1.00 13.71  ? 37  ASN A CA  1 
ATOM   298 C  C   . ASN A 1 37 ? -6.034  -3.750  -7.948  1.00 13.41  ? 37  ASN A C   1 
ATOM   299 O  O   . ASN A 1 37 ? -6.767  -3.012  -7.285  1.00 14.61  ? 37  ASN A O   1 
ATOM   300 C  CB  . ASN A 1 37 ? -6.407  -5.869  -6.702  1.00 16.16  ? 37  ASN A CB  1 
ATOM   301 C  CG  . ASN A 1 37 ? -7.468  -6.417  -7.650  1.00 18.54  ? 37  ASN A CG  1 
ATOM   302 O  OD1 . ASN A 1 37 ? -7.997  -5.708  -8.470  1.00 20.05  ? 37  ASN A OD1 1 
ATOM   303 N  ND2 . ASN A 1 37 ? -7.850  -7.651  -7.434  1.00 24.19  ? 37  ASN A ND2 1 
ATOM   304 N  N   . ILE A 1 38 ? -5.783  -3.508  -9.243  1.00 14.55  ? 38  ILE A N   1 
ATOM   305 C  CA  . ILE A 1 38 ? -6.282  -2.303  -9.849  1.00 14.78  ? 38  ILE A CA  1 
ATOM   306 C  C   . ILE A 1 38 ? -7.797  -2.272  -10.005 1.00 15.84  ? 38  ILE A C   1 
ATOM   307 O  O   . ILE A 1 38 ? -8.390  -1.192  -10.041 1.00 17.90  ? 38  ILE A O   1 
ATOM   308 C  CB  . ILE A 1 38 ? -5.565  -2.077  -11.222 1.00 14.98  ? 38  ILE A CB  1 
ATOM   309 C  CG1 . ILE A 1 38 ? -5.703  -0.639  -11.698 1.00 16.34  ? 38  ILE A CG1 1 
ATOM   310 C  CG2 . ILE A 1 38 ? -6.035  -3.039  -12.265 1.00 14.74  ? 38  ILE A CG2 1 
ATOM   311 C  CD1 . ILE A 1 38 ? -4.850  -0.357  -12.908 1.00 17.15  ? 38  ILE A CD1 1 
ATOM   312 N  N   . ILE A 1 39 ? -8.423  -3.422  -10.105 1.00 13.74  ? 39  ILE A N   1 
ATOM   313 C  CA  . ILE A 1 39 ? -9.873  -3.408  -10.273 1.00 14.75  ? 39  ILE A CA  1 
ATOM   314 C  C   . ILE A 1 39 ? -10.607 -2.991  -8.994  1.00 14.91  ? 39  ILE A C   1 
ATOM   315 O  O   . ILE A 1 39 ? -11.460 -2.099  -9.010  1.00 18.45  ? 39  ILE A O   1 
ATOM   316 C  CB  . ILE A 1 39 ? -10.389 -4.789  -10.728 1.00 16.99  ? 39  ILE A CB  1 
ATOM   317 C  CG1 . ILE A 1 39 ? -9.815  -5.131  -12.103 1.00 19.58  ? 39  ILE A CG1 1 
ATOM   318 C  CG2 . ILE A 1 39 ? -11.933 -4.761  -10.731 1.00 19.04  ? 39  ILE A CG2 1 
ATOM   319 C  CD1 . ILE A 1 39 ? -10.076 -6.527  -12.515 1.00 21.05  ? 39  ILE A CD1 1 
ATOM   320 N  N   . ASP A 1 40 ? -10.213 -3.599  -7.887  1.00 14.04  ? 40  ASP A N   1 
ATOM   321 C  CA  . ASP A 1 40 ? -10.914 -3.354  -6.682  1.00 14.75  ? 40  ASP A CA  1 
ATOM   322 C  C   . ASP A 1 40 ? -10.252 -2.400  -5.700  1.00 13.41  ? 40  ASP A C   1 
ATOM   323 O  O   . ASP A 1 40 ? -10.847 -2.078  -4.692  1.00 15.85  ? 40  ASP A O   1 
ATOM   324 C  CB  . ASP A 1 40 ? -11.370 -4.600  -6.006  1.00 16.81  ? 40  ASP A CB  1 
ATOM   325 C  CG  . ASP A 1 40 ? -10.257 -5.476  -5.538  1.00 16.60  ? 40  ASP A CG  1 
ATOM   326 O  OD1 . ASP A 1 40 ? -9.141  -4.987  -5.308  1.00 17.15  ? 40  ASP A OD1 1 
ATOM   327 O  OD2 . ASP A 1 40 ? -10.480 -6.723  -5.411  1.00 22.60  ? 40  ASP A OD2 1 
ATOM   328 N  N   . GLY A 1 41 ? -9.049  -1.941  -6.015  1.00 12.44  ? 41  GLY A N   1 
ATOM   329 C  CA  . GLY A 1 41 ? -8.357  -1.002  -5.184  1.00 12.80  ? 41  GLY A CA  1 
ATOM   330 C  C   . GLY A 1 41 ? -7.729  -1.583  -3.940  1.00 11.69  ? 41  GLY A C   1 
ATOM   331 O  O   . GLY A 1 41 ? -7.179  -0.816  -3.112  1.00 13.24  ? 41  GLY A O   1 
ATOM   332 N  N   . GLN A 1 42 ? -7.713  -2.860  -3.760  1.00 11.23  ? 42  GLN A N   1 
ATOM   333 C  CA  . GLN A 1 42 ? -7.169  -3.455  -2.565  1.00 11.75  ? 42  GLN A CA  1 
ATOM   334 C  C   . GLN A 1 42 ? -5.678  -3.529  -2.642  1.00 11.98  ? 42  GLN A C   1 
ATOM   335 O  O   . GLN A 1 42 ? -5.112  -4.072  -3.591  1.00 13.43  ? 42  GLN A O   1 
ATOM   336 C  CB  . GLN A 1 42 ? -7.739  -4.850  -2.369  1.00 14.72  ? 42  GLN A CB  1 
ATOM   337 C  CG  . GLN A 1 42 ? -9.232  -4.760  -2.026  1.00 19.12  ? 42  GLN A CG  1 
ATOM   338 C  CD  . GLN A 1 42 ? -9.857  -6.130  -1.927  1.00 23.33  ? 42  GLN A CD  1 
ATOM   339 O  OE1 . GLN A 1 42 ? -9.168  -7.087  -1.634  1.00 27.78  ? 42  GLN A OE1 1 
ATOM   340 N  NE2 . GLN A 1 42 ? -11.163 -6.203  -2.138  1.00 27.40  ? 42  GLN A NE2 1 
ATOM   341 N  N   . VAL A 1 43 ? -5.052  -3.044  -1.566  1.00 12.54  ? 43  VAL A N   1 
ATOM   342 C  CA  . VAL A 1 43 ? -3.619  -3.082  -1.401  1.00 12.71  ? 43  VAL A CA  1 
ATOM   343 C  C   . VAL A 1 43 ? -3.346  -4.018  -0.279  1.00 13.04  ? 43  VAL A C   1 
ATOM   344 O  O   . VAL A 1 43 ? -3.747  -3.764  0.875   1.00 15.92  ? 43  VAL A O   1 
ATOM   345 C  CB  . VAL A 1 43 ? -3.074  -1.674  -1.103  1.00 14.50  ? 43  VAL A CB  1 
ATOM   346 C  CG1 . VAL A 1 43 ? -1.594  -1.715  -0.776  1.00 16.38  ? 43  VAL A CG1 1 
ATOM   347 C  CG2 . VAL A 1 43 ? -3.375  -0.727  -2.231  1.00 16.57  ? 43  VAL A CG2 1 
ATOM   348 N  N   . THR A 1 44 ? -2.743  -5.153  -0.550  1.00 12.76  ? 44  THR A N   1 
ATOM   349 C  CA  A THR A 1 44 ? -2.389  -6.106  0.502   0.50 13.33  ? 44  THR A CA  1 
ATOM   350 C  CA  B THR A 1 44 ? -2.411  -6.109  0.474   0.50 13.34  ? 44  THR A CA  1 
ATOM   351 C  C   . THR A 1 44 ? -0.938  -5.976  0.810   1.00 12.86  ? 44  THR A C   1 
ATOM   352 O  O   . THR A 1 44 ? -0.101  -5.963  -0.106  1.00 14.69  ? 44  THR A O   1 
ATOM   353 C  CB  A THR A 1 44 ? -2.676  -7.580  0.157   0.50 15.94  ? 44  THR A CB  1 
ATOM   354 C  CB  B THR A 1 44 ? -2.802  -7.505  -0.020  0.50 15.42  ? 44  THR A CB  1 
ATOM   355 O  OG1 A THR A 1 44 ? -2.015  -7.945  -1.057  0.50 21.61  ? 44  THR A OG1 1 
ATOM   356 O  OG1 B THR A 1 44 ? -4.173  -7.456  -0.481  0.50 21.11  ? 44  THR A OG1 1 
ATOM   357 C  CG2 A THR A 1 44 ? -4.176  -7.796  0.008   0.50 16.96  ? 44  THR A CG2 1 
ATOM   358 C  CG2 B THR A 1 44 ? -2.654  -8.544  1.065   0.50 16.32  ? 44  THR A CG2 1 
ATOM   359 N  N   . VAL A 1 45 ? -0.614  -5.898  2.091   1.00 12.85  ? 45  VAL A N   1 
ATOM   360 C  CA  . VAL A 1 45 ? 0.726   -5.587  2.525   1.00 12.37  ? 45  VAL A CA  1 
ATOM   361 C  C   . VAL A 1 45 ? 1.068   -6.472  3.704   1.00 12.38  ? 45  VAL A C   1 
ATOM   362 O  O   . VAL A 1 45 ? 0.271   -6.640  4.597   1.00 14.38  ? 45  VAL A O   1 
ATOM   363 C  CB  . VAL A 1 45 ? 0.839   -4.119  2.872   1.00 14.76  ? 45  VAL A CB  1 
ATOM   364 C  CG1 . VAL A 1 45 ? 0.714   -3.156  1.760   1.00 22.92  ? 45  VAL A CG1 1 
ATOM   365 C  CG2 . VAL A 1 45 ? -0.107  -3.687  3.924   1.00 16.50  ? 45  VAL A CG2 1 
ATOM   366 N  N   . SER A 1 46 ? 2.305   -6.970  3.726   1.00 12.71  ? 46  SER A N   1 
ATOM   367 C  CA  . SER A 1 46 ? 2.898   -7.639  4.869   1.00 12.83  ? 46  SER A CA  1 
ATOM   368 C  C   . SER A 1 46 ? 4.073   -6.815  5.332   1.00 12.07  ? 46  SER A C   1 
ATOM   369 O  O   . SER A 1 46 ? 4.919   -6.384  4.532   1.00 13.45  ? 46  SER A O   1 
ATOM   370 C  CB  . SER A 1 46 ? 3.386   -9.032  4.504   1.00 17.07  ? 46  SER A CB  1 
ATOM   371 O  OG  . SER A 1 46 ? 2.311   -9.799  4.087   1.00 22.99  ? 46  SER A OG  1 
ATOM   372 N  N   . TYR A 1 47 ? 4.091   -6.506  6.633   1.00 12.34  ? 47  TYR A N   1 
ATOM   373 C  CA  . TYR A 1 47 ? 5.046   -5.533  7.101   1.00 13.80  ? 47  TYR A CA  1 
ATOM   374 C  C   . TYR A 1 47 ? 5.323   -5.713  8.595   1.00 13.44  ? 47  TYR A C   1 
ATOM   375 O  O   . TYR A 1 47 ? 4.563   -6.323  9.322   1.00 16.37  ? 47  TYR A O   1 
ATOM   376 C  CB  . TYR A 1 47 ? 4.506   -4.106  6.896   1.00 13.22  ? 47  TYR A CB  1 
ATOM   377 C  CG  . TYR A 1 47 ? 3.238   -3.813  7.641   1.00 12.87  ? 47  TYR A CG  1 
ATOM   378 C  CD1 . TYR A 1 47 ? 2.039   -4.134  7.102   1.00 14.11  ? 47  TYR A CD1 1 
ATOM   379 C  CD2 . TYR A 1 47 ? 3.240   -3.286  8.922   1.00 14.25  ? 47  TYR A CD2 1 
ATOM   380 C  CE1 . TYR A 1 47 ? 0.848   -3.978  7.811   1.00 15.26  ? 47  TYR A CE1 1 
ATOM   381 C  CE2 . TYR A 1 47 ? 2.079   -3.106  9.603   1.00 15.17  ? 47  TYR A CE2 1 
ATOM   382 C  CZ  . TYR A 1 47 ? 0.882   -3.426  9.045   1.00 15.28  ? 47  TYR A CZ  1 
ATOM   383 O  OH  . TYR A 1 47 ? -0.277  -3.220  9.789   1.00 17.55  ? 47  TYR A OH  1 
ATOM   384 N  N   . GLU A 1 48 ? 6.417   -5.137  9.009   1.00 13.46  ? 48  GLU A N   1 
ATOM   385 C  CA  . GLU A 1 48 ? 6.839   -5.103  10.395  1.00 13.31  ? 48  GLU A CA  1 
ATOM   386 C  C   . GLU A 1 48 ? 7.493   -3.784  10.699  1.00 14.88  ? 48  GLU A C   1 
ATOM   387 O  O   . GLU A 1 48 ? 7.988   -3.082  9.804   1.00 13.37  ? 48  GLU A O   1 
ATOM   388 C  CB  . GLU A 1 48 ? 7.798   -6.234  10.723  1.00 15.31  ? 48  GLU A CB  1 
ATOM   389 C  CG  . GLU A 1 48 ? 9.098   -6.158  9.940   1.00 14.13  ? 48  GLU A CG  1 
ATOM   390 C  CD  . GLU A 1 48 ? 10.002  -7.366  10.187  1.00 15.55  ? 48  GLU A CD  1 
ATOM   391 O  OE1 . GLU A 1 48 ? 10.380  -8.023  9.203   1.00 16.46  ? 48  GLU A OE1 1 
ATOM   392 O  OE2 . GLU A 1 48 ? 10.348  -7.663  11.366  1.00 18.09  ? 48  GLU A OE2 1 
ATOM   393 N  N   . THR A 1 49 ? 7.581   -3.467  12.015  1.00 14.86  ? 49  THR A N   1 
ATOM   394 C  CA  . THR A 1 49 ? 8.295   -2.293  12.500  1.00 16.16  ? 49  THR A CA  1 
ATOM   395 C  C   . THR A 1 49 ? 9.673   -2.231  11.822  1.00 14.02  ? 49  THR A C   1 
ATOM   396 O  O   . THR A 1 49 ? 10.334  -3.256  11.757  1.00 15.30  ? 49  THR A O   1 
ATOM   397 C  CB  . THR A 1 49 ? 8.454   -2.393  14.010  1.00 18.96  ? 49  THR A CB  1 
ATOM   398 O  OG1 . THR A 1 49 ? 7.145   -2.427  14.526  1.00 23.70  ? 49  THR A OG1 1 
ATOM   399 C  CG2 . THR A 1 49 ? 9.231   -1.242  14.590  1.00 21.46  ? 49  THR A CG2 1 
ATOM   400 N  N   . PRO A 1 50 ? 10.057  -1.078  11.274  1.00 13.91  ? 50  PRO A N   1 
ATOM   401 C  CA  . PRO A 1 50 ? 9.486   0.250   11.521  1.00 15.64  ? 50  PRO A CA  1 
ATOM   402 C  C   . PRO A 1 50 ? 8.264   0.666   10.713  1.00 16.95  ? 50  PRO A C   1 
ATOM   403 O  O   . PRO A 1 50 ? 7.732   1.764   10.890  1.00 20.36  ? 50  PRO A O   1 
ATOM   404 C  CB  . PRO A 1 50 ? 10.663  1.194   11.181  1.00 16.80  ? 50  PRO A CB  1 
ATOM   405 C  CG  . PRO A 1 50 ? 11.393  0.460   10.113  1.00 15.71  ? 50  PRO A CG  1 
ATOM   406 C  CD  . PRO A 1 50 ? 11.343  -0.978  10.561  1.00 15.04  ? 50  PRO A CD  1 
ATOM   407 N  N   . ALA A 1 51 ? 7.896   -0.180  9.748   1.00 14.42  ? 51  ALA A N   1 
ATOM   408 C  CA  . ALA A 1 51 ? 6.696   0.099   8.959   1.00 14.47  ? 51  ALA A CA  1 
ATOM   409 C  C   . ALA A 1 51 ? 5.493   -0.114  9.866   1.00 13.36  ? 51  ALA A C   1 
ATOM   410 O  O   . ALA A 1 51 ? 5.518   -0.973  10.730  1.00 15.09  ? 51  ALA A O   1 
ATOM   411 C  CB  . ALA A 1 51 ? 6.643   -0.829  7.738   1.00 16.13  ? 51  ALA A CB  1 
ATOM   412 N  N   . ASN A 1 52 ? 4.438   0.645   9.617   1.00 14.73  ? 52  ASN A N   1 
ATOM   413 C  CA  . ASN A 1 52 ? 3.209   0.434   10.310  1.00 14.20  ? 52  ASN A CA  1 
ATOM   414 C  C   . ASN A 1 52 ? 2.088   0.862   9.409   1.00 13.71  ? 52  ASN A C   1 
ATOM   415 O  O   . ASN A 1 52 ? 2.314   1.459   8.365   1.00 13.67  ? 52  ASN A O   1 
ATOM   416 C  CB  . ASN A 1 52 ? 3.174   1.156   11.661  1.00 17.26  ? 52  ASN A CB  1 
ATOM   417 C  CG  . ASN A 1 52 ? 3.560   2.591   11.541  1.00 18.82  ? 52  ASN A CG  1 
ATOM   418 O  OD1 . ASN A 1 52 ? 2.894   3.407   10.918  1.00 17.83  ? 52  ASN A OD1 1 
ATOM   419 N  ND2 . ASN A 1 52 ? 4.688   2.910   12.173  1.00 29.47  ? 52  ASN A ND2 1 
ATOM   420 N  N   . LEU A 1 53 ? 0.868   0.539   9.799   1.00 13.32  ? 53  LEU A N   1 
ATOM   421 C  CA  . LEU A 1 53 ? -0.256  0.838   8.911   1.00 13.28  ? 53  LEU A CA  1 
ATOM   422 C  C   . LEU A 1 53 ? -0.302  2.305   8.617   1.00 13.84  ? 53  LEU A C   1 
ATOM   423 O  O   . LEU A 1 53 ? -0.567  2.745   7.490   1.00 14.05  ? 53  LEU A O   1 
ATOM   424 C  CB  . LEU A 1 53 ? -1.545  0.337   9.527   1.00 14.63  ? 53  LEU A CB  1 
ATOM   425 C  CG  . LEU A 1 53 ? -2.776  0.491   8.671   1.00 15.36  ? 53  LEU A CG  1 
ATOM   426 C  CD1 . LEU A 1 53 ? -2.644  -0.265  7.402   1.00 16.60  ? 53  LEU A CD1 1 
ATOM   427 C  CD2 . LEU A 1 53 ? -4.017  0.045   9.427   1.00 17.92  ? 53  LEU A CD2 1 
ATOM   428 N  N   . ASN A 1 54 ? -0.137  3.147   9.652   1.00 12.68  ? 54  ASN A N   1 
ATOM   429 C  CA  . ASN A 1 54 ? -0.241  4.548   9.431   1.00 13.60  ? 54  ASN A CA  1 
ATOM   430 C  C   . ASN A 1 54 ? 0.745   5.093   8.407   1.00 13.11  ? 54  ASN A C   1 
ATOM   431 O  O   . ASN A 1 54 ? 0.426   5.975   7.610   1.00 13.90  ? 54  ASN A O   1 
ATOM   432 C  CB  . ASN A 1 54 ? -0.144  5.351   10.741  1.00 14.59  ? 54  ASN A CB  1 
ATOM   433 C  CG  . ASN A 1 54 ? -1.406  5.273   11.562  1.00 18.30  ? 54  ASN A CG  1 
ATOM   434 O  OD1 . ASN A 1 54 ? -2.406  4.682   11.172  1.00 21.12  ? 54  ASN A OD1 1 
ATOM   435 N  ND2 . ASN A 1 54 ? -1.327  5.826   12.767  1.00 21.65  ? 54  ASN A ND2 1 
ATOM   436 N  N   . SER A 1 55 ? 1.980   4.616   8.475   1.00 13.99  ? 55  SER A N   1 
ATOM   437 C  CA  . SER A 1 55 ? 3.014   5.126   7.542   1.00 14.23  ? 55  SER A CA  1 
ATOM   438 C  C   . SER A 1 55 ? 2.742   4.609   6.107   1.00 13.13  ? 55  SER A C   1 
ATOM   439 O  O   . SER A 1 55 ? 2.971   5.339   5.168   1.00 14.18  ? 55  SER A O   1 
ATOM   440 C  CB  . SER A 1 55 ? 4.432   4.768   8.004   1.00 17.18  ? 55  SER A CB  1 
ATOM   441 O  OG  . SER A 1 55 ? 4.701   3.357   8.062   1.00 19.04  ? 55  SER A OG  1 
ATOM   442 N  N   . ILE A 1 56 ? 2.227   3.394   5.978   1.00 12.40  ? 56  ILE A N   1 
ATOM   443 C  CA  . ILE A 1 56 ? 1.840   2.891   4.647   1.00 12.45  ? 56  ILE A CA  1 
ATOM   444 C  C   . ILE A 1 56 ? 0.707   3.713   4.083   1.00 11.99  ? 56  ILE A C   1 
ATOM   445 O  O   . ILE A 1 56 ? 0.691   4.130   2.939   1.00 13.41  ? 56  ILE A O   1 
ATOM   446 C  CB  . ILE A 1 56 ? 1.508   1.430   4.760   1.00 12.42  ? 56  ILE A CB  1 
ATOM   447 C  CG1 . ILE A 1 56 ? 2.734   0.626   5.136   1.00 13.55  ? 56  ILE A CG1 1 
ATOM   448 C  CG2 . ILE A 1 56 ? 0.932   0.921   3.447   1.00 13.45  ? 56  ILE A CG2 1 
ATOM   449 C  CD1 . ILE A 1 56 ? 2.446   -0.801  5.568   1.00 15.03  ? 56  ILE A CD1 1 
ATOM   450 N  N   . GLU A 1 57 ? -0.294  3.942   4.945   1.00 12.39  ? 57  GLU A N   1 
ATOM   451 C  CA  . GLU A 1 57 ? -1.417  4.758   4.533   1.00 12.23  ? 57  GLU A CA  1 
ATOM   452 C  C   . GLU A 1 57 ? -1.043  6.182   4.163   1.00 11.62  ? 57  GLU A C   1 
ATOM   453 O  O   . GLU A 1 57 ? -1.589  6.749   3.237   1.00 12.35  ? 57  GLU A O   1 
ATOM   454 C  CB  . GLU A 1 57 ? -2.522  4.711   5.599   1.00 12.69  ? 57  GLU A CB  1 
ATOM   455 C  CG  . GLU A 1 57 ? -3.064  3.277   5.693   1.00 14.84  ? 57  GLU A CG  1 
ATOM   456 C  CD  . GLU A 1 57 ? -4.183  3.113   6.631   1.00 18.34  ? 57  GLU A CD  1 
ATOM   457 O  OE1 . GLU A 1 57 ? -4.198  3.881   7.668   1.00 18.57  ? 57  GLU A OE1 1 
ATOM   458 O  OE2 . GLU A 1 57 ? -5.059  2.280   6.309   1.00 22.31  ? 57  GLU A OE2 1 
ATOM   459 N  N   . LYS A 1 58 ? -0.081  6.741   4.889   1.00 12.55  ? 58  LYS A N   1 
ATOM   460 C  CA  . LYS A 1 58 ? 0.361   8.066   4.569   1.00 13.44  ? 58  LYS A CA  1 
ATOM   461 C  C   . LYS A 1 58 ? 0.936   8.103   3.147   1.00 14.08  ? 58  LYS A C   1 
ATOM   462 O  O   . LYS A 1 58 ? 0.723   9.067   2.425   1.00 15.22  ? 58  LYS A O   1 
ATOM   463 C  CB  . LYS A 1 58 ? 1.387   8.528   5.585   1.00 14.80  ? 58  LYS A CB  1 
ATOM   464 C  CG  . LYS A 1 58 ? 1.996   9.875   5.250   1.00 19.31  ? 58  LYS A CG  1 
ATOM   465 C  CD  . LYS A 1 58 ? 2.954   10.407  6.307   1.00 21.87  ? 58  LYS A CD  1 
ATOM   466 C  CE  . LYS A 1 58 ? 3.348   11.853  6.031   1.00 30.72  ? 58  LYS A CE  1 
ATOM   467 N  NZ  . LYS A 1 58 ? 4.184   12.011  4.832   1.00 39.06  ? 58  LYS A NZ  1 
ATOM   468 N  N   . GLU A 1 59 ? 1.682   7.083   2.765   1.00 13.56  ? 59  GLU A N   1 
ATOM   469 C  CA  . GLU A 1 59 ? 2.215   7.049   1.400   1.00 15.31  ? 59  GLU A CA  1 
ATOM   470 C  C   . GLU A 1 59 ? 1.117   6.993   0.361   1.00 13.20  ? 59  GLU A C   1 
ATOM   471 O  O   . GLU A 1 59 ? 1.180   7.682   -0.665  1.00 15.00  ? 59  GLU A O   1 
ATOM   472 C  CB  . GLU A 1 59 ? 3.150   5.881   1.217   1.00 14.71  ? 59  GLU A CB  1 
ATOM   473 C  CG  . GLU A 1 59 ? 3.745   5.775   -0.178  1.00 16.10  ? 59  GLU A CG  1 
ATOM   474 C  CD  . GLU A 1 59 ? 4.560   6.970   -0.598  1.00 19.13  ? 59  GLU A CD  1 
ATOM   475 O  OE1 . GLU A 1 59 ? 5.216   7.600   0.243   1.00 20.74  ? 59  GLU A OE1 1 
ATOM   476 O  OE2 . GLU A 1 59 ? 4.686   7.281   -1.803  1.00 19.56  ? 59  GLU A OE2 1 
ATOM   477 N  N   . ILE A 1 60 ? 0.073   6.222   0.661   1.00 12.50  ? 60  ILE A N   1 
ATOM   478 C  CA  . ILE A 1 60 ? -1.106  6.181   -0.227  1.00 12.06  ? 60  ILE A CA  1 
ATOM   479 C  C   . ILE A 1 60 ? -1.684  7.545   -0.407  1.00 11.98  ? 60  ILE A C   1 
ATOM   480 O  O   . ILE A 1 60 ? -1.993  7.968   -1.509  1.00 14.10  ? 60  ILE A O   1 
ATOM   481 C  CB  . ILE A 1 60 ? -2.063  5.117   0.244   1.00 12.21  ? 60  ILE A CB  1 
ATOM   482 C  CG1 . ILE A 1 60 ? -1.404  3.742   0.155   1.00 12.44  ? 60  ILE A CG1 1 
ATOM   483 C  CG2 . ILE A 1 60 ? -3.385  5.162   -0.516  1.00 12.99  ? 60  ILE A CG2 1 
ATOM   484 C  CD1 . ILE A 1 60 ? -2.176  2.616   0.882   1.00 11.91  ? 60  ILE A CD1 1 
ATOM   485 N  N   . TYR A 1 61 ? -1.918  8.235   0.712   1.00 12.72  ? 61  TYR A N   1 
ATOM   486 C  CA  . TYR A 1 61 ? -2.449  9.566   0.670   1.00 14.02  ? 61  TYR A CA  1 
ATOM   487 C  C   . TYR A 1 61 ? -1.512  10.565  -0.014  1.00 15.23  ? 61  TYR A C   1 
ATOM   488 O  O   . TYR A 1 61 ? -1.949  11.454  -0.761  1.00 17.30  ? 61  TYR A O   1 
ATOM   489 C  CB  . TYR A 1 61 ? -2.828  10.057  2.085   1.00 14.09  ? 61  TYR A CB  1 
ATOM   490 C  CG  . TYR A 1 61 ? -4.235  9.698   2.422   1.00 14.45  ? 61  TYR A CG  1 
ATOM   491 C  CD1 . TYR A 1 61 ? -4.565  8.395   2.695   1.00 15.11  ? 61  TYR A CD1 1 
ATOM   492 C  CD2 . TYR A 1 61 ? -5.236  10.623  2.369   1.00 16.93  ? 61  TYR A CD2 1 
ATOM   493 C  CE1 . TYR A 1 61 ? -5.870  8.036   2.922   1.00 15.76  ? 61  TYR A CE1 1 
ATOM   494 C  CE2 . TYR A 1 61 ? -6.554  10.267  2.631   1.00 16.83  ? 61  TYR A CE2 1 
ATOM   495 C  CZ  . TYR A 1 61 ? -6.856  8.965   2.853   1.00 15.50  ? 61  TYR A CZ  1 
ATOM   496 O  OH  . TYR A 1 61 ? -8.153  8.533   3.049   1.00 17.14  ? 61  TYR A OH  1 
ATOM   497 N  N   . ASP A 1 62 ? -0.224  10.438  0.252   1.00 14.87  ? 62  ASP A N   1 
ATOM   498 C  CA  . ASP A 1 62 ? 0.743   11.347  -0.380  1.00 17.24  ? 62  ASP A CA  1 
ATOM   499 C  C   . ASP A 1 62 ? 0.758   11.255  -1.890  1.00 17.41  ? 62  ASP A C   1 
ATOM   500 O  O   . ASP A 1 62 ? 1.051   12.233  -2.589  1.00 21.88  ? 62  ASP A O   1 
ATOM   501 C  CB  . ASP A 1 62 ? 2.149   11.102  0.166   1.00 19.31  ? 62  ASP A CB  1 
ATOM   502 C  CG  . ASP A 1 62 ? 2.328   11.617  1.589   1.00 23.78  ? 62  ASP A CG  1 
ATOM   503 O  OD1 . ASP A 1 62 ? 1.446   12.352  2.097   1.00 26.26  ? 62  ASP A OD1 1 
ATOM   504 O  OD2 . ASP A 1 62 ? 3.358   11.255  2.157   1.00 28.77  ? 62  ASP A OD2 1 
ATOM   505 N  N   . GLU A 1 63 ? 0.441   10.073  -2.407  1.00 16.62  ? 63  GLU A N   1 
ATOM   506 C  CA  . GLU A 1 63 ? 0.353   9.868   -3.849  1.00 17.13  ? 63  GLU A CA  1 
ATOM   507 C  C   . GLU A 1 63 ? -0.974  10.291  -4.452  1.00 17.53  ? 63  GLU A C   1 
ATOM   508 O  O   . GLU A 1 63 ? -1.132  10.171  -5.673  1.00 20.18  ? 63  GLU A O   1 
ATOM   509 C  CB  . GLU A 1 63 ? 0.728   8.421   -4.202  1.00 17.42  ? 63  GLU A CB  1 
ATOM   510 C  CG  . GLU A 1 63 ? 2.138   8.117   -3.823  1.00 17.61  ? 63  GLU A CG  1 
ATOM   511 C  CD  . GLU A 1 63 ? 2.684   6.856   -4.428  1.00 17.73  ? 63  GLU A CD  1 
ATOM   512 O  OE1 . GLU A 1 63 ? 2.168   6.373   -5.440  1.00 20.46  ? 63  GLU A OE1 1 
ATOM   513 O  OE2 . GLU A 1 63 ? 3.613   6.240   -3.858  1.00 18.56  ? 63  GLU A OE2 1 
ATOM   514 N  N   . GLY A 1 64 ? -1.912  10.740  -3.633  1.00 16.44  ? 64  GLY A N   1 
ATOM   515 C  CA  . GLY A 1 64 ? -3.123  11.314  -4.080  1.00 17.48  ? 64  GLY A CA  1 
ATOM   516 C  C   . GLY A 1 64 ? -4.351  10.444  -4.014  1.00 16.06  ? 64  GLY A C   1 
ATOM   517 O  O   . GLY A 1 64 ? -5.379  10.809  -4.581  1.00 20.27  ? 64  GLY A O   1 
ATOM   518 N  N   . TYR A 1 65 ? -4.236  9.279   -3.366  1.00 14.54  ? 65  TYR A N   1 
ATOM   519 C  CA  . TYR A 1 65 ? -5.353  8.368   -3.289  1.00 12.69  ? 65  TYR A CA  1 
ATOM   520 C  C   . TYR A 1 65 ? -6.057  8.502   -1.948  1.00 13.97  ? 65  TYR A C   1 
ATOM   521 O  O   . TYR A 1 65 ? -5.653  9.259   -1.061  1.00 15.73  ? 65  TYR A O   1 
ATOM   522 C  CB  . TYR A 1 65 ? -4.842  6.930   -3.523  1.00 13.58  ? 65  TYR A CB  1 
ATOM   523 C  CG  . TYR A 1 65 ? -3.979  6.869   -4.768  1.00 12.64  ? 65  TYR A CG  1 
ATOM   524 C  CD1 . TYR A 1 65 ? -4.468  7.244   -6.019  1.00 13.41  ? 65  TYR A CD1 1 
ATOM   525 C  CD2 . TYR A 1 65 ? -2.659  6.527   -4.686  1.00 12.95  ? 65  TYR A CD2 1 
ATOM   526 C  CE1 . TYR A 1 65 ? -3.650  7.292   -7.113  1.00 13.70  ? 65  TYR A CE1 1 
ATOM   527 C  CE2 . TYR A 1 65 ? -1.851  6.517   -5.780  1.00 13.11  ? 65  TYR A CE2 1 
ATOM   528 C  CZ  . TYR A 1 65 ? -2.385  6.898   -7.000  1.00 13.71  ? 65  TYR A CZ  1 
ATOM   529 O  OH  . TYR A 1 65 ? -1.527  7.002   -8.080  1.00 14.72  ? 65  TYR A OH  1 
ATOM   530 N  N   . LYS A 1 66 ? -7.160  7.811   -1.822  1.00 13.67  ? 66  LYS A N   1 
ATOM   531 C  CA  . LYS A 1 66 ? -7.939  7.772   -0.561  1.00 14.19  ? 66  LYS A CA  1 
ATOM   532 C  C   . LYS A 1 66 ? -8.084  6.360   -0.112  1.00 12.93  ? 66  LYS A C   1 
ATOM   533 O  O   . LYS A 1 66 ? -7.886  5.421   -0.872  1.00 14.07  ? 66  LYS A O   1 
ATOM   534 C  CB  . LYS A 1 66 ? -9.281  8.428   -0.761  1.00 16.90  ? 66  LYS A CB  1 
ATOM   535 C  CG  . LYS A 1 66 ? -9.213  9.832   -1.280  1.00 19.31  ? 66  LYS A CG  1 
ATOM   536 C  CD  . LYS A 1 66 ? -8.612  10.785  -0.289  1.00 20.02  ? 66  LYS A CD  1 
ATOM   537 C  CE  . LYS A 1 66 ? -8.394  12.197  -0.856  1.00 28.69  ? 66  LYS A CE  1 
ATOM   538 N  NZ  . LYS A 1 66 ? -9.700  12.773  -1.266  1.00 33.42  ? 66  LYS A NZ  1 
ATOM   539 N  N   . ILE A 1 67 ? -8.516  6.227   1.138   1.00 12.69  ? 67  ILE A N   1 
ATOM   540 C  CA  . ILE A 1 67 ? -8.698  4.983   1.798   1.00 12.28  ? 67  ILE A CA  1 
ATOM   541 C  C   . ILE A 1 67 ? -10.070 4.955   2.433   1.00 11.56  ? 67  ILE A C   1 
ATOM   542 O  O   . ILE A 1 67 ? -10.509 5.962   2.962   1.00 13.49  ? 67  ILE A O   1 
ATOM   543 C  CB  . ILE A 1 67 ? -7.592  4.686   2.821   1.00 12.81  ? 67  ILE A CB  1 
ATOM   544 C  CG1 . ILE A 1 67 ? -6.250  4.580   2.094   1.00 13.05  ? 67  ILE A CG1 1 
ATOM   545 C  CG2 . ILE A 1 67 ? -7.867  3.426   3.603   1.00 14.44  ? 67  ILE A CG2 1 
ATOM   546 C  CD1 . ILE A 1 67 ? -5.084  4.519   3.052   1.00 16.30  ? 67  ILE A CD1 1 
ATOM   547 N  N   . VAL A 1 68 ? -10.704 3.827   2.365   1.00 11.28  ? 68  VAL A N   1 
ATOM   548 C  CA  . VAL A 1 68 ? -11.877 3.539   3.156   1.00 11.86  ? 68  VAL A CA  1 
ATOM   549 C  C   . VAL A 1 68 ? -11.402 2.935   4.452   1.00 12.16  ? 68  VAL A C   1 
ATOM   550 O  O   . VAL A 1 68 ? -10.830 1.871   4.463   1.00 14.04  ? 68  VAL A O   1 
ATOM   551 C  CB  . VAL A 1 68 ? -12.880 2.624   2.433   1.00 12.82  ? 68  VAL A CB  1 
ATOM   552 C  CG1 . VAL A 1 68 ? -14.114 2.458   3.267   1.00 13.22  ? 68  VAL A CG1 1 
ATOM   553 C  CG2 . VAL A 1 68 ? -13.246 3.197   1.095   1.00 14.79  ? 68  VAL A CG2 1 
ATOM   554 N  N   . PHE A 1 69 ? -11.740 3.617   5.547   1.00 13.25  ? 69  PHE A N   1 
ATOM   555 C  CA  . PHE A 1 69 ? -11.418 3.133   6.872   1.00 15.85  ? 69  PHE A CA  1 
ATOM   556 C  C   . PHE A 1 69 ? -12.565 2.383   7.542   1.00 18.69  ? 69  PHE A C   1 
ATOM   557 O  O   . PHE A 1 69 ? -12.331 1.763   8.574   1.00 22.20  ? 69  PHE A O   1 
ATOM   558 C  CB  . PHE A 1 69 ? -10.977 4.298   7.767   1.00 15.38  ? 69  PHE A CB  1 
ATOM   559 C  CG  . PHE A 1 69 ? -9.744  5.032   7.227   1.00 15.05  ? 69  PHE A CG  1 
ATOM   560 C  CD1 . PHE A 1 69 ? -8.507  4.445   7.238   1.00 19.25  ? 69  PHE A CD1 1 
ATOM   561 C  CD2 . PHE A 1 69 ? -9.822  6.294   6.715   1.00 16.71  ? 69  PHE A CD2 1 
ATOM   562 C  CE1 . PHE A 1 69 ? -7.408  5.094   6.720   1.00 18.10  ? 69  PHE A CE1 1 
ATOM   563 C  CE2 . PHE A 1 69 ? -8.745  6.960   6.200   1.00 17.90  ? 69  PHE A CE2 1 
ATOM   564 C  CZ  . PHE A 1 69 ? -7.517  6.353   6.233   1.00 17.18  ? 69  PHE A CZ  1 
HETATM 565 CA CA  . CA  B 2 .  ? -10.930 8.913   -12.301 1.00 12.59  ? 101 CA  A CA  1 
HETATM 566 O  O   . HOH C 3 .  ? -3.972  -8.360  10.075  1.00 23.36  ? 201 HOH A O   1 
HETATM 567 O  O   . HOH C 3 .  ? 7.978   -2.601  -6.859  1.00 33.92  ? 202 HOH A O   1 
HETATM 568 O  O   . HOH C 3 .  ? 6.633   -11.126 5.148   1.00 20.50  ? 203 HOH A O   1 
HETATM 569 O  O   . HOH C 3 .  ? 11.770  2.230   -8.404  1.00 80.48  ? 204 HOH A O   1 
HETATM 570 O  O   . HOH C 3 .  ? 6.153   -5.396  13.738  1.00 25.47  ? 205 HOH A O   1 
HETATM 571 O  O   . HOH C 3 .  ? 8.245   3.493   12.786  1.00 39.27  ? 206 HOH A O   1 
HETATM 572 O  O   . HOH C 3 .  ? -1.107  -8.227  -8.945  1.00 50.07  ? 207 HOH A O   1 
HETATM 573 O  O   . HOH C 3 .  ? 0.911   -9.830  1.853   1.00 32.83  ? 208 HOH A O   1 
HETATM 574 O  O   . HOH C 3 .  ? 9.492   4.271   -0.379  1.00 35.51  ? 209 HOH A O   1 
HETATM 575 O  O   . HOH C 3 .  ? -10.232 10.176  3.121   1.00 18.84  ? 210 HOH A O   1 
HETATM 576 O  O   . HOH C 3 .  ? 4.170   -8.629  -4.962  1.00 44.47  ? 211 HOH A O   1 
HETATM 577 O  O   . HOH C 3 .  ? 0.957   6.076   -7.848  1.00 16.71  ? 212 HOH A O   1 
HETATM 578 O  O   . HOH C 3 .  ? -3.137  -3.560  -15.007 1.00 22.55  ? 213 HOH A O   1 
HETATM 579 O  O   . HOH C 3 .  ? -6.985  0.421   6.517   1.00 17.62  ? 214 HOH A O   1 
HETATM 580 O  O   . HOH C 3 .  ? 12.016  -9.289  12.705  1.00 31.22  ? 215 HOH A O   1 
HETATM 581 O  O   . HOH C 3 .  ? -8.148  0.773   -8.053  1.00 19.41  ? 216 HOH A O   1 
HETATM 582 O  O   . HOH C 3 .  ? -11.900 1.585   -4.891  1.00 23.82  ? 217 HOH A O   1 
HETATM 583 O  O   . HOH C 3 .  ? 9.316   -5.689  -0.452  1.00 16.51  ? 218 HOH A O   1 
HETATM 584 O  O   . HOH C 3 .  ? -6.128  3.291   9.459   1.00 22.66  ? 219 HOH A O   1 
HETATM 585 O  O   . HOH C 3 .  ? 11.087  -2.924  -4.810  1.00 38.85  ? 220 HOH A O   1 
HETATM 586 O  O   . HOH C 3 .  ? -9.883  2.237   -10.268 1.00 80.05  ? 221 HOH A O   1 
HETATM 587 O  O   . HOH C 3 .  ? 10.486  -5.591  13.131  1.00 17.46  ? 222 HOH A O   1 
HETATM 588 O  O   . HOH C 3 .  ? 9.240   2.118   7.084   1.00 21.26  ? 223 HOH A O   1 
HETATM 589 O  O   . HOH C 3 .  ? 7.161   -5.768  -3.938  1.00 27.92  ? 224 HOH A O   1 
HETATM 590 O  O   . HOH C 3 .  ? -7.298  3.686   -16.423 1.00 15.96  ? 225 HOH A O   1 
HETATM 591 O  O   . HOH C 3 .  ? -11.869 4.672   -10.664 1.00 37.91  ? 226 HOH A O   1 
HETATM 592 O  O   . HOH C 3 .  ? -4.745  11.847  -1.067  1.00 20.27  ? 227 HOH A O   1 
HETATM 593 O  O   . HOH C 3 .  ? 4.918   7.263   4.936   1.00 22.41  ? 228 HOH A O   1 
HETATM 594 O  O   . HOH C 3 .  ? -8.727  0.096   4.360   1.00 13.41  ? 229 HOH A O   1 
HETATM 595 O  O   . HOH C 3 .  ? -12.511 6.970   1.361   1.00 17.88  ? 230 HOH A O   1 
HETATM 596 O  O   . HOH C 3 .  ? -0.874  7.319   -14.929 1.00 20.19  ? 231 HOH A O   1 
HETATM 597 O  O   . HOH C 3 .  ? -7.866  2.650   -5.847  1.00 13.54  ? 232 HOH A O   1 
HETATM 598 O  O   . HOH C 3 .  ? 1.079   10.336  -7.323  1.00 38.90  ? 233 HOH A O   1 
HETATM 599 O  O   . HOH C 3 .  ? 12.946  -9.046  9.302   1.00 18.33  ? 234 HOH A O   1 
HETATM 600 O  O   . HOH C 3 .  ? -6.338  -2.287  6.675   1.00 20.03  ? 235 HOH A O   1 
HETATM 601 O  O   . HOH C 3 .  ? 11.739  -2.805  2.304   1.00 13.78  ? 236 HOH A O   1 
HETATM 602 O  O   . HOH C 3 .  ? 3.423   6.086   11.395  1.00 30.16  ? 237 HOH A O   1 
HETATM 603 O  O   . HOH C 3 .  ? -10.611 -0.716  -2.284  1.00 15.36  ? 238 HOH A O   1 
HETATM 604 O  O   . HOH C 3 .  ? 3.206   -6.603  -6.497  1.00 26.09  ? 239 HOH A O   1 
HETATM 605 O  O   . HOH C 3 .  ? 7.471   3.480   8.293   1.00 30.41  ? 240 HOH A O   1 
HETATM 606 O  O   . HOH C 3 .  ? 4.255   -2.609  12.597  1.00 22.69  ? 241 HOH A O   1 
HETATM 607 O  O   . HOH C 3 .  ? -4.620  -9.033  4.279   1.00 40.20  ? 242 HOH A O   1 
HETATM 608 O  O   . HOH C 3 .  ? 4.825   8.901   2.675   1.00 27.84  ? 243 HOH A O   1 
HETATM 609 O  O   . HOH C 3 .  ? 12.593  -4.419  5.387   1.00 17.01  ? 244 HOH A O   1 
HETATM 610 O  O   . HOH C 3 .  ? -13.526 -7.365  1.692   1.00 54.41  ? 245 HOH A O   1 
HETATM 611 O  O   . HOH C 3 .  ? -3.405  -4.783  -10.441 1.00 27.85  ? 246 HOH A O   1 
HETATM 612 O  O   . HOH C 3 .  ? -2.712  -6.371  10.801  1.00 29.86  ? 247 HOH A O   1 
HETATM 613 O  O   . HOH C 3 .  ? -6.287  8.572   -10.730 1.00 23.62  ? 248 HOH A O   1 
HETATM 614 O  O   . HOH C 3 .  ? 1.297   -1.949  -12.916 1.00 28.32  ? 249 HOH A O   1 
HETATM 615 O  O   . HOH C 3 .  ? -4.495  -6.822  -3.236  1.00 22.49  ? 250 HOH A O   1 
HETATM 616 O  O   . HOH C 3 .  ? 6.404   -1.653  -9.026  1.00 27.72  ? 251 HOH A O   1 
HETATM 617 O  O   . HOH C 3 .  ? 6.096   -2.061  -12.770 1.00 54.87  ? 252 HOH A O   1 
HETATM 618 O  O   . HOH C 3 .  ? 1.196   -4.553  -7.035  1.00 18.02  ? 253 HOH A O   1 
HETATM 619 O  O   . HOH C 3 .  ? -11.515 8.206   4.421   1.00 17.37  ? 254 HOH A O   1 
HETATM 620 O  O   . HOH C 3 .  ? -11.032 0.111   -10.782 1.00 26.30  ? 255 HOH A O   1 
HETATM 621 O  O   . HOH C 3 .  ? 5.123   10.084  -2.304  1.00 42.64  ? 256 HOH A O   1 
HETATM 622 O  O   . HOH C 3 .  ? -6.765  -8.219  -2.763  1.00 38.80  ? 257 HOH A O   1 
HETATM 623 O  O   . HOH C 3 .  ? 14.056  -0.855  0.873   1.00 33.22  ? 258 HOH A O   1 
HETATM 624 O  O   . HOH C 3 .  ? -3.057  1.790   -17.381 1.00 18.44  ? 259 HOH A O   1 
HETATM 625 O  O   . HOH C 3 .  ? -10.878 3.812   -7.635  1.00 29.13  ? 260 HOH A O   1 
HETATM 626 O  O   . HOH C 3 .  ? -0.119  3.406   -17.093 1.00 24.26  ? 261 HOH A O   1 
HETATM 627 O  O   . HOH C 3 .  ? -1.845  -9.176  10.781  1.00 28.96  ? 262 HOH A O   1 
HETATM 628 O  O   . HOH C 3 .  ? -2.858  11.055  -7.845  1.00 29.09  ? 263 HOH A O   1 
HETATM 629 O  O   . HOH C 3 .  ? -12.414 8.688   -10.374 1.00 17.26  ? 264 HOH A O   1 
HETATM 630 O  O   . HOH C 3 .  ? 0.314   -0.986  12.230  1.00 28.92  ? 265 HOH A O   1 
HETATM 631 O  O   . HOH C 3 .  ? -4.486  -10.184 8.245   1.00 56.00  ? 266 HOH A O   1 
HETATM 632 O  O   . HOH C 3 .  ? -6.705  -6.331  6.899   1.00 23.49  ? 267 HOH A O   1 
HETATM 633 O  O   . HOH C 3 .  ? -10.046 -8.874  -8.975  1.00 29.43  ? 268 HOH A O   1 
HETATM 634 O  O   . HOH C 3 .  ? -3.949  -8.297  -7.957  1.00 49.48  ? 269 HOH A O   1 
HETATM 635 O  O   . HOH C 3 .  ? -0.158  2.261   12.491  1.00 19.65  ? 270 HOH A O   1 
HETATM 636 O  O   . HOH C 3 .  ? 11.358  3.464   5.261   1.00 20.71  ? 271 HOH A O   1 
HETATM 637 O  O   . HOH C 3 .  ? 0.426   8.587   9.085   1.00 36.76  ? 272 HOH A O   1 
HETATM 638 O  O   . HOH C 3 .  ? 7.935   -9.893  -1.985  1.00 26.25  ? 273 HOH A O   1 
HETATM 639 O  O   . HOH C 3 .  ? -4.697  -2.839  11.383  1.00 33.29  ? 274 HOH A O   1 
HETATM 640 O  O   . HOH C 3 .  ? -8.495  15.456  -1.936  1.00 55.76  ? 275 HOH A O   1 
HETATM 641 O  O   . HOH C 3 .  ? 0.904   -8.791  -0.412  1.00 26.66  ? 276 HOH A O   1 
HETATM 642 O  O   . HOH C 3 .  ? 5.931   -12.728 12.555  1.00 37.92  ? 277 HOH A O   1 
HETATM 643 O  O   . HOH C 3 .  ? -11.647 6.531   -8.540  1.00 38.40  ? 278 HOH A O   1 
HETATM 644 O  O   . HOH C 3 .  ? 5.895   -8.094  -3.063  1.00 21.69  ? 279 HOH A O   1 
HETATM 645 O  O   . HOH C 3 .  ? -13.900 -1.950  -5.174  1.00 30.08  ? 280 HOH A O   1 
HETATM 646 O  O   . HOH C 3 .  ? -5.687  -7.028  9.373   1.00 39.58  ? 281 HOH A O   1 
HETATM 647 O  O   . HOH C 3 .  ? 6.306   5.605   11.926  1.00 43.08  ? 282 HOH A O   1 
HETATM 648 O  O   . HOH C 3 .  ? 6.027   0.548   14.160  1.00 27.52  ? 283 HOH A O   1 
HETATM 649 O  O   . HOH C 3 .  ? 7.797   -13.719 -0.023  1.00 27.98  ? 284 HOH A O   1 
HETATM 650 O  O   . HOH C 3 .  ? -11.018 0.664   -7.346  1.00 40.53  ? 285 HOH A O   1 
HETATM 651 O  O   . HOH C 3 .  ? 11.060  3.876   -3.546  1.00 29.00  ? 286 HOH A O   1 
HETATM 652 O  O   . HOH C 3 .  ? -10.367 8.720   -4.479  1.00 27.04  ? 287 HOH A O   1 
HETATM 653 O  O   . HOH C 3 .  ? 4.516   -4.316  15.602  1.00 44.08  ? 288 HOH A O   1 
HETATM 654 O  O   . HOH C 3 .  ? -14.398 -6.584  -0.773  1.00 35.91  ? 289 HOH A O   1 
HETATM 655 O  O   . HOH C 3 .  ? -2.948  1.782   13.116  1.00 32.49  ? 290 HOH A O   1 
HETATM 656 O  O   . HOH C 3 .  ? 0.473   -5.107  -9.635  1.00 40.05  ? 291 HOH A O   1 
HETATM 657 O  O   . HOH C 3 .  ? -13.600 -3.442  -2.593  1.00 33.14  ? 292 HOH A O   1 
HETATM 658 O  O   . HOH C 3 .  ? 3.138   8.022   9.501   1.00 36.60  ? 293 HOH A O   1 
HETATM 659 O  O   . HOH C 3 .  ? 3.922   -3.494  -10.178 1.00 55.00  ? 294 HOH A O   1 
HETATM 660 O  O   . HOH C 3 .  ? -0.809  -9.011  13.110  1.00 47.79  ? 295 HOH A O   1 
HETATM 661 O  O   . HOH C 3 .  ? 8.637   -6.044  15.076  1.00 29.90  ? 296 HOH A O   1 
HETATM 662 O  O   . HOH C 3 .  ? 2.147   -1.780  13.935  1.00 31.23  ? 297 HOH A O   1 
HETATM 663 O  O   . HOH C 3 .  ? -3.814  -0.629  -18.575 1.00 21.74  ? 298 HOH A O   1 
HETATM 664 O  O   . HOH C 3 .  ? 4.515   -12.833 6.044   1.00 40.73  ? 299 HOH A O   1 
HETATM 665 O  O   . HOH C 3 .  ? -13.022 10.503  -1.063  1.00 32.00  ? 300 HOH A O   1 
HETATM 666 O  O   . HOH C 3 .  ? -11.398 8.782   -7.056  1.00 26.90  ? 301 HOH A O   1 
HETATM 667 O  O   . HOH C 3 .  ? 14.231  -3.075  -7.010  1.00 58.96  ? 302 HOH A O   1 
HETATM 668 O  O   . HOH C 3 .  ? -7.715  0.933   9.128   1.00 22.08  ? 303 HOH A O   1 
HETATM 669 O  O   . HOH C 3 .  ? -13.252 -0.766  -1.449  1.00 18.34  ? 304 HOH A O   1 
HETATM 670 O  O   . HOH C 3 .  ? 12.630  -3.399  15.498  1.00 27.68  ? 305 HOH A O   1 
HETATM 671 O  O   . HOH C 3 .  ? -5.437  13.858  0.597   1.00 32.96  ? 306 HOH A O   1 
HETATM 672 O  O   . HOH C 3 .  ? -13.157 3.615   -6.302  1.00 32.33  ? 307 HOH A O   1 
HETATM 673 O  O   . HOH C 3 .  ? -6.973  -0.907  10.979  1.00 33.93  ? 308 HOH A O   1 
HETATM 674 O  O   . HOH C 3 .  ? -13.014 -2.269  3.591   1.00 107.45 ? 309 HOH A O   1 
HETATM 675 O  O   . HOH C 3 .  ? -1.865  -2.913  -12.558 1.00 22.25  ? 310 HOH A O   1 
HETATM 676 O  O   . HOH C 3 .  ? 9.795   2.397   14.941  1.00 49.89  ? 311 HOH A O   1 
HETATM 677 O  O   . HOH C 3 .  ? 9.707   -1.616  18.263  1.00 43.70  ? 312 HOH A O   1 
HETATM 678 O  O   . HOH C 3 .  ? 10.668  -3.615  17.318  1.00 42.39  ? 313 HOH A O   1 
HETATM 679 O  O   . HOH C 3 .  ? -9.662  10.390  -8.247  1.00 24.35  ? 314 HOH A O   1 
HETATM 680 O  O   . HOH C 3 .  ? -13.385 6.267   -1.125  1.00 21.90  ? 315 HOH A O   1 
HETATM 681 O  O   . HOH C 3 .  ? 5.337   -5.994  -8.069  1.00 38.86  ? 316 HOH A O   1 
HETATM 682 O  O   . HOH C 3 .  ? -12.622 8.312   -2.820  1.00 27.03  ? 317 HOH A O   1 
HETATM 683 O  O   . HOH C 3 .  ? -14.514 3.867   -2.086  1.00 21.70  ? 318 HOH A O   1 
HETATM 684 O  O   . HOH C 3 .  ? -6.887  13.821  2.961   1.00 29.91  ? 319 HOH A O   1 
HETATM 685 O  O   . HOH C 3 .  ? 15.600  -2.764  2.279   1.00 23.74  ? 320 HOH A O   1 
# 
loop_
_atom_site_anisotrop.id 
_atom_site_anisotrop.type_symbol 
_atom_site_anisotrop.pdbx_label_atom_id 
_atom_site_anisotrop.pdbx_label_alt_id 
_atom_site_anisotrop.pdbx_label_comp_id 
_atom_site_anisotrop.pdbx_label_asym_id 
_atom_site_anisotrop.pdbx_label_seq_id 
_atom_site_anisotrop.pdbx_PDB_ins_code 
_atom_site_anisotrop.U[1][1] 
_atom_site_anisotrop.U[2][2] 
_atom_site_anisotrop.U[3][3] 
_atom_site_anisotrop.U[1][2] 
_atom_site_anisotrop.U[1][3] 
_atom_site_anisotrop.U[2][3] 
_atom_site_anisotrop.pdbx_auth_seq_id 
_atom_site_anisotrop.pdbx_auth_comp_id 
_atom_site_anisotrop.pdbx_auth_asym_id 
_atom_site_anisotrop.pdbx_auth_atom_id 
1   N  N   . MET A 1  ? 0.6030 0.5513 0.2810 0.0871  0.1653  0.1842  1   MET A N   
2   C  CA  . MET A 1  ? 0.5449 0.4445 0.2730 0.0883  0.0871  0.1946  1   MET A CA  
3   C  C   . MET A 1  ? 0.2184 0.3440 0.2323 0.0391  -0.0064 0.0240  1   MET A C   
4   O  O   . MET A 1  ? 0.3055 0.3776 0.2748 -0.0025 -0.0125 0.0800  1   MET A O   
5   C  CB  . MET A 1  ? 0.5954 0.7838 0.3990 0.1420  0.0737  0.0371  1   MET A CB  
6   C  CG  . MET A 1  ? 0.7164 0.6621 0.7622 -0.0595 -0.3164 0.2143  1   MET A CG  
7   S  SD  . MET A 1  ? 1.0726 1.4572 1.4092 0.0705  0.2437  -0.0762 1   MET A SD  
8   C  CE  . MET A 1  ? 0.9977 1.2838 0.7837 0.2056  -0.0273 0.1409  1   MET A CE  
9   N  N   . ILE A 2  ? 0.2433 0.3198 0.2342 0.0424  0.0312  0.0904  2   ILE A N   
10  C  CA  . ILE A 2  ? 0.2244 0.2842 0.2266 0.0703  0.0320  0.0263  2   ILE A CA  
11  C  C   . ILE A 2  ? 0.2189 0.2544 0.2507 0.0133  0.0271  0.0357  2   ILE A C   
12  O  O   . ILE A 2  ? 0.2549 0.3303 0.4282 -0.0303 -0.0276 0.1418  2   ILE A O   
13  C  CB  . ILE A 2  ? 0.3174 0.4141 0.2656 0.1189  0.0028  -0.0220 2   ILE A CB  
14  C  CG1 . ILE A 2  ? 0.2961 0.5296 0.3054 0.0410  0.1018  0.0373  2   ILE A CG1 
15  C  CG2 . ILE A 2  ? 0.4758 0.4942 0.2668 0.1152  -0.0432 -0.0230 2   ILE A CG2 
16  C  CD1 . ILE A 2  ? 0.3592 0.4122 0.4211 -0.0375 0.0732  0.0302  2   ILE A CD1 
17  N  N   . HIS A 3  ? 0.1657 0.2359 0.1827 -0.0195 0.0117  0.0372  3   HIS A N   
18  C  CA  . HIS A 3  ? 0.1675 0.2486 0.1907 -0.0167 0.0124  0.0325  3   HIS A CA  
19  C  C   . HIS A 3  ? 0.1600 0.2175 0.1906 -0.0206 0.0157  0.0166  3   HIS A C   
20  O  O   . HIS A 3  ? 0.1575 0.2787 0.1949 -0.0419 0.0163  0.0260  3   HIS A O   
21  C  CB  . HIS A 3  ? 0.1957 0.2879 0.2155 0.0045  0.0419  0.0076  3   HIS A CB  
22  C  CG  . HIS A 3  ? 0.2900 0.3291 0.2134 -0.0041 0.0411  -0.0108 3   HIS A CG  
23  N  ND1 . HIS A 3  ? 0.3586 0.4088 0.2459 -0.0137 0.0083  -0.0415 3   HIS A ND1 
24  C  CD2 . HIS A 3  ? 0.2916 0.3724 0.2139 -0.0642 0.0492  0.0047  3   HIS A CD2 
25  C  CE1 . HIS A 3  ? 0.3226 0.3922 0.2070 -0.0230 -0.0065 -0.0429 3   HIS A CE1 
26  N  NE2 . HIS A 3  ? 0.4439 0.4569 0.2264 -0.0355 -0.0317 0.0013  3   HIS A NE2 
27  N  N   . GLN A 4  ? 0.1402 0.2700 0.2108 -0.0067 0.0249  0.0508  4   GLN A N   
28  C  CA  . GLN A 4  ? 0.1643 0.2590 0.2157 0.0160  -0.0122 0.0483  4   GLN A CA  
29  C  C   . GLN A 4  ? 0.1511 0.2284 0.1992 -0.0272 0.0090  0.0252  4   GLN A C   
30  O  O   . GLN A 4  ? 0.1566 0.3467 0.2346 -0.0122 0.0453  0.0702  4   GLN A O   
31  C  CB  . GLN A 4  ? 0.2201 0.3255 0.3421 0.0073  0.0153  -0.0136 4   GLN A CB  
32  C  CG  . GLN A 4  ? 0.3719 0.4311 0.4150 -0.0393 -0.0434 -0.0543 4   GLN A CG  
33  C  CD  . GLN A 4  ? 0.7302 0.5419 0.5927 -0.0105 -0.0019 -0.1311 4   GLN A CD  
34  O  OE1 . GLN A 4  ? 0.7839 1.0715 0.6308 -0.0787 0.2018  0.1973  4   GLN A OE1 
35  N  NE2 . GLN A 4  ? 0.8387 0.7872 0.7344 -0.0420 0.0416  0.0714  4   GLN A NE2 
36  N  N   . ASN A 5  ? 0.1636 0.2356 0.1422 -0.0064 0.0191  0.0007  5   ASN A N   
37  C  CA  . ASN A 5  ? 0.1531 0.2487 0.1586 -0.0011 0.0170  0.0088  5   ASN A CA  
38  C  C   . ASN A 5  ? 0.1388 0.2274 0.1618 -0.0242 0.0239  0.0141  5   ASN A C   
39  O  O   . ASN A 5  ? 0.1280 0.2680 0.1591 -0.0184 0.0264  -0.0106 5   ASN A O   
40  C  CB  . ASN A 5  ? 0.1981 0.2549 0.2007 0.0015  0.0168  -0.0057 5   ASN A CB  
41  C  CG  . ASN A 5  ? 0.1899 0.2959 0.2142 0.0003  0.0081  -0.0015 5   ASN A CG  
42  O  OD1 . ASN A 5  ? 0.2123 0.3514 0.2053 0.0024  -0.0191 -0.0062 5   ASN A OD1 
43  N  ND2 . ASN A 5  ? 0.2379 0.3033 0.2313 0.0261  0.0203  -0.0290 5   ASN A ND2 
44  N  N   . THR A 6  ? 0.1303 0.2007 0.1608 -0.0046 0.0173  0.0036  6   THR A N   
45  C  CA  . THR A 6  ? 0.1321 0.1815 0.1781 -0.0027 0.0187  0.0000  6   THR A CA  
46  C  C   . THR A 6  ? 0.1604 0.1723 0.1467 -0.0157 0.0101  -0.0181 6   THR A C   
47  O  O   . THR A 6  ? 0.1688 0.2223 0.1827 -0.0056 0.0530  -0.0070 6   THR A O   
48  C  CB  . THR A 6  ? 0.1690 0.2046 0.2065 0.0000  -0.0325 -0.0340 6   THR A CB  
49  O  OG1 . THR A 6  ? 0.2463 0.2039 0.3213 -0.0136 -0.0372 -0.0407 6   THR A OG1 
50  C  CG2 . THR A 6  ? 0.2180 0.2419 0.2053 -0.0026 -0.0214 -0.0311 6   THR A CG2 
51  N  N   . ILE A 7  ? 0.1355 0.1826 0.1417 -0.0061 0.0242  -0.0070 7   ILE A N   
52  C  CA  . ILE A 7  ? 0.1401 0.1655 0.1365 -0.0140 0.0139  -0.0101 7   ILE A CA  
53  C  C   . ILE A 7  ? 0.1198 0.1810 0.1391 -0.0253 0.0161  -0.0224 7   ILE A C   
54  O  O   . ILE A 7  ? 0.1549 0.2095 0.1374 0.0112  0.0126  -0.0402 7   ILE A O   
55  C  CB  . ILE A 7  ? 0.1462 0.1990 0.1410 -0.0205 0.0139  -0.0112 7   ILE A CB  
56  C  CG1 . ILE A 7  ? 0.1395 0.2441 0.1616 -0.0135 0.0088  -0.0144 7   ILE A CG1 
57  C  CG2 . ILE A 7  ? 0.1469 0.1910 0.1428 -0.0362 0.0135  -0.0118 7   ILE A CG2 
58  C  CD1 . ILE A 7  ? 0.1361 0.2213 0.1782 -0.0103 0.0037  -0.0278 7   ILE A CD1 
59  N  N   . TYR A 8  ? 0.1321 0.1646 0.1267 -0.0170 0.0247  -0.0151 8   TYR A N   
60  C  CA  . TYR A 8  ? 0.1400 0.1767 0.1316 -0.0059 0.0151  -0.0283 8   TYR A CA  
61  C  C   . TYR A 8  ? 0.1348 0.1644 0.1425 -0.0171 0.0184  -0.0251 8   TYR A C   
62  O  O   . TYR A 8  ? 0.1504 0.1792 0.1579 -0.0032 0.0338  -0.0353 8   TYR A O   
63  C  CB  . TYR A 8  ? 0.1450 0.1780 0.1370 -0.0250 0.0173  -0.0237 8   TYR A CB  
64  C  CG  . TYR A 8  ? 0.1347 0.1925 0.1531 -0.0237 0.0330  -0.0148 8   TYR A CG  
65  C  CD1 . TYR A 8  ? 0.1557 0.2091 0.1842 -0.0001 0.0434  0.0110  8   TYR A CD1 
66  C  CD2 . TYR A 8  ? 0.1584 0.1731 0.1780 -0.0162 0.0276  -0.0164 8   TYR A CD2 
67  C  CE1 . TYR A 8  ? 0.2120 0.2310 0.2146 -0.0169 0.0318  0.0157  8   TYR A CE1 
68  C  CE2 . TYR A 8  ? 0.1934 0.1866 0.2331 -0.0492 0.0372  -0.0245 8   TYR A CE2 
69  C  CZ  . TYR A 8  ? 0.2069 0.1994 0.2358 -0.0286 0.0469  0.0177  8   TYR A CZ  
70  O  OH  . TYR A 8  ? 0.3465 0.2134 0.3269 -0.0607 0.0945  0.0428  8   TYR A OH  
71  N  N   . THR A 9  ? 0.1805 0.1904 0.1430 -0.0271 0.0346  -0.0248 9   THR A N   
72  C  CA  . THR A 9  ? 0.1626 0.1755 0.1582 -0.0148 0.0188  -0.0396 9   THR A CA  
73  C  C   . THR A 9  ? 0.1727 0.1737 0.1436 -0.0208 0.0284  -0.0193 9   THR A C   
74  O  O   . THR A 9  ? 0.1569 0.2025 0.1891 -0.0265 0.0097  -0.0391 9   THR A O   
75  C  CB  . THR A 9  ? 0.1614 0.1782 0.1594 -0.0334 0.0201  -0.0566 9   THR A CB  
76  O  OG1 . THR A 9  ? 0.1654 0.1986 0.1284 -0.0178 0.0193  -0.0185 9   THR A OG1 
77  C  CG2 . THR A 9  ? 0.1816 0.1840 0.1788 -0.0289 0.0234  -0.0197 9   THR A CG2 
78  N  N   . ALA A 10 ? 0.1622 0.1732 0.2004 -0.0228 0.0179  -0.0100 10  ALA A N   
79  C  CA  . ALA A 10 ? 0.1694 0.2052 0.1982 -0.0211 0.0007  -0.0208 10  ALA A CA  
80  C  C   . ALA A 10 ? 0.1785 0.1936 0.2407 0.0021  -0.0119 0.0017  10  ALA A C   
81  O  O   . ALA A 10 ? 0.2081 0.2129 0.2146 -0.0380 0.0269  -0.0216 10  ALA A O   
82  C  CB  . ALA A 10 ? 0.1678 0.2836 0.2888 0.0121  -0.0233 -0.0026 10  ALA A CB  
83  N  N   . GLY A 11 ? 0.1521 0.1922 0.2185 -0.0113 -0.0119 0.0020  11  GLY A N   
84  C  CA  . GLY A 11 ? 0.1883 0.1988 0.1947 0.0037  -0.0136 0.0175  11  GLY A CA  
85  C  C   . GLY A 11 ? 0.1896 0.1526 0.1708 -0.0280 -0.0335 0.0032  11  GLY A C   
86  O  O   . GLY A 11 ? 0.2512 0.1861 0.1932 -0.0329 -0.0305 0.0527  11  GLY A O   
87  N  N   . ILE A 12 ? 0.1609 0.1529 0.1544 -0.0093 -0.0222 0.0006  12  ILE A N   
88  C  CA  . ILE A 12 ? 0.1734 0.1617 0.1377 -0.0234 -0.0124 0.0076  12  ILE A CA  
89  C  C   . ILE A 12 ? 0.2032 0.1995 0.1433 -0.0574 -0.0123 0.0055  12  ILE A C   
90  O  O   . ILE A 12 ? 0.2662 0.2040 0.1352 -0.0712 -0.0134 0.0069  12  ILE A O   
91  C  CB  . ILE A 12 ? 0.1820 0.1634 0.1307 -0.0182 0.0063  0.0058  12  ILE A CB  
92  C  CG1 . ILE A 12 ? 0.1401 0.2072 0.1262 -0.0086 0.0004  -0.0051 12  ILE A CG1 
93  C  CG2 . ILE A 12 ? 0.2209 0.1820 0.1462 0.0096  0.0244  0.0170  12  ILE A CG2 
94  C  CD1 . ILE A 12 ? 0.1468 0.2604 0.1533 0.0001  0.0081  0.0262  12  ILE A CD1 
95  N  N   . GLU A 13 ? 0.1524 0.1491 0.1232 -0.0202 -0.0261 0.0045  13  GLU A N   
96  C  CA  . GLU A 13 ? 0.1336 0.1644 0.1359 -0.0273 -0.0200 -0.0039 13  GLU A CA  
97  C  C   . GLU A 13 ? 0.1590 0.1722 0.1340 -0.0235 -0.0106 0.0041  13  GLU A C   
98  O  O   . GLU A 13 ? 0.1734 0.1971 0.1441 -0.0278 -0.0156 -0.0297 13  GLU A O   
99  C  CB  . GLU A 13 ? 0.1659 0.1505 0.1281 -0.0123 -0.0212 -0.0137 13  GLU A CB  
100 C  CG  . GLU A 13 ? 0.1720 0.1594 0.1439 -0.0117 -0.0064 0.0132  13  GLU A CG  
101 C  CD  . GLU A 13 ? 0.1838 0.1624 0.1463 0.0004  0.0208  0.0157  13  GLU A CD  
102 O  OE1 . GLU A 13 ? 0.2184 0.1589 0.1501 -0.0051 0.0347  0.0259  13  GLU A OE1 
103 O  OE2 . GLU A 13 ? 0.2079 0.1753 0.1958 0.0087  0.0353  0.0335  13  GLU A OE2 
104 N  N   . THR A 14 ? 0.1641 0.1655 0.1257 -0.0090 -0.0087 -0.0044 14  THR A N   
105 C  CA  . THR A 14 ? 0.1420 0.2016 0.1310 -0.0299 -0.0062 -0.0121 14  THR A CA  
106 C  C   . THR A 14 ? 0.1496 0.1867 0.1300 -0.0025 0.0000  -0.0028 14  THR A C   
107 O  O   . THR A 14 ? 0.1899 0.1982 0.1298 0.0072  -0.0144 0.0055  14  THR A O   
108 C  CB  . THR A 14 ? 0.1623 0.2160 0.1389 -0.0187 0.0020  0.0126  14  THR A CB  
109 O  OG1 . THR A 14 ? 0.1889 0.2178 0.1363 -0.0352 -0.0102 0.0075  14  THR A OG1 
110 C  CG2 . THR A 14 ? 0.1954 0.2000 0.1716 -0.0104 -0.0079 0.0066  14  THR A CG2 
111 N  N   . GLU A 15 ? 0.2093 0.1911 0.1544 0.0175  -0.0217 -0.0373 15  GLU A N   
112 C  CA  . GLU A 15 ? 0.2143 0.2275 0.1549 0.0297  -0.0058 -0.0238 15  GLU A CA  
113 C  C   . GLU A 15 ? 0.2176 0.2027 0.1458 0.0392  0.0125  -0.0111 15  GLU A C   
114 O  O   . GLU A 15 ? 0.2007 0.2679 0.1421 0.0359  -0.0066 -0.0146 15  GLU A O   
115 C  CB  . GLU A 15 ? 0.3051 0.2812 0.1713 0.0653  -0.0070 -0.0458 15  GLU A CB  
116 C  CG  . GLU A 15 ? 0.3707 0.3186 0.2851 0.0494  0.0257  -0.0490 15  GLU A CG  
117 C  CD  . GLU A 15 ? 0.3698 0.4496 0.2899 0.0154  0.1465  -0.0880 15  GLU A CD  
118 O  OE1 . GLU A 15 ? 0.4334 0.5343 0.3678 -0.1213 0.1757  -0.1643 15  GLU A OE1 
119 O  OE2 . GLU A 15 ? 0.6260 0.5609 0.6690 -0.1690 0.1012  -0.2646 15  GLU A OE2 
120 N  N   . GLU A 16 ? 0.1959 0.2313 0.1292 0.0152  0.0185  0.0006  16  GLU A N   
121 C  CA  . GLU A 16 ? 0.1737 0.3014 0.1615 0.0046  0.0145  0.0033  16  GLU A CA  
122 C  C   . GLU A 16 ? 0.1599 0.2607 0.1447 0.0032  -0.0043 0.0154  16  GLU A C   
123 O  O   . GLU A 16 ? 0.1706 0.3201 0.1463 -0.0247 -0.0016 0.0272  16  GLU A O   
124 C  CB  . GLU A 16 ? 0.2450 0.3320 0.1530 -0.0199 0.0432  0.0258  16  GLU A CB  
125 C  CG  . GLU A 16 ? 0.4106 0.4002 0.2946 -0.0923 0.0061  0.0405  16  GLU A CG  
126 C  CD  . GLU A 16 ? 0.7621 0.6553 0.3934 -0.0998 -0.0109 0.2080  16  GLU A CD  
127 O  OE1 . GLU A 16 ? 1.2124 1.0337 0.5562 -0.1622 -0.2052 -0.1870 16  GLU A OE1 
128 O  OE2 . GLU A 16 ? 1.1407 0.6021 0.7985 -0.0905 -0.1380 -0.0653 16  GLU A OE2 
129 N  N   . GLN A 17 ? 0.1519 0.2337 0.1347 -0.0174 -0.0131 0.0039  17  GLN A N   
130 C  CA  . GLN A 17 ? 0.1776 0.1778 0.1392 -0.0124 -0.0087 -0.0116 17  GLN A CA  
131 C  C   . GLN A 17 ? 0.1505 0.1864 0.1406 -0.0245 0.0082  -0.0034 17  GLN A C   
132 O  O   . GLN A 17 ? 0.1762 0.2149 0.1226 -0.0343 0.0056  -0.0036 17  GLN A O   
133 C  CB  . GLN A 17 ? 0.1688 0.1907 0.1376 -0.0191 -0.0054 -0.0102 17  GLN A CB  
134 C  CG  . GLN A 17 ? 0.1899 0.1675 0.1458 -0.0230 -0.0081 -0.0208 17  GLN A CG  
135 C  CD  . GLN A 17 ? 0.1898 0.1891 0.1561 -0.0224 0.0111  -0.0207 17  GLN A CD  
136 O  OE1 . GLN A 17 ? 0.2222 0.2051 0.2462 -0.0593 0.0380  -0.0575 17  GLN A OE1 
137 N  NE2 . GLN A 17 ? 0.2334 0.1763 0.1930 -0.0213 -0.0221 0.0090  17  GLN A NE2 
138 N  N   . VAL A 18 ? 0.1767 0.1663 0.1309 -0.0081 -0.0022 -0.0054 18  VAL A N   
139 C  CA  . VAL A 18 ? 0.1688 0.1695 0.1260 0.0072  0.0022  -0.0193 18  VAL A CA  
140 C  C   . VAL A 18 ? 0.1658 0.2282 0.1423 -0.0115 0.0031  0.0026  18  VAL A C   
141 O  O   . VAL A 18 ? 0.1733 0.2508 0.1267 -0.0070 -0.0093 -0.0027 18  VAL A O   
142 C  CB  . VAL A 18 ? 0.1754 0.1966 0.1536 -0.0172 -0.0051 -0.0121 18  VAL A CB  
143 C  CG1 . VAL A 18 ? 0.2046 0.1812 0.1691 -0.0067 -0.0025 -0.0318 18  VAL A CG1 
144 C  CG2 . VAL A 18 ? 0.1761 0.2082 0.1634 -0.0108 0.0032  -0.0038 18  VAL A CG2 
145 N  N   . SER A 19 ? 0.1569 0.2532 0.1244 -0.0041 0.0107  -0.0136 19  SER A N   
146 C  CA  . SER A 19 ? 0.1763 0.2906 0.1698 0.0222  0.0224  -0.0303 19  SER A CA  
147 C  C   . SER A 19 ? 0.1591 0.2659 0.1441 0.0030  0.0162  0.0126  19  SER A C   
148 O  O   . SER A 19 ? 0.1699 0.2971 0.1420 0.0188  0.0133  0.0096  19  SER A O   
149 C  CB  . SER A 19 ? 0.2518 0.3961 0.1432 0.0410  0.0434  -0.0918 19  SER A CB  
150 O  OG  . SER A 19 ? 0.3948 0.4973 0.3760 0.0291  -0.0109 -0.1347 19  SER A OG  
151 N  N   . GLN A 20 ? 0.1632 0.2489 0.1508 -0.0223 0.0233  -0.0024 20  GLN A N   
152 C  CA  . GLN A 20 ? 0.1524 0.2605 0.1685 -0.0328 0.0598  -0.0062 20  GLN A CA  
153 C  C   . GLN A 20 ? 0.1340 0.2669 0.1474 -0.0199 0.0113  0.0147  20  GLN A C   
154 O  O   . GLN A 20 ? 0.1348 0.2946 0.1582 -0.0162 0.0011  -0.0009 20  GLN A O   
155 C  CB  . GLN A 20 ? 0.2156 0.2738 0.1541 -0.0314 0.0618  0.0215  20  GLN A CB  
156 C  CG  . GLN A 20 ? 0.3565 0.3551 0.2778 -0.0989 0.0105  -0.0163 20  GLN A CG  
157 C  CD  . GLN A 20 ? 0.3817 0.5831 0.5979 -0.0696 0.0219  -0.0573 20  GLN A CD  
158 O  OE1 . GLN A 20 ? 0.4751 0.6928 0.8862 -0.2366 0.2930  -0.2851 20  GLN A OE1 
159 N  NE2 . GLN A 20 ? 0.6773 0.3836 0.7164 -0.0407 -0.0534 -0.0523 20  GLN A NE2 
160 N  N   . LEU A 21 ? 0.1270 0.2429 0.1123 -0.0136 0.0029  -0.0098 21  LEU A N   
161 C  CA  . LEU A 21 ? 0.1325 0.2158 0.1199 -0.0146 0.0084  -0.0105 21  LEU A CA  
162 C  C   . LEU A 21 ? 0.1278 0.2049 0.1432 -0.0153 0.0108  -0.0139 21  LEU A C   
163 O  O   . LEU A 21 ? 0.1357 0.2528 0.1283 -0.0051 -0.0061 -0.0137 21  LEU A O   
164 C  CB  . LEU A 21 ? 0.1349 0.2338 0.1359 -0.0053 0.0032  -0.0036 21  LEU A CB  
165 C  CG  . LEU A 21 ? 0.1522 0.2080 0.1321 -0.0110 0.0060  -0.0090 21  LEU A CG  
166 C  CD1 . LEU A 21 ? 0.1532 0.1809 0.1592 -0.0070 0.0264  -0.0126 21  LEU A CD1 
167 C  CD2 . LEU A 21 ? 0.1462 0.2344 0.1424 0.0051  0.0059  0.0007  21  LEU A CD2 
168 N  N   . THR A 22 ? 0.1306 0.2224 0.1325 -0.0085 -0.0065 -0.0191 22  THR A N   
169 C  CA  . THR A 22 ? 0.1284 0.2237 0.1297 -0.0107 0.0151  -0.0092 22  THR A CA  
170 C  C   . THR A 22 ? 0.1389 0.2201 0.1412 0.0133  0.0101  0.0016  22  THR A C   
171 O  O   . THR A 22 ? 0.1684 0.2375 0.1480 0.0251  -0.0119 0.0039  22  THR A O   
172 C  CB  . THR A 22 ? 0.1786 0.2318 0.1459 -0.0078 0.0049  -0.0110 22  THR A CB  
173 O  OG1 . THR A 22 ? 0.1784 0.2396 0.1453 -0.0310 -0.0093 -0.0224 22  THR A OG1 
174 C  CG2 . THR A 22 ? 0.2119 0.2288 0.1677 -0.0056 -0.0182 -0.0386 22  THR A CG2 
175 N  N   . GLU A 23 ? 0.1482 0.2493 0.1178 -0.0089 0.0076  -0.0171 23  GLU A N   
176 C  CA  . GLU A 23 ? 0.1429 0.2743 0.1827 -0.0086 0.0116  -0.0079 23  GLU A CA  
177 C  C   . GLU A 23 ? 0.1332 0.2302 0.1721 0.0073  0.0069  0.0082  23  GLU A C   
178 O  O   . GLU A 23 ? 0.1366 0.2540 0.1691 0.0107  0.0007  0.0014  23  GLU A O   
179 C  CB  . GLU A 23 ? 0.1670 0.3379 0.1708 -0.0192 0.0142  -0.0036 23  GLU A CB  
180 C  CG  . GLU A 23 ? 0.1738 0.4570 0.2336 -0.0649 0.0387  0.0334  23  GLU A CG  
181 C  CD  . GLU A 23 ? 0.3953 0.5370 0.6050 0.0133  0.0974  -0.1292 23  GLU A CD  
182 O  OE1 . GLU A 23 ? 0.6065 0.5896 0.7672 -0.0323 0.1867  -0.0335 23  GLU A OE1 
183 O  OE2 . GLU A 23 ? 0.5024 1.1954 0.7115 -0.1802 0.3126  -0.0318 23  GLU A OE2 
184 N  N   . ARG A 24 ? 0.1383 0.2196 0.1387 -0.0129 -0.0102 0.0177  24  ARG A N   
185 C  CA  . ARG A 24 ? 0.1284 0.2208 0.1540 -0.0359 0.0065  0.0069  24  ARG A CA  
186 C  C   . ARG A 24 ? 0.1366 0.2404 0.1353 -0.0307 -0.0014 0.0040  24  ARG A C   
187 O  O   . ARG A 24 ? 0.1523 0.2744 0.1459 -0.0477 -0.0162 0.0112  24  ARG A O   
188 C  CB  . ARG A 24 ? 0.1993 0.2179 0.1745 -0.0316 0.0016  -0.0009 24  ARG A CB  
189 C  CG  . ARG A 24 ? 0.2354 0.2669 0.2121 -0.0379 0.0080  0.0270  24  ARG A CG  
190 C  CD  . ARG A 24 ? 0.2163 0.3214 0.2956 -0.0524 0.0477  -0.0100 24  ARG A CD  
191 N  NE  . ARG A 24 ? 0.3051 0.3684 0.3270 -0.1049 0.0566  -0.0509 24  ARG A NE  
192 C  CZ  . ARG A 24 ? 0.2774 0.4037 0.3502 -0.1040 0.0133  -0.0780 24  ARG A CZ  
193 N  NH1 . ARG A 24 ? 0.2555 0.5418 0.5843 -0.1158 0.0545  -0.0323 24  ARG A NH1 
194 N  NH2 . ARG A 24 ? 0.3936 0.5699 0.3811 -0.2766 -0.0164 -0.1817 24  ARG A NH2 
195 N  N   . ILE A 25 ? 0.1220 0.1981 0.1251 -0.0173 0.0052  0.0072  25  ILE A N   
196 C  CA  . ILE A 25 ? 0.1462 0.1932 0.1257 -0.0155 0.0113  -0.0132 25  ILE A CA  
197 C  C   . ILE A 25 ? 0.1411 0.1954 0.1253 -0.0126 0.0135  -0.0015 25  ILE A C   
198 O  O   . ILE A 25 ? 0.1120 0.2347 0.1334 0.0045  0.0057  -0.0057 25  ILE A O   
199 C  CB  . ILE A 25 ? 0.1465 0.1950 0.1317 -0.0110 -0.0006 -0.0075 25  ILE A CB  
200 C  CG1 . ILE A 25 ? 0.1519 0.1935 0.1215 -0.0106 0.0049  -0.0109 25  ILE A CG1 
201 C  CG2 . ILE A 25 ? 0.1410 0.2083 0.1653 -0.0044 0.0041  0.0168  25  ILE A CG2 
202 C  CD1 . ILE A 25 ? 0.1441 0.2136 0.1528 -0.0073 0.0126  -0.0061 25  ILE A CD1 
203 N  N   . SER A 26 ? 0.1351 0.2003 0.1179 0.0058  -0.0037 -0.0012 26  SER A N   
204 C  CA  . SER A 26 ? 0.1460 0.1802 0.1498 0.0054  0.0107  0.0044  26  SER A CA  
205 C  C   . SER A 26 ? 0.1565 0.1823 0.1375 0.0157  0.0060  -0.0132 26  SER A C   
206 O  O   . SER A 26 ? 0.1521 0.1909 0.1687 0.0319  0.0035  0.0022  26  SER A O   
207 C  CB  . SER A 26 ? 0.1442 0.1966 0.1999 0.0048  -0.0041 -0.0431 26  SER A CB  
208 O  OG  . SER A 26 ? 0.1657 0.2444 0.2032 -0.0055 0.0095  -0.0162 26  SER A OG  
209 N  N   . ASN A 27 ? 0.1250 0.1909 0.1350 0.0018  -0.0057 -0.0085 27  ASN A N   
210 C  CA  . ASN A 27 ? 0.1396 0.2399 0.1623 -0.0192 -0.0117 0.0016  27  ASN A CA  
211 C  C   . ASN A 27 ? 0.1254 0.2502 0.1579 -0.0155 0.0069  -0.0142 27  ASN A C   
212 O  O   . ASN A 27 ? 0.1212 0.2836 0.1847 -0.0167 -0.0011 -0.0320 27  ASN A O   
213 C  CB  . ASN A 27 ? 0.1172 0.2499 0.1938 -0.0313 -0.0026 0.0002  27  ASN A CB  
214 C  CG  . ASN A 27 ? 0.1632 0.2425 0.2088 0.0037  0.0033  -0.0030 27  ASN A CG  
215 O  OD1 . ASN A 27 ? 0.2411 0.2743 0.1964 0.0285  0.0495  0.0232  27  ASN A OD1 
216 N  ND2 . ASN A 27 ? 0.1948 0.3350 0.2302 -0.0192 0.0299  0.0363  27  ASN A ND2 
217 N  N   . MET A 28 ? 0.1189 0.2134 0.1389 -0.0025 -0.0067 -0.0011 28  MET A N   
218 C  CA  . MET A 28 ? 0.1409 0.1903 0.1519 -0.0127 0.0109  -0.0123 28  MET A CA  
219 C  C   . MET A 28 ? 0.1291 0.2009 0.1506 -0.0200 0.0054  -0.0048 28  MET A C   
220 O  O   . MET A 28 ? 0.1397 0.1888 0.1485 -0.0047 -0.0065 -0.0030 28  MET A O   
221 C  CB  . MET A 28 ? 0.1543 0.2255 0.1458 0.0050  0.0194  -0.0212 28  MET A CB  
222 C  CG  . MET A 28 ? 0.1634 0.2237 0.1806 0.0024  0.0234  -0.0138 28  MET A CG  
223 S  SD  . MET A 28 ? 0.1636 0.2797 0.1893 0.0135  0.0049  -0.0462 28  MET A SD  
224 C  CE  . MET A 28 ? 0.2606 0.3921 0.1876 0.0060  0.0032  -0.0045 28  MET A CE  
225 N  N   . ILE A 29 ? 0.1438 0.1838 0.1625 -0.0091 -0.0022 -0.0203 29  ILE A N   
226 C  CA  . ILE A 29 ? 0.1572 0.1754 0.1619 -0.0158 -0.0051 -0.0231 29  ILE A CA  
227 C  C   . ILE A 29 ? 0.1382 0.2008 0.1321 -0.0010 -0.0128 -0.0075 29  ILE A C   
228 O  O   . ILE A 29 ? 0.1577 0.2211 0.1512 0.0038  -0.0012 -0.0466 29  ILE A O   
229 C  CB  . ILE A 29 ? 0.1579 0.2212 0.1781 -0.0111 -0.0180 -0.0307 29  ILE A CB  
230 C  CG1 . ILE A 29 ? 0.1935 0.2484 0.2133 -0.0497 -0.0288 -0.0037 29  ILE A CG1 
231 C  CG2 . ILE A 29 ? 0.1225 0.2401 0.1913 -0.0058 -0.0106 -0.0217 29  ILE A CG2 
232 C  CD1 . ILE A 29 ? 0.1808 0.3212 0.2332 -0.0672 0.0452  -0.0176 29  ILE A CD1 
233 N  N   . GLY A 30 ? 0.1091 0.2003 0.1484 -0.0147 -0.0053 -0.0123 30  GLY A N   
234 C  CA  . GLY A 30 ? 0.1073 0.2089 0.1533 -0.0071 -0.0041 -0.0001 30  GLY A CA  
235 C  C   . GLY A 30 ? 0.1211 0.1990 0.1387 0.0025  -0.0006 -0.0027 30  GLY A C   
236 O  O   . GLY A 30 ? 0.1251 0.2317 0.1409 -0.0102 0.0065  0.0056  30  GLY A O   
237 N  N   . VAL A 31 ? 0.1242 0.1905 0.1264 -0.0075 0.0039  -0.0015 31  VAL A N   
238 C  CA  . VAL A 31 ? 0.1145 0.1861 0.1223 0.0054  0.0135  -0.0059 31  VAL A CA  
239 C  C   . VAL A 31 ? 0.1317 0.1887 0.1193 0.0011  0.0086  -0.0129 31  VAL A C   
240 O  O   . VAL A 31 ? 0.1197 0.2154 0.1458 -0.0093 0.0188  -0.0206 31  VAL A O   
241 C  CB  . VAL A 31 ? 0.1224 0.1814 0.1349 0.0011  0.0124  -0.0049 31  VAL A CB  
242 C  CG1 . VAL A 31 ? 0.1359 0.2054 0.1595 -0.0210 0.0012  -0.0087 31  VAL A CG1 
243 C  CG2 . VAL A 31 ? 0.1615 0.1874 0.1414 0.0109  0.0256  0.0097  31  VAL A CG2 
244 N  N   A HIS A 32 ? 0.1030 0.1878 0.1342 0.0064  0.0102  -0.0132 32  HIS A N   
245 N  N   B HIS A 32 ? 0.1033 0.1886 0.1341 0.0057  0.0092  -0.0129 32  HIS A N   
246 C  CA  A HIS A 32 ? 0.1237 0.1934 0.1553 -0.0011 0.0218  -0.0231 32  HIS A CA  
247 C  CA  B HIS A 32 ? 0.1228 0.1939 0.1549 -0.0020 0.0175  -0.0224 32  HIS A CA  
248 C  C   A HIS A 32 ? 0.1597 0.2129 0.1237 -0.0019 0.0373  -0.0743 32  HIS A C   
249 C  C   B HIS A 32 ? 0.1875 0.2588 0.1803 -0.0616 0.0122  -0.0406 32  HIS A C   
250 O  O   A HIS A 32 ? 0.1517 0.3585 0.1144 -0.0351 -0.0021 0.0026  32  HIS A O   
251 O  O   B HIS A 32 ? 0.2579 0.4214 0.2077 -0.0148 0.0235  -0.1155 32  HIS A O   
252 C  CB  A HIS A 32 ? 0.1332 0.2055 0.1890 -0.0094 -0.0014 -0.0156 32  HIS A CB  
253 C  CB  B HIS A 32 ? 0.1342 0.2053 0.1890 -0.0105 -0.0017 -0.0149 32  HIS A CB  
254 C  CG  A HIS A 32 ? 0.1321 0.1982 0.1621 0.0060  0.0152  -0.0104 32  HIS A CG  
255 C  CG  B HIS A 32 ? 0.1330 0.1976 0.1616 0.0064  0.0145  -0.0106 32  HIS A CG  
256 N  ND1 A HIS A 32 ? 0.1109 0.2162 0.1622 0.0177  0.0030  -0.0130 32  HIS A ND1 
257 N  ND1 B HIS A 32 ? 0.1110 0.2164 0.1629 0.0180  0.0024  -0.0132 32  HIS A ND1 
258 C  CD2 A HIS A 32 ? 0.1694 0.2217 0.1614 0.0093  0.0137  -0.0088 32  HIS A CD2 
259 C  CD2 B HIS A 32 ? 0.1698 0.2215 0.1617 0.0081  0.0156  -0.0095 32  HIS A CD2 
260 C  CE1 A HIS A 32 ? 0.1341 0.1976 0.1668 0.0052  -0.0105 0.0004  32  HIS A CE1 
261 C  CE1 B HIS A 32 ? 0.1352 0.1975 0.1664 0.0052  -0.0103 0.0003  32  HIS A CE1 
262 N  NE2 A HIS A 32 ? 0.1593 0.2046 0.1791 0.0056  0.0227  -0.0148 32  HIS A NE2 
263 N  NE2 B HIS A 32 ? 0.1593 0.2048 0.1792 0.0056  0.0226  -0.0147 32  HIS A NE2 
264 N  N   . GLN A 33 ? 0.1485 0.3640 0.1440 -0.0323 0.0122  -0.0171 33  GLN A N   
265 C  CA  . GLN A 33 ? 0.1898 0.3124 0.1454 -0.0066 -0.0105 -0.0492 33  GLN A CA  
266 C  C   . GLN A 33 ? 0.1858 0.2794 0.1439 -0.0087 0.0060  -0.0567 33  GLN A C   
267 O  O   . GLN A 33 ? 0.1390 0.3407 0.1538 0.0169  0.0083  -0.0412 33  GLN A O   
268 C  CB  . GLN A 33 ? 0.2160 0.3466 0.2222 -0.0223 -0.0287 -0.0164 33  GLN A CB  
269 C  CG  . GLN A 33 ? 0.2754 0.3693 0.3357 -0.0430 -0.0570 -0.0141 33  GLN A CG  
270 C  CD  . GLN A 33 ? 0.3859 0.3395 0.3376 -0.0054 -0.0270 -0.0094 33  GLN A CD  
271 O  OE1 . GLN A 33 ? 0.3218 0.3343 0.3682 -0.0079 -0.0348 -0.0123 33  GLN A OE1 
272 N  NE2 . GLN A 33 ? 0.7163 0.3509 0.3741 -0.0777 -0.0492 -0.0395 33  GLN A NE2 
273 N  N   . VAL A 34 ? 0.1262 0.2796 0.1462 -0.0124 0.0098  -0.0245 34  VAL A N   
274 C  CA  . VAL A 34 ? 0.1701 0.2373 0.1392 -0.0115 0.0027  -0.0366 34  VAL A CA  
275 C  C   . VAL A 34 ? 0.1250 0.2763 0.1419 -0.0129 0.0125  -0.0346 34  VAL A C   
276 O  O   . VAL A 34 ? 0.1624 0.3834 0.1474 0.0113  0.0086  -0.0617 34  VAL A O   
277 C  CB  . VAL A 34 ? 0.2342 0.2610 0.1551 -0.0402 0.0139  -0.0421 34  VAL A CB  
278 C  CG1 . VAL A 34 ? 0.2455 0.2526 0.1712 -0.0532 0.0160  -0.0023 34  VAL A CG1 
279 C  CG2 . VAL A 34 ? 0.1992 0.2902 0.1836 -0.0861 -0.0001 -0.0272 34  VAL A CG2 
280 N  N   . ASN A 35 ? 0.1291 0.2558 0.1279 -0.0046 0.0031  -0.0476 35  ASN A N   
281 C  CA  . ASN A 35 ? 0.1823 0.2256 0.1491 0.0055  -0.0256 -0.0395 35  ASN A CA  
282 C  C   . ASN A 35 ? 0.1319 0.2206 0.1305 -0.0204 -0.0106 -0.0261 35  ASN A C   
283 O  O   . ASN A 35 ? 0.1785 0.2699 0.1260 0.0050  0.0119  -0.0201 35  ASN A O   
284 C  CB  . ASN A 35 ? 0.2205 0.2378 0.2186 -0.0011 -0.0216 -0.0583 35  ASN A CB  
285 C  CG  . ASN A 35 ? 0.3241 0.3664 0.3057 0.0164  -0.0995 -0.0620 35  ASN A CG  
286 O  OD1 . ASN A 35 ? 0.3294 0.4020 0.4262 -0.0120 -0.0464 -0.0856 35  ASN A OD1 
287 N  ND2 . ASN A 35 ? 0.3729 0.3659 0.2944 0.0371  -0.0784 -0.1261 35  ASN A ND2 
288 N  N   . ILE A 36 ? 0.1603 0.2057 0.1293 -0.0041 0.0096  -0.0212 36  ILE A N   
289 C  CA  . ILE A 36 ? 0.1659 0.2138 0.1100 -0.0090 0.0163  -0.0167 36  ILE A CA  
290 C  C   . ILE A 36 ? 0.1681 0.2257 0.1332 -0.0023 0.0030  -0.0158 36  ILE A C   
291 O  O   . ILE A 36 ? 0.1974 0.3152 0.1388 -0.0102 0.0204  -0.0424 36  ILE A O   
292 C  CB  . ILE A 36 ? 0.2199 0.2402 0.1974 -0.0386 0.0431  -0.0091 36  ILE A CB  
293 C  CG1 . ILE A 36 ? 0.1807 0.2531 0.2262 -0.0314 0.0674  -0.0664 36  ILE A CG1 
294 C  CG2 . ILE A 36 ? 0.2635 0.2433 0.1989 -0.0100 0.0233  -0.0058 36  ILE A CG2 
295 C  CD1 . ILE A 36 ? 0.2330 0.2460 0.3123 -0.0308 0.0656  -0.0449 36  ILE A CD1 
296 N  N   . ASN A 37 ? 0.1606 0.2143 0.1237 -0.0116 -0.0071 -0.0370 37  ASN A N   
297 C  CA  . ASN A 37 ? 0.1777 0.2040 0.1389 0.0005  -0.0198 -0.0426 37  ASN A CA  
298 C  C   . ASN A 37 ? 0.1840 0.1874 0.1377 -0.0147 -0.0060 -0.0248 37  ASN A C   
299 O  O   . ASN A 37 ? 0.1705 0.2189 0.1654 -0.0032 -0.0275 -0.0391 37  ASN A O   
300 C  CB  . ASN A 37 ? 0.2083 0.2266 0.1790 -0.0076 -0.0115 0.0026  37  ASN A CB  
301 C  CG  . ASN A 37 ? 0.2827 0.2115 0.2101 -0.0192 -0.0359 -0.0206 37  ASN A CG  
302 O  OD1 . ASN A 37 ? 0.3029 0.2498 0.2088 -0.0486 -0.0673 -0.0028 37  ASN A OD1 
303 N  ND2 . ASN A 37 ? 0.3672 0.2017 0.3500 -0.0165 -0.0985 -0.0089 37  ASN A ND2 
304 N  N   . ILE A 38 ? 0.1968 0.2144 0.1415 -0.0180 -0.0352 -0.0202 38  ILE A N   
305 C  CA  . ILE A 38 ? 0.1982 0.2076 0.1555 -0.0164 -0.0315 -0.0255 38  ILE A CA  
306 C  C   . ILE A 38 ? 0.1983 0.2015 0.2019 -0.0279 -0.0040 -0.0222 38  ILE A C   
307 O  O   . ILE A 38 ? 0.2028 0.2147 0.2624 -0.0329 -0.0432 -0.0514 38  ILE A O   
308 C  CB  . ILE A 38 ? 0.2090 0.2041 0.1560 -0.0245 -0.0271 -0.0043 38  ILE A CB  
309 C  CG1 . ILE A 38 ? 0.2132 0.1839 0.2234 -0.0166 -0.0431 -0.0209 38  ILE A CG1 
310 C  CG2 . ILE A 38 ? 0.2152 0.1834 0.1612 -0.0142 -0.0298 0.0012  38  ILE A CG2 
311 C  CD1 . ILE A 38 ? 0.2259 0.2011 0.2244 -0.0362 -0.0486 0.0079  38  ILE A CD1 
312 N  N   . ILE A 39 ? 0.1898 0.1837 0.1485 -0.0155 -0.0174 -0.0106 39  ILE A N   
313 C  CA  . ILE A 39 ? 0.1994 0.1912 0.1698 -0.0266 -0.0343 -0.0079 39  ILE A CA  
314 C  C   . ILE A 39 ? 0.1829 0.1965 0.1871 -0.0113 -0.0335 -0.0034 39  ILE A C   
315 O  O   . ILE A 39 ? 0.2261 0.2649 0.2102 0.0211  -0.0611 0.0047  39  ILE A O   
316 C  CB  . ILE A 39 ? 0.2515 0.2220 0.1720 -0.0448 -0.0219 -0.0210 39  ILE A CB  
317 C  CG1 . ILE A 39 ? 0.2975 0.2504 0.1961 -0.0434 -0.0104 -0.0399 39  ILE A CG1 
318 C  CG2 . ILE A 39 ? 0.2449 0.2422 0.2363 -0.0385 -0.0484 -0.0162 39  ILE A CG2 
319 C  CD1 . ILE A 39 ? 0.3200 0.2590 0.2207 -0.0352 -0.0226 -0.0560 39  ILE A CD1 
320 N  N   . ASP A 40 ? 0.1798 0.1965 0.1570 -0.0181 -0.0189 -0.0401 40  ASP A N   
321 C  CA  . ASP A 40 ? 0.1625 0.2152 0.1825 -0.0300 -0.0011 -0.0223 40  ASP A CA  
322 C  C   . ASP A 40 ? 0.1486 0.2055 0.1551 0.0007  -0.0204 -0.0188 40  ASP A C   
323 O  O   . ASP A 40 ? 0.1652 0.2634 0.1736 -0.0251 0.0013  -0.0521 40  ASP A O   
324 C  CB  . ASP A 40 ? 0.2292 0.2187 0.1908 -0.0462 -0.0169 -0.0211 40  ASP A CB  
325 C  CG  . ASP A 40 ? 0.2277 0.2264 0.1765 -0.0310 -0.0052 -0.0071 40  ASP A CG  
326 O  OD1 . ASP A 40 ? 0.2280 0.2128 0.2108 -0.0283 -0.0162 -0.0203 40  ASP A OD1 
327 O  OD2 . ASP A 40 ? 0.3267 0.2326 0.2992 -0.0773 -0.0122 0.0231  40  ASP A OD2 
328 N  N   . GLY A 41 ? 0.1871 0.1613 0.1242 -0.0151 -0.0119 -0.0164 41  GLY A N   
329 C  CA  . GLY A 41 ? 0.1635 0.1881 0.1346 -0.0178 -0.0065 -0.0322 41  GLY A CA  
330 C  C   . GLY A 41 ? 0.1600 0.1528 0.1313 -0.0302 0.0021  -0.0128 41  GLY A C   
331 O  O   . GLY A 41 ? 0.1771 0.1929 0.1332 -0.0411 -0.0077 -0.0397 41  GLY A O   
332 N  N   . GLN A 42 ? 0.1489 0.1460 0.1314 -0.0018 -0.0143 -0.0234 42  GLN A N   
333 C  CA  . GLN A 42 ? 0.1550 0.1667 0.1245 -0.0055 -0.0119 -0.0193 42  GLN A CA  
334 C  C   . GLN A 42 ? 0.1554 0.1721 0.1277 0.0060  0.0031  -0.0172 42  GLN A C   
335 O  O   . GLN A 42 ? 0.1666 0.2034 0.1399 0.0028  0.0169  -0.0290 42  GLN A O   
336 C  CB  . GLN A 42 ? 0.2159 0.2056 0.1376 -0.0297 -0.0039 -0.0062 42  GLN A CB  
337 C  CG  . GLN A 42 ? 0.2235 0.3158 0.1867 -0.0623 0.0039  -0.0341 42  GLN A CG  
338 C  CD  . GLN A 42 ? 0.3128 0.3001 0.2735 -0.0404 0.0448  -0.0547 42  GLN A CD  
339 O  OE1 . GLN A 42 ? 0.4903 0.2243 0.3406 -0.1300 -0.0010 -0.0119 42  GLN A OE1 
340 N  NE2 . GLN A 42 ? 0.3385 0.4688 0.2338 -0.1782 0.0726  -0.0740 42  GLN A NE2 
341 N  N   . VAL A 43 ? 0.1456 0.2039 0.1269 -0.0045 0.0068  -0.0235 43  VAL A N   
342 C  CA  . VAL A 43 ? 0.1418 0.2083 0.1324 0.0140  0.0181  -0.0164 43  VAL A CA  
343 C  C   . VAL A 43 ? 0.1445 0.1996 0.1512 0.0019  0.0259  -0.0142 43  VAL A C   
344 O  O   . VAL A 43 ? 0.1745 0.3041 0.1263 0.0377  0.0256  -0.0092 43  VAL A O   
345 C  CB  . VAL A 43 ? 0.1450 0.2500 0.1559 -0.0307 0.0297  -0.0312 43  VAL A CB  
346 C  CG1 . VAL A 43 ? 0.1509 0.2583 0.2132 -0.0226 0.0322  -0.0472 43  VAL A CG1 
347 C  CG2 . VAL A 43 ? 0.2121 0.2239 0.1933 -0.0107 0.0324  -0.0415 43  VAL A CG2 
348 N  N   . THR A 44 ? 0.1375 0.2116 0.1356 0.0012  0.0054  -0.0243 44  THR A N   
349 C  CA  A THR A 44 ? 0.1336 0.2303 0.1423 -0.0085 0.0080  0.0010  44  THR A CA  
350 C  CA  B THR A 44 ? 0.1315 0.2275 0.1478 -0.0033 0.0089  0.0032  44  THR A CA  
351 C  C   . THR A 44 ? 0.1313 0.2287 0.1285 -0.0223 0.0229  -0.0218 44  THR A C   
352 O  O   . THR A 44 ? 0.1335 0.2809 0.1436 -0.0012 0.0251  -0.0165 44  THR A O   
353 C  CB  A THR A 44 ? 0.1662 0.2581 0.1810 -0.0524 0.0035  -0.0053 44  THR A CB  
354 C  CB  B THR A 44 ? 0.1635 0.2504 0.1719 -0.0289 0.0201  -0.0074 44  THR A CB  
355 O  OG1 A THR A 44 ? 0.2725 0.2920 0.2565 -0.0762 0.0702  -0.0527 44  THR A OG1 
356 O  OG1 B THR A 44 ? 0.1864 0.3106 0.3049 -0.0553 -0.0340 0.0625  44  THR A OG1 
357 C  CG2 A THR A 44 ? 0.1752 0.2899 0.1793 -0.0711 -0.0204 0.0034  44  THR A CG2 
358 C  CG2 B THR A 44 ? 0.1896 0.2232 0.2072 -0.0110 -0.0089 -0.0002 44  THR A CG2 
359 N  N   . VAL A 45 ? 0.1255 0.2221 0.1403 -0.0236 0.0201  -0.0165 45  VAL A N   
360 C  CA  . VAL A 45 ? 0.1230 0.2151 0.1317 0.0091  0.0194  -0.0140 45  VAL A CA  
361 C  C   . VAL A 45 ? 0.1419 0.2050 0.1234 0.0084  0.0130  -0.0188 45  VAL A C   
362 O  O   . VAL A 45 ? 0.1509 0.2421 0.1532 0.0188  0.0370  0.0190  45  VAL A O   
363 C  CB  . VAL A 45 ? 0.1337 0.2320 0.1949 -0.0289 -0.0049 -0.0381 45  VAL A CB  
364 C  CG1 . VAL A 45 ? 0.3355 0.2888 0.2464 -0.0304 -0.0143 -0.0075 45  VAL A CG1 
365 C  CG2 . VAL A 45 ? 0.1806 0.2348 0.2112 -0.0167 0.0167  -0.0497 45  VAL A CG2 
366 N  N   . SER A 46 ? 0.1323 0.2129 0.1376 0.0122  0.0192  -0.0053 46  SER A N   
367 C  CA  . SER A 46 ? 0.1458 0.2129 0.1288 -0.0090 0.0109  -0.0004 46  SER A CA  
368 C  C   . SER A 46 ? 0.1166 0.1986 0.1434 0.0112  0.0079  0.0044  46  SER A C   
369 O  O   . SER A 46 ? 0.1231 0.2358 0.1519 0.0105  0.0344  0.0013  46  SER A O   
370 C  CB  . SER A 46 ? 0.1807 0.2175 0.2505 0.0012  0.0192  -0.0274 46  SER A CB  
371 O  OG  . SER A 46 ? 0.2488 0.2652 0.3595 -0.0083 -0.0207 -0.0536 46  SER A OG  
372 N  N   . TYR A 47 ? 0.1293 0.2012 0.1383 0.0010  0.0093  0.0011  47  TYR A N   
373 C  CA  . TYR A 47 ? 0.1470 0.2349 0.1424 -0.0197 0.0008  -0.0025 47  TYR A CA  
374 C  C   . TYR A 47 ? 0.1378 0.2250 0.1476 -0.0178 0.0119  0.0102  47  TYR A C   
375 O  O   . TYR A 47 ? 0.1604 0.3021 0.1593 -0.0514 0.0071  0.0405  47  TYR A O   
376 C  CB  . TYR A 47 ? 0.1430 0.2160 0.1431 -0.0190 -0.0025 -0.0052 47  TYR A CB  
377 C  CG  . TYR A 47 ? 0.1461 0.2080 0.1348 -0.0143 -0.0015 -0.0153 47  TYR A CG  
378 C  CD1 . TYR A 47 ? 0.1295 0.2217 0.1849 -0.0014 -0.0007 -0.0299 47  TYR A CD1 
379 C  CD2 . TYR A 47 ? 0.1703 0.2388 0.1320 0.0017  -0.0057 -0.0090 47  TYR A CD2 
380 C  CE1 . TYR A 47 ? 0.1331 0.2811 0.1655 0.0089  -0.0121 -0.0138 47  TYR A CE1 
381 C  CE2 . TYR A 47 ? 0.1855 0.2506 0.1402 -0.0199 0.0126  -0.0204 47  TYR A CE2 
382 C  CZ  . TYR A 47 ? 0.1663 0.2513 0.1627 0.0041  0.0169  -0.0118 47  TYR A CZ  
383 O  OH  . TYR A 47 ? 0.1820 0.2832 0.2014 0.0075  0.0402  -0.0168 47  TYR A OH  
384 N  N   . GLU A 48 ? 0.1347 0.2483 0.1282 -0.0270 0.0138  0.0056  48  GLU A N   
385 C  CA  . GLU A 48 ? 0.1555 0.2448 0.1052 -0.0066 0.0439  0.0151  48  GLU A CA  
386 C  C   . GLU A 48 ? 0.1564 0.2507 0.1581 0.0109  -0.0132 0.0240  48  GLU A C   
387 O  O   . GLU A 48 ? 0.1386 0.2134 0.1559 0.0024  -0.0029 -0.0225 48  GLU A O   
388 C  CB  . GLU A 48 ? 0.1724 0.2498 0.1595 -0.0021 0.0171  0.0085  48  GLU A CB  
389 C  CG  . GLU A 48 ? 0.1577 0.2352 0.1439 0.0086  0.0061  0.0031  48  GLU A CG  
390 C  CD  . GLU A 48 ? 0.1924 0.2302 0.1682 0.0184  0.0000  0.0029  48  GLU A CD  
391 O  OE1 . GLU A 48 ? 0.1866 0.2713 0.1674 0.0393  0.0133  -0.0040 48  GLU A OE1 
392 O  OE2 . GLU A 48 ? 0.2353 0.2955 0.1564 0.0341  -0.0217 -0.0070 48  GLU A OE2 
393 N  N   . THR A 49 ? 0.1556 0.2644 0.1444 -0.0032 0.0108  0.0182  49  THR A N   
394 C  CA  . THR A 49 ? 0.1832 0.2833 0.1476 0.0145  0.0136  -0.0092 49  THR A CA  
395 C  C   . THR A 49 ? 0.1774 0.2463 0.1090 -0.0042 0.0044  -0.0087 49  THR A C   
396 O  O   . THR A 49 ? 0.1592 0.2734 0.1486 0.0091  -0.0069 -0.0173 49  THR A O   
397 C  CB  . THR A 49 ? 0.2388 0.3415 0.1400 -0.0136 0.0219  -0.0167 49  THR A CB  
398 O  OG1 . THR A 49 ? 0.2560 0.4429 0.2013 0.0044  0.0405  -0.0540 49  THR A OG1 
399 C  CG2 . THR A 49 ? 0.3200 0.3343 0.1609 -0.0219 0.0108  -0.0170 49  THR A CG2 
400 N  N   . PRO A 50 ? 0.1498 0.2241 0.1545 0.0002  0.0021  -0.0205 50  PRO A N   
401 C  CA  . PRO A 50 ? 0.1900 0.2236 0.1807 0.0170  -0.0259 -0.0308 50  PRO A CA  
402 C  C   . PRO A 50 ? 0.1594 0.3359 0.1485 -0.0360 -0.0524 -0.0215 50  PRO A C   
403 O  O   . PRO A 50 ? 0.2390 0.2764 0.2580 0.0306  -0.0576 -0.0400 50  PRO A O   
404 C  CB  . PRO A 50 ? 0.2157 0.2640 0.1584 0.0260  -0.0257 -0.0480 50  PRO A CB  
405 C  CG  . PRO A 50 ? 0.1666 0.2507 0.1794 0.0053  -0.0288 -0.0509 50  PRO A CG  
406 C  CD  . PRO A 50 ? 0.1208 0.2884 0.1620 0.0123  -0.0082 -0.0396 50  PRO A CD  
407 N  N   . ALA A 51 ? 0.1035 0.2868 0.1576 -0.0049 -0.0018 -0.0573 51  ALA A N   
408 C  CA  . ALA A 51 ? 0.1328 0.2406 0.1763 -0.0036 -0.0139 -0.0235 51  ALA A CA  
409 C  C   . ALA A 51 ? 0.1703 0.1857 0.1517 0.0203  -0.0042 -0.0258 51  ALA A C   
410 O  O   . ALA A 51 ? 0.1577 0.2500 0.1655 0.0019  0.0143  0.0032  51  ALA A O   
411 C  CB  . ALA A 51 ? 0.1562 0.2874 0.1692 0.0043  0.0002  -0.0568 51  ALA A CB  
412 N  N   . ASN A 52 ? 0.1495 0.2199 0.1903 0.0180  -0.0179 -0.0097 52  ASN A N   
413 C  CA  . ASN A 52 ? 0.1511 0.2341 0.1540 0.0130  -0.0076 -0.0219 52  ASN A CA  
414 C  C   . ASN A 52 ? 0.1512 0.2174 0.1520 0.0247  0.0176  -0.0018 52  ASN A C   
415 O  O   . ASN A 52 ? 0.1516 0.2216 0.1462 0.0273  0.0132  -0.0237 52  ASN A O   
416 C  CB  . ASN A 52 ? 0.2187 0.2582 0.1786 0.0432  -0.0553 -0.0381 52  ASN A CB  
417 C  CG  . ASN A 52 ? 0.2656 0.2582 0.1910 0.0258  -0.1035 -0.0638 52  ASN A CG  
418 O  OD1 . ASN A 52 ? 0.2299 0.2936 0.1537 0.0654  -0.0446 -0.0524 52  ASN A OD1 
419 N  ND2 . ASN A 52 ? 0.3177 0.4187 0.3831 -0.0458 -0.1635 -0.1034 52  ASN A ND2 
420 N  N   . LEU A 53 ? 0.1432 0.2201 0.1427 0.0256  0.0007  -0.0398 53  LEU A N   
421 C  CA  . LEU A 53 ? 0.1379 0.2141 0.1526 0.0056  -0.0026 -0.0415 53  LEU A CA  
422 C  C   . LEU A 53 ? 0.1688 0.2090 0.1480 0.0129  0.0232  -0.0292 53  LEU A C   
423 O  O   . LEU A 53 ? 0.1424 0.2521 0.1391 0.0072  0.0115  -0.0176 53  LEU A O   
424 C  CB  . LEU A 53 ? 0.1672 0.2354 0.1532 0.0037  0.0099  -0.0065 53  LEU A CB  
425 C  CG  . LEU A 53 ? 0.1642 0.2451 0.1740 0.0071  -0.0064 -0.0231 53  LEU A CG  
426 C  CD1 . LEU A 53 ? 0.1784 0.2775 0.1746 -0.0088 -0.0203 -0.0263 53  LEU A CD1 
427 C  CD2 . LEU A 53 ? 0.1920 0.3019 0.1868 -0.0001 0.0001  -0.0040 53  LEU A CD2 
428 N  N   . ASN A 54 ? 0.1284 0.2123 0.1408 0.0109  0.0059  -0.0327 54  ASN A N   
429 C  CA  . ASN A 54 ? 0.1666 0.2165 0.1333 0.0189  -0.0107 -0.0244 54  ASN A CA  
430 C  C   . ASN A 54 ? 0.1531 0.1922 0.1527 -0.0044 -0.0131 -0.0262 54  ASN A C   
431 O  O   . ASN A 54 ? 0.1590 0.2240 0.1450 0.0044  0.0275  -0.0194 54  ASN A O   
432 C  CB  . ASN A 54 ? 0.1727 0.2269 0.1546 0.0137  0.0011  -0.0320 54  ASN A CB  
433 C  CG  . ASN A 54 ? 0.1973 0.3043 0.1938 0.0085  0.0352  -0.0319 54  ASN A CG  
434 O  OD1 . ASN A 54 ? 0.1912 0.4045 0.2067 0.0147  0.0441  -0.0149 54  ASN A OD1 
435 N  ND2 . ASN A 54 ? 0.3377 0.2838 0.2011 0.0785  0.0562  -0.0452 54  ASN A ND2 
436 N  N   . SER A 55 ? 0.1635 0.2289 0.1389 0.0117  -0.0183 -0.0377 55  SER A N   
437 C  CA  . SER A 55 ? 0.1724 0.1914 0.1767 -0.0006 0.0174  -0.0580 55  SER A CA  
438 C  C   . SER A 55 ? 0.1456 0.1859 0.1671 -0.0110 0.0187  -0.0279 55  SER A C   
439 O  O   . SER A 55 ? 0.1666 0.2039 0.1682 -0.0055 0.0266  -0.0318 55  SER A O   
440 C  CB  . SER A 55 ? 0.1528 0.2632 0.2366 -0.0167 -0.0020 -0.0582 55  SER A CB  
441 O  OG  . SER A 55 ? 0.2151 0.2919 0.2164 0.0043  -0.0120 -0.0319 55  SER A OG  
442 N  N   . ILE A 56 ? 0.1480 0.1889 0.1340 -0.0049 0.0189  -0.0315 56  ILE A N   
443 C  CA  . ILE A 56 ? 0.1586 0.1923 0.1219 0.0071  0.0306  -0.0351 56  ILE A CA  
444 C  C   . ILE A 56 ? 0.1474 0.1691 0.1388 -0.0117 0.0186  -0.0306 56  ILE A C   
445 O  O   . ILE A 56 ? 0.1731 0.1957 0.1407 -0.0113 0.0246  -0.0244 56  ILE A O   
446 C  CB  . ILE A 56 ? 0.1440 0.1969 0.1310 -0.0133 0.0197  -0.0264 56  ILE A CB  
447 C  CG1 . ILE A 56 ? 0.1611 0.1952 0.1584 -0.0113 0.0133  -0.0395 56  ILE A CG1 
448 C  CG2 . ILE A 56 ? 0.1458 0.2072 0.1579 -0.0216 0.0097  -0.0402 56  ILE A CG2 
449 C  CD1 . ILE A 56 ? 0.1627 0.2121 0.1960 0.0149  0.0069  -0.0083 56  ILE A CD1 
450 N  N   . GLU A 57 ? 0.1464 0.2019 0.1224 0.0032  0.0157  -0.0293 57  GLU A N   
451 C  CA  . GLU A 57 ? 0.1489 0.1859 0.1298 -0.0054 0.0030  -0.0323 57  GLU A CA  
452 C  C   . GLU A 57 ? 0.1219 0.1871 0.1325 0.0035  0.0082  -0.0393 57  GLU A C   
453 O  O   . GLU A 57 ? 0.1433 0.1845 0.1412 -0.0109 0.0134  -0.0192 57  GLU A O   
454 C  CB  . GLU A 57 ? 0.1332 0.2101 0.1387 -0.0012 -0.0057 -0.0316 57  GLU A CB  
455 C  CG  . GLU A 57 ? 0.1632 0.2162 0.1844 -0.0014 -0.0206 -0.0222 57  GLU A CG  
456 C  CD  . GLU A 57 ? 0.1647 0.2627 0.2693 0.0191  -0.0089 0.0034  57  GLU A CD  
457 O  OE1 . GLU A 57 ? 0.1965 0.2886 0.2204 0.0400  0.0691  0.0264  57  GLU A OE1 
458 O  OE2 . GLU A 57 ? 0.2054 0.3012 0.3409 -0.0172 -0.0122 0.0164  57  GLU A OE2 
459 N  N   . LYS A 58 ? 0.1577 0.1840 0.1350 -0.0178 -0.0010 -0.0419 58  LYS A N   
460 C  CA  . LYS A 58 ? 0.1484 0.1831 0.1793 -0.0201 0.0136  -0.0297 58  LYS A CA  
461 C  C   . LYS A 58 ? 0.1557 0.2106 0.1683 -0.0190 -0.0052 -0.0352 58  LYS A C   
462 O  O   . LYS A 58 ? 0.1921 0.2039 0.1820 -0.0296 0.0098  -0.0347 58  LYS A O   
463 C  CB  . LYS A 58 ? 0.1941 0.2017 0.1661 -0.0235 0.0030  -0.0477 58  LYS A CB  
464 C  CG  . LYS A 58 ? 0.2618 0.2539 0.2180 -0.0730 0.0037  -0.0300 58  LYS A CG  
465 C  CD  . LYS A 58 ? 0.2779 0.2852 0.2677 -0.0708 -0.0232 -0.0451 58  LYS A CD  
466 C  CE  . LYS A 58 ? 0.3736 0.3558 0.4375 -0.1598 -0.0239 -0.0200 58  LYS A CE  
467 N  NZ  . LYS A 58 ? 0.5502 0.4984 0.4354 -0.1641 0.0222  -0.1408 58  LYS A NZ  
468 N  N   . GLU A 59 ? 0.1458 0.2069 0.1622 -0.0240 0.0158  -0.0087 59  GLU A N   
469 C  CA  . GLU A 59 ? 0.1646 0.2461 0.1709 -0.0420 0.0311  -0.0197 59  GLU A CA  
470 C  C   . GLU A 59 ? 0.1576 0.1850 0.1589 -0.0171 0.0343  -0.0309 59  GLU A C   
471 O  O   . GLU A 59 ? 0.1829 0.2197 0.1673 -0.0465 0.0203  -0.0174 59  GLU A O   
472 C  CB  . GLU A 59 ? 0.1551 0.2372 0.1664 -0.0252 0.0192  -0.0241 59  GLU A CB  
473 C  CG  . GLU A 59 ? 0.1546 0.2816 0.1754 -0.0398 0.0266  -0.0447 59  GLU A CG  
474 C  CD  . GLU A 59 ? 0.2010 0.3201 0.2055 -0.0759 0.0177  -0.0159 59  GLU A CD  
475 O  OE1 . GLU A 59 ? 0.1982 0.3434 0.2463 -0.0801 0.0235  -0.0649 59  GLU A OE1 
476 O  OE2 . GLU A 59 ? 0.1943 0.3199 0.2288 -0.0622 0.0310  -0.0001 59  GLU A OE2 
477 N  N   . ILE A 60 ? 0.1423 0.1844 0.1481 -0.0229 0.0253  -0.0267 60  ILE A N   
478 C  CA  . ILE A 60 ? 0.1526 0.1643 0.1413 -0.0209 0.0277  -0.0253 60  ILE A CA  
479 C  C   . ILE A 60 ? 0.1430 0.1693 0.1425 -0.0214 0.0214  -0.0105 60  ILE A C   
480 O  O   . ILE A 60 ? 0.2108 0.1873 0.1373 -0.0363 0.0181  -0.0091 60  ILE A O   
481 C  CB  . ILE A 60 ? 0.1542 0.1728 0.1368 -0.0260 0.0286  -0.0217 60  ILE A CB  
482 C  CG1 . ILE A 60 ? 0.1586 0.1886 0.1252 -0.0119 0.0134  -0.0155 60  ILE A CG1 
483 C  CG2 . ILE A 60 ? 0.1655 0.1645 0.1635 -0.0141 0.0100  -0.0337 60  ILE A CG2 
484 C  CD1 . ILE A 60 ? 0.1494 0.1694 0.1336 -0.0142 -0.0100 -0.0135 60  ILE A CD1 
485 N  N   . TYR A 61 ? 0.1570 0.1719 0.1543 -0.0204 0.0290  -0.0359 61  TYR A N   
486 C  CA  . TYR A 61 ? 0.1619 0.1887 0.1820 -0.0060 0.0232  -0.0251 61  TYR A CA  
487 C  C   . TYR A 61 ? 0.2083 0.1724 0.1978 -0.0060 0.0256  -0.0190 61  TYR A C   
488 O  O   . TYR A 61 ? 0.2312 0.1966 0.2296 -0.0381 0.0122  -0.0055 61  TYR A O   
489 C  CB  . TYR A 61 ? 0.1844 0.1660 0.1848 -0.0183 0.0183  -0.0405 61  TYR A CB  
490 C  CG  . TYR A 61 ? 0.1932 0.1914 0.1645 -0.0203 0.0121  -0.0349 61  TYR A CG  
491 C  CD1 . TYR A 61 ? 0.1813 0.1883 0.2045 -0.0097 0.0454  -0.0393 61  TYR A CD1 
492 C  CD2 . TYR A 61 ? 0.2027 0.1916 0.2488 -0.0185 0.0389  -0.0354 61  TYR A CD2 
493 C  CE1 . TYR A 61 ? 0.1807 0.1974 0.2208 -0.0067 0.0313  -0.0185 61  TYR A CE1 
494 C  CE2 . TYR A 61 ? 0.1867 0.2130 0.2397 0.0086  0.0343  0.0021  61  TYR A CE2 
495 C  CZ  . TYR A 61 ? 0.1919 0.2064 0.1906 0.0069  0.0419  -0.0150 61  TYR A CZ  
496 O  OH  . TYR A 61 ? 0.1919 0.2007 0.2585 -0.0100 0.0372  -0.0578 61  TYR A OH  
497 N  N   . ASP A 62 ? 0.2036 0.1859 0.1755 -0.0472 0.0064  -0.0075 62  ASP A N   
498 C  CA  . ASP A 62 ? 0.2318 0.2021 0.2209 -0.0457 0.0407  0.0168  62  ASP A CA  
499 C  C   . ASP A 62 ? 0.2428 0.1994 0.2193 -0.0804 0.0219  -0.0022 62  ASP A C   
500 O  O   . ASP A 62 ? 0.3235 0.2471 0.2607 -0.1092 0.0660  0.0295  62  ASP A O   
501 C  CB  . ASP A 62 ? 0.2291 0.2513 0.2533 -0.0853 0.0006  -0.0085 62  ASP A CB  
502 C  CG  . ASP A 62 ? 0.3019 0.3070 0.2944 -0.0549 0.0340  -0.0434 62  ASP A CG  
503 O  OD1 . ASP A 62 ? 0.3268 0.3279 0.3430 -0.0507 0.0460  -0.0705 62  ASP A OD1 
504 O  OD2 . ASP A 62 ? 0.3513 0.4138 0.3278 -0.0876 -0.0533 -0.0379 62  ASP A OD2 
505 N  N   . GLU A 63 ? 0.2277 0.2021 0.2016 -0.0808 0.0298  0.0008  63  GLU A N   
506 C  CA  . GLU A 63 ? 0.2136 0.2459 0.1913 -0.0427 0.0569  0.0027  63  GLU A CA  
507 C  C   . GLU A 63 ? 0.2367 0.2323 0.1970 -0.0630 0.0405  0.0178  63  GLU A C   
508 O  O   . GLU A 63 ? 0.3048 0.2730 0.1887 -0.0366 0.0030  0.0173  63  GLU A O   
509 C  CB  . GLU A 63 ? 0.2085 0.2596 0.1936 -0.0357 0.0335  0.0096  63  GLU A CB  
510 C  CG  . GLU A 63 ? 0.2197 0.2405 0.2087 -0.0424 0.0227  0.0134  63  GLU A CG  
511 C  CD  . GLU A 63 ? 0.2102 0.2670 0.1963 -0.0340 0.0046  0.0038  63  GLU A CD  
512 O  OE1 . GLU A 63 ? 0.2736 0.3283 0.1754 -0.0350 -0.0156 -0.0111 63  GLU A OE1 
513 O  OE2 . GLU A 63 ? 0.1940 0.2773 0.2339 -0.0245 0.0220  -0.0138 63  GLU A OE2 
514 N  N   . GLY A 64 ? 0.2252 0.2068 0.1924 -0.0390 0.0253  0.0367  64  GLY A N   
515 C  CA  . GLY A 64 ? 0.2279 0.2018 0.2343 -0.0517 0.0139  0.0517  64  GLY A CA  
516 C  C   . GLY A 64 ? 0.1971 0.2090 0.2041 -0.0329 0.0070  0.0337  64  GLY A C   
517 O  O   . GLY A 64 ? 0.2479 0.2373 0.2851 -0.0475 -0.0342 0.0680  64  GLY A O   
518 N  N   . TYR A 65 ? 0.2048 0.1752 0.1724 -0.0199 0.0190  -0.0162 65  TYR A N   
519 C  CA  . TYR A 65 ? 0.1729 0.1735 0.1359 -0.0053 0.0061  0.0017  65  TYR A CA  
520 C  C   . TYR A 65 ? 0.1839 0.1880 0.1587 -0.0258 0.0274  -0.0110 65  TYR A C   
521 O  O   . TYR A 65 ? 0.2017 0.2267 0.1691 -0.0366 0.0335  -0.0240 65  TYR A O   
522 C  CB  . TYR A 65 ? 0.1675 0.1795 0.1691 -0.0028 0.0156  -0.0097 65  TYR A CB  
523 C  CG  . TYR A 65 ? 0.1614 0.1696 0.1492 -0.0089 -0.0019 -0.0133 65  TYR A CG  
524 C  CD1 . TYR A 65 ? 0.1610 0.2028 0.1455 -0.0139 0.0014  -0.0069 65  TYR A CD1 
525 C  CD2 . TYR A 65 ? 0.1516 0.1968 0.1437 -0.0061 0.0052  -0.0192 65  TYR A CD2 
526 C  CE1 . TYR A 65 ? 0.1697 0.2049 0.1456 -0.0018 -0.0021 -0.0168 65  TYR A CE1 
527 C  CE2 . TYR A 65 ? 0.1502 0.1974 0.1503 -0.0043 0.0116  -0.0127 65  TYR A CE2 
528 C  CZ  . TYR A 65 ? 0.1599 0.2100 0.1510 0.0006  0.0185  0.0004  65  TYR A CZ  
529 O  OH  . TYR A 65 ? 0.1880 0.2186 0.1525 -0.0141 0.0230  -0.0148 65  TYR A OH  
530 N  N   . LYS A 66 ? 0.1783 0.1977 0.1434 -0.0227 0.0188  -0.0157 66  LYS A N   
531 C  CA  . LYS A 66 ? 0.1939 0.1907 0.1545 -0.0154 0.0253  -0.0122 66  LYS A CA  
532 C  C   . LYS A 66 ? 0.1522 0.1744 0.1644 -0.0334 0.0260  -0.0219 66  LYS A C   
533 O  O   . LYS A 66 ? 0.1827 0.1897 0.1620 -0.0208 0.0165  -0.0312 66  LYS A O   
534 C  CB  . LYS A 66 ? 0.2034 0.2136 0.2251 -0.0097 0.0147  0.0025  66  LYS A CB  
535 C  CG  . LYS A 66 ? 0.2623 0.2411 0.2303 0.0033  0.0304  0.0314  66  LYS A CG  
536 C  CD  . LYS A 66 ? 0.2789 0.2665 0.2152 -0.0032 0.0379  0.0075  66  LYS A CD  
537 C  CE  . LYS A 66 ? 0.4186 0.2818 0.3897 -0.0287 0.0356  0.0295  66  LYS A CE  
538 N  NZ  . LYS A 66 ? 0.4528 0.4070 0.4097 -0.0140 -0.0440 0.0180  66  LYS A NZ  
539 N  N   . ILE A 67 ? 0.1475 0.1786 0.1558 -0.0142 0.0201  -0.0366 67  ILE A N   
540 C  CA  . ILE A 67 ? 0.1269 0.1839 0.1557 -0.0112 0.0087  -0.0353 67  ILE A CA  
541 C  C   . ILE A 67 ? 0.1404 0.1562 0.1423 -0.0102 0.0154  -0.0112 67  ILE A C   
542 O  O   . ILE A 67 ? 0.1663 0.1675 0.1786 -0.0022 0.0173  -0.0397 67  ILE A O   
543 C  CB  . ILE A 67 ? 0.1451 0.1999 0.1417 -0.0112 0.0092  -0.0421 67  ILE A CB  
544 C  CG1 . ILE A 67 ? 0.1431 0.2012 0.1514 -0.0179 0.0047  -0.0414 67  ILE A CG1 
545 C  CG2 . ILE A 67 ? 0.1625 0.2311 0.1550 -0.0163 0.0097  -0.0133 67  ILE A CG2 
546 C  CD1 . ILE A 67 ? 0.1602 0.2845 0.1746 -0.0269 -0.0034 -0.0322 67  ILE A CD1 
547 N  N   . VAL A 68 ? 0.1344 0.1597 0.1344 -0.0164 0.0271  -0.0249 68  VAL A N   
548 C  CA  . VAL A 68 ? 0.1276 0.1846 0.1385 -0.0128 0.0244  -0.0279 68  VAL A CA  
549 C  C   . VAL A 68 ? 0.1404 0.1648 0.1567 -0.0024 0.0073  -0.0229 68  VAL A C   
550 O  O   . VAL A 68 ? 0.1689 0.1900 0.1742 0.0078  0.0271  -0.0145 68  VAL A O   
551 C  CB  . VAL A 68 ? 0.1663 0.1712 0.1494 -0.0352 0.0259  -0.0263 68  VAL A CB  
552 C  CG1 . VAL A 68 ? 0.1347 0.2076 0.1599 -0.0276 0.0019  -0.0222 68  VAL A CG1 
553 C  CG2 . VAL A 68 ? 0.1602 0.2391 0.1625 -0.0484 -0.0076 -0.0215 68  VAL A CG2 
554 N  N   . PHE A 69 ? 0.1512 0.2041 0.1481 -0.0109 0.0070  -0.0444 69  PHE A N   
555 C  CA  . PHE A 69 ? 0.1991 0.2365 0.1665 -0.0253 -0.0103 -0.0312 69  PHE A CA  
556 C  C   . PHE A 69 ? 0.2221 0.2933 0.1944 -0.0612 -0.0005 -0.0004 69  PHE A C   
557 O  O   . PHE A 69 ? 0.2345 0.3681 0.2407 -0.0496 0.0377  0.0687  69  PHE A O   
558 C  CB  . PHE A 69 ? 0.2070 0.2241 0.1530 -0.0100 -0.0102 -0.0412 69  PHE A CB  
559 C  CG  . PHE A 69 ? 0.1953 0.2390 0.1374 0.0025  -0.0153 -0.0351 69  PHE A CG  
560 C  CD1 . PHE A 69 ? 0.2340 0.2192 0.2780 0.0257  -0.0032 -0.0045 69  PHE A CD1 
561 C  CD2 . PHE A 69 ? 0.2125 0.2212 0.2012 0.0017  0.0369  -0.0229 69  PHE A CD2 
562 C  CE1 . PHE A 69 ? 0.1882 0.2712 0.2283 0.0162  -0.0003 -0.0469 69  PHE A CE1 
563 C  CE2 . PHE A 69 ? 0.2091 0.2213 0.2495 0.0028  0.0434  -0.0387 69  PHE A CE2 
564 C  CZ  . PHE A 69 ? 0.1883 0.2438 0.2205 -0.0181 -0.0054 -0.0740 69  PHE A CZ  
565 CA CA  . CA  B .  ? 0.2044 0.1379 0.1357 -0.0148 0.0194  0.0124  101 CA  A CA  
566 O  O   . HOH C .  ? 0.1761 0.4046 0.3066 0.0128  0.0656  0.1309  201 HOH A O   
567 O  O   . HOH C .  ? 0.5008 0.4175 0.3703 0.0625  0.0921  0.0019  202 HOH A O   
568 O  O   . HOH C .  ? 0.1936 0.2632 0.3220 -0.0112 0.0155  0.0316  203 HOH A O   
569 O  O   . HOH C .  ? 1.2880 0.6578 1.1123 0.2142  -0.1105 0.0605  204 HOH A O   
570 O  O   . HOH C .  ? 0.3074 0.4689 0.1914 -0.0664 0.0662  0.0645  205 HOH A O   
571 O  O   . HOH C .  ? 0.4411 0.5426 0.5083 0.0978  -0.0692 -0.2865 206 HOH A O   
572 O  O   . HOH C .  ? 0.6653 0.7728 0.4641 -0.0876 -0.0674 -0.0424 207 HOH A O   
573 O  O   . HOH C .  ? 0.2977 0.5300 0.4196 -0.0554 -0.0382 -0.1505 208 HOH A O   
574 O  O   . HOH C .  ? 0.3618 0.5057 0.4814 -0.2256 -0.1331 0.0729  209 HOH A O   
575 O  O   . HOH C .  ? 0.2391 0.2568 0.2199 0.0197  0.0332  -0.0455 210 HOH A O   
576 O  O   . HOH C .  ? 0.5019 0.8256 0.3622 -0.0732 -0.0441 -0.1681 211 HOH A O   
577 O  O   . HOH C .  ? 0.1909 0.2824 0.1616 -0.0236 0.0152  -0.0200 212 HOH A O   
578 O  O   . HOH C .  ? 0.3074 0.2903 0.2591 0.0365  -0.0581 -0.0237 213 HOH A O   
579 O  O   . HOH C .  ? 0.1867 0.3013 0.1814 -0.0212 -0.0120 -0.0202 214 HOH A O   
580 O  O   . HOH C .  ? 0.3580 0.3989 0.4292 0.0412  -0.0410 -0.0550 215 HOH A O   
581 O  O   . HOH C .  ? 0.3476 0.2337 0.1560 -0.0493 -0.0378 0.0089  216 HOH A O   
582 O  O   . HOH C .  ? 0.2716 0.3747 0.2588 -0.0356 -0.0696 0.0012  217 HOH A O   
583 O  O   . HOH C .  ? 0.1974 0.2837 0.1461 -0.0233 -0.0016 -0.0187 218 HOH A O   
584 O  O   . HOH C .  ? 0.2487 0.3614 0.2508 -0.0108 0.0562  -0.0279 219 HOH A O   
585 O  O   . HOH C .  ? 0.6260 0.5057 0.3444 0.1695  -0.0799 -0.0612 220 HOH A O   
586 O  O   . HOH C .  ? 0.7010 1.2251 1.1151 -0.4485 -0.2849 0.4235  221 HOH A O   
587 O  O   . HOH C .  ? 0.1835 0.3161 0.1636 0.0335  -0.0061 0.0010  222 HOH A O   
588 O  O   . HOH C .  ? 0.2936 0.2432 0.2708 0.0628  0.0162  -0.0269 223 HOH A O   
589 O  O   . HOH C .  ? 0.3125 0.3893 0.3590 0.0057  -0.0216 -0.0968 224 HOH A O   
590 O  O   . HOH C .  ? 0.2238 0.1916 0.1908 -0.0188 -0.0454 -0.0155 225 HOH A O   
591 O  O   . HOH C .  ? 0.4822 0.2808 0.6774 -0.0128 0.1859  0.1223  226 HOH A O   
592 O  O   . HOH C .  ? 0.2932 0.2325 0.2442 -0.0286 0.0452  -0.0282 227 HOH A O   
593 O  O   . HOH C .  ? 0.2412 0.2893 0.3209 -0.0860 0.0004  -0.0330 228 HOH A O   
594 O  O   . HOH C .  ? 0.1516 0.2166 0.1414 -0.0212 0.0335  -0.0256 229 HOH A O   
595 O  O   . HOH C .  ? 0.2135 0.2556 0.2101 0.0042  0.0196  -0.0282 230 HOH A O   
596 O  O   . HOH C .  ? 0.2488 0.2367 0.2815 -0.0428 0.0315  0.0550  231 HOH A O   
597 O  O   . HOH C .  ? 0.1822 0.1792 0.1531 -0.0164 0.0072  -0.0014 232 HOH A O   
598 O  O   . HOH C .  ? 0.4960 0.6060 0.3759 -0.0116 0.0979  0.0715  233 HOH A O   
599 O  O   . HOH C .  ? 0.2153 0.2548 0.2261 -0.0020 0.0032  -0.0257 234 HOH A O   
600 O  O   . HOH C .  ? 0.2507 0.2939 0.2163 0.0311  0.0366  -0.0282 235 HOH A O   
601 O  O   . HOH C .  ? 0.1392 0.2058 0.1783 -0.0005 0.0006  -0.0119 236 HOH A O   
602 O  O   . HOH C .  ? 0.4151 0.3580 0.3729 0.0422  -0.0936 -0.1109 237 HOH A O   
603 O  O   . HOH C .  ? 0.1745 0.2223 0.1867 -0.0444 0.0129  -0.0405 238 HOH A O   
604 O  O   . HOH C .  ? 0.3417 0.4055 0.2440 0.0185  0.0406  -0.0437 239 HOH A O   
605 O  O   . HOH C .  ? 0.2070 0.3634 0.5849 0.0217  -0.0365 -0.1414 240 HOH A O   
606 O  O   . HOH C .  ? 0.2539 0.3756 0.2325 -0.0324 0.0349  0.0085  241 HOH A O   
607 O  O   . HOH C .  ? 0.4468 0.3343 0.7461 0.0218  -0.1038 -0.0315 242 HOH A O   
608 O  O   . HOH C .  ? 0.3001 0.4145 0.3429 -0.1214 0.0063  -0.0679 243 HOH A O   
609 O  O   . HOH C .  ? 0.1679 0.2837 0.1946 0.0147  0.0144  -0.0198 244 HOH A O   
610 O  O   . HOH C .  ? 0.6975 0.4047 0.9648 -0.2309 -0.2933 0.2762  245 HOH A O   
611 O  O   . HOH C .  ? 0.4808 0.3721 0.2052 0.1320  0.0327  -0.0067 246 HOH A O   
612 O  O   . HOH C .  ? 0.3559 0.4767 0.3017 -0.0229 0.0230  0.0363  247 HOH A O   
613 O  O   . HOH C .  ? 0.3103 0.3525 0.2344 -0.0501 -0.0114 0.1053  248 HOH A O   
614 O  O   . HOH C .  ? 0.4177 0.4209 0.2372 0.0925  -0.0072 -0.0641 249 HOH A O   
615 O  O   . HOH C .  ? 0.2990 0.2338 0.3215 -0.0015 -0.0653 -0.0342 250 HOH A O   
616 O  O   . HOH C .  ? 0.3198 0.3861 0.3472 0.0961  0.0108  -0.0089 251 HOH A O   
617 O  O   . HOH C .  ? 0.7582 0.7177 0.6088 0.3451  0.0622  -0.1222 252 HOH A O   
618 O  O   . HOH C .  ? 0.2137 0.2672 0.2038 -0.0230 0.0442  -0.0313 253 HOH A O   
619 O  O   . HOH C .  ? 0.2281 0.2325 0.1991 0.0002  0.0083  -0.0443 254 HOH A O   
620 O  O   . HOH C .  ? 0.4932 0.2722 0.2336 -0.0418 -0.0485 0.0307  255 HOH A O   
621 O  O   . HOH C .  ? 0.5391 0.5133 0.5673 -0.1986 0.0065  0.1311  256 HOH A O   
622 O  O   . HOH C .  ? 0.4645 0.3000 0.7097 -0.0718 -0.1579 0.0465  257 HOH A O   
623 O  O   . HOH C .  ? 0.2119 0.7173 0.3329 0.1141  -0.0580 -0.0466 258 HOH A O   
624 O  O   . HOH C .  ? 0.2636 0.2701 0.1669 0.0309  -0.0441 -0.0371 259 HOH A O   
625 O  O   . HOH C .  ? 0.3583 0.4046 0.3438 -0.0692 -0.1943 0.0163  260 HOH A O   
626 O  O   . HOH C .  ? 0.3662 0.4111 0.1443 0.0795  0.0079  0.0380  261 HOH A O   
627 O  O   . HOH C .  ? 0.2355 0.5744 0.2902 -0.0354 0.0596  0.1302  262 HOH A O   
628 O  O   . HOH C .  ? 0.3579 0.4809 0.2663 0.0084  -0.0034 0.0319  263 HOH A O   
629 O  O   . HOH C .  ? 0.2791 0.2226 0.1540 -0.0058 0.0517  0.0389  264 HOH A O   
630 O  O   . HOH C .  ? 0.3799 0.4816 0.2370 0.0985  0.0965  0.0998  265 HOH A O   
631 O  O   . HOH C .  ? 0.4116 0.6872 1.0290 -0.1888 0.1522  0.0729  266 HOH A O   
632 O  O   . HOH C .  ? 0.1640 0.4209 0.3074 -0.0248 0.0651  0.0723  267 HOH A O   
633 O  O   . HOH C .  ? 0.3406 0.3972 0.3804 -0.0671 -0.1197 0.0082  268 HOH A O   
634 O  O   . HOH C .  ? 0.6341 0.5095 0.7364 0.1781  -0.2046 -0.2864 269 HOH A O   
635 O  O   . HOH C .  ? 0.2471 0.3112 0.1880 0.0588  0.0127  -0.0242 270 HOH A O   
636 O  O   . HOH C .  ? 0.2854 0.2317 0.2695 -0.0079 -0.0459 -0.0258 271 HOH A O   
637 O  O   . HOH C .  ? 0.6223 0.3978 0.3766 -0.0848 0.0039  -0.1056 272 HOH A O   
638 O  O   . HOH C .  ? 0.2705 0.3791 0.3476 -0.0138 0.0176  -0.0477 273 HOH A O   
639 O  O   . HOH C .  ? 0.5473 0.4853 0.2323 0.0169  0.1090  -0.0456 274 HOH A O   
640 O  O   . HOH C .  ? 1.0470 0.4079 0.6638 -0.0050 0.0914  0.1875  275 HOH A O   
641 O  O   . HOH C .  ? 0.2923 0.3310 0.3896 0.0179  0.0076  0.0079  276 HOH A O   
642 O  O   . HOH C .  ? 0.6664 0.3864 0.3880 0.1597  -0.0418 0.0356  277 HOH A O   
643 O  O   . HOH C .  ? 0.7130 0.4044 0.3417 -0.2016 -0.1684 0.1650  278 HOH A O   
644 O  O   . HOH C .  ? 0.2227 0.3863 0.2151 0.0186  0.0145  -0.0387 279 HOH A O   
645 O  O   . HOH C .  ? 0.3768 0.4251 0.3407 -0.0959 0.0626  -0.1814 280 HOH A O   
646 O  O   . HOH C .  ? 0.3130 0.6579 0.5329 -0.0255 -0.0147 0.1623  281 HOH A O   
647 O  O   . HOH C .  ? 0.4707 0.5594 0.6066 -0.0915 0.0139  -0.1072 282 HOH A O   
648 O  O   . HOH C .  ? 0.3279 0.4615 0.2561 0.0155  -0.0612 -0.0889 283 HOH A O   
649 O  O   . HOH C .  ? 0.2539 0.3401 0.4689 0.0167  -0.0793 -0.0771 284 HOH A O   
650 O  O   . HOH C .  ? 0.7446 0.5005 0.2949 0.2507  -0.0410 -0.0339 285 HOH A O   
651 O  O   . HOH C .  ? 0.2879 0.3279 0.4857 -0.0468 0.1065  0.0724  286 HOH A O   
652 O  O   . HOH C .  ? 0.3962 0.3652 0.2658 0.0313  0.0102  0.0159  287 HOH A O   
653 O  O   . HOH C .  ? 0.3684 0.7192 0.5871 0.0796  -0.0021 -0.1405 288 HOH A O   
654 O  O   . HOH C .  ? 0.4719 0.5069 0.3856 -0.0609 0.1210  -0.0794 289 HOH A O   
655 O  O   . HOH C .  ? 0.4169 0.5450 0.2726 0.0628  0.0895  -0.0500 290 HOH A O   
656 O  O   . HOH C .  ? 0.8753 0.3478 0.2984 0.0337  -0.1062 -0.1100 291 HOH A O   
657 O  O   . HOH C .  ? 0.4572 0.4714 0.3303 -0.0710 -0.0832 -0.1358 292 HOH A O   
658 O  O   . HOH C .  ? 0.5100 0.4113 0.4691 0.0190  -0.0683 -0.1996 293 HOH A O   
659 O  O   . HOH C .  ? 1.0513 0.4475 0.5909 -0.0283 0.2997  -0.0113 294 HOH A O   
660 O  O   . HOH C .  ? 0.5835 0.8855 0.3468 -0.3114 0.0378  0.1499  295 HOH A O   
661 O  O   . HOH C .  ? 0.3172 0.5281 0.2907 0.0139  0.0718  0.1354  296 HOH A O   
662 O  O   . HOH C .  ? 0.3322 0.6018 0.2525 0.1584  0.0717  0.0816  297 HOH A O   
663 O  O   . HOH C .  ? 0.2906 0.2802 0.2553 -0.0379 -0.0575 -0.0156 298 HOH A O   
664 O  O   . HOH C .  ? 0.3024 0.7714 0.4735 -0.1275 0.0661  0.1258  299 HOH A O   
665 O  O   . HOH C .  ? 0.3636 0.4672 0.3849 0.0162  0.0861  -0.0228 300 HOH A O   
666 O  O   . HOH C .  ? 0.2655 0.4557 0.3009 0.0153  -0.0221 0.0479  301 HOH A O   
667 O  O   . HOH C .  ? 0.4143 1.0689 0.7570 -0.2770 0.0894  0.0041  302 HOH A O   
668 O  O   . HOH C .  ? 0.2312 0.3898 0.2177 0.0057  0.0230  -0.0085 303 HOH A O   
669 O  O   . HOH C .  ? 0.2120 0.3012 0.1834 -0.0566 0.0117  -0.0285 304 HOH A O   
670 O  O   . HOH C .  ? 0.3637 0.3963 0.2915 0.0238  0.0475  0.0006  305 HOH A O   
671 O  O   . HOH C .  ? 0.6033 0.2831 0.3656 -0.0113 0.1501  -0.0189 306 HOH A O   
672 O  O   . HOH C .  ? 0.3585 0.5117 0.3581 -0.0013 0.0144  0.0433  307 HOH A O   
673 O  O   . HOH C .  ? 0.3692 0.4692 0.4505 0.0557  0.0655  0.0973  308 HOH A O   
674 O  O   . HOH C .  ? 1.7942 0.6799 1.6084 0.2984  -0.0781 -0.0143 309 HOH A O   
675 O  O   . HOH C .  ? 0.3530 0.2572 0.2349 0.0152  -0.0827 -0.0303 310 HOH A O   
676 O  O   . HOH C .  ? 0.5148 0.6362 0.7442 0.1668  -0.0357 -0.2390 311 HOH A O   
677 O  O   . HOH C .  ? 0.6443 0.7174 0.2986 0.1303  -0.0363 -0.1155 312 HOH A O   
678 O  O   . HOH C .  ? 0.4907 0.7160 0.4039 0.2863  0.1262  0.1486  313 HOH A O   
679 O  O   . HOH C .  ? 0.3862 0.3468 0.1921 -0.0189 0.0127  -0.0218 314 HOH A O   
680 O  O   . HOH C .  ? 0.2765 0.3601 0.1953 -0.0352 0.0371  -0.0122 315 HOH A O   
681 O  O   . HOH C .  ? 0.4495 0.5487 0.4780 -0.0069 0.0882  -0.1775 316 HOH A O   
682 O  O   . HOH C .  ? 0.3751 0.3364 0.3152 0.0860  0.0621  0.0331  317 HOH A O   
683 O  O   . HOH C .  ? 0.2487 0.3597 0.2160 -0.0428 0.0204  -0.0269 318 HOH A O   
684 O  O   . HOH C .  ? 0.4465 0.2932 0.3967 0.0111  0.0423  -0.0448 319 HOH A O   
685 O  O   . HOH C .  ? 0.2427 0.4373 0.2220 -0.0514 -0.0354 -0.0045 320 HOH A O   
# 
